data_3AO9
# 
_entry.id   3AO9 
# 
_audit_conform.dict_name       mmcif_pdbx.dic 
_audit_conform.dict_version    5.380 
_audit_conform.dict_location   http://mmcif.pdb.org/dictionaries/ascii/mmcif_pdbx.dic 
# 
loop_
_database_2.database_id 
_database_2.database_code 
_database_2.pdbx_database_accession 
_database_2.pdbx_DOI 
PDB   3AO9         pdb_00003ao9 10.2210/pdb3ao9/pdb 
RCSB  RCSB029493   ?            ?                   
WWPDB D_1000029493 ?            ?                   
# 
_pdbx_database_related.db_name        PDB 
_pdbx_database_related.db_id          2DJH 
_pdbx_database_related.details        'The same protein complexed with a substrate.' 
_pdbx_database_related.content_type   unspecified 
# 
_pdbx_database_status.status_code                     REL 
_pdbx_database_status.entry_id                        3AO9 
_pdbx_database_status.recvd_initial_deposition_date   2010-09-22 
_pdbx_database_status.deposit_site                    PDBJ 
_pdbx_database_status.process_site                    PDBJ 
_pdbx_database_status.status_code_sf                  REL 
_pdbx_database_status.status_code_mr                  ? 
_pdbx_database_status.SG_entry                        ? 
_pdbx_database_status.status_code_cs                  ? 
_pdbx_database_status.methods_development_category    ? 
_pdbx_database_status.pdb_format_compatible           Y 
_pdbx_database_status.status_code_nmr_data            ? 
# 
loop_
_audit_author.name 
_audit_author.pdbx_ordinal 
_audit_author.identifier_ORCID 
'Inoue, S.'     1 ? 
'Fushinobu, S.' 2 ? 
'Ogawa, T.'     3 ? 
'Hidaka, M.'    4 ? 
'Masaki, H.'    5 ? 
'Yajima, S.'    6 ? 
# 
_citation.id                        primary 
_citation.title                     
'Identification of the catalytic residues of sequence-specific and histidine-free ribonuclease colicin E5' 
_citation.journal_abbrev            J.Biochem. 
_citation.journal_volume            152 
_citation.page_first                365 
_citation.page_last                 372 
_citation.year                      2012 
_citation.journal_id_ASTM           ? 
_citation.country                   JP 
_citation.journal_id_ISSN           0021-924X 
_citation.journal_id_CSD            ? 
_citation.book_publisher            ? 
_citation.pdbx_database_id_PubMed   22815490 
_citation.pdbx_database_id_DOI      10.1093/jb/mvs077 
# 
loop_
_citation_author.citation_id 
_citation_author.name 
_citation_author.ordinal 
_citation_author.identifier_ORCID 
primary 'Inoue-Ito, S.' 1 ? 
primary 'Yajima, S.'    2 ? 
primary 'Fushinobu, S.' 3 ? 
primary 'Nakamura, S.'  4 ? 
primary 'Ogawa, T.'     5 ? 
primary 'Hidaka, M.'    6 ? 
primary 'Masaki, H.'    7 ? 
# 
_cell.entry_id           3AO9 
_cell.length_a           62.710 
_cell.length_b           62.710 
_cell.length_c           100.510 
_cell.angle_alpha        90.00 
_cell.angle_beta         90.00 
_cell.angle_gamma        120.00 
_cell.Z_PDB              12 
_cell.pdbx_unique_axis   ? 
_cell.length_a_esd       ? 
_cell.length_b_esd       ? 
_cell.length_c_esd       ? 
_cell.angle_alpha_esd    ? 
_cell.angle_beta_esd     ? 
_cell.angle_gamma_esd    ? 
# 
_symmetry.entry_id                         3AO9 
_symmetry.space_group_name_H-M             'P 31 2 1' 
_symmetry.pdbx_full_space_group_name_H-M   ? 
_symmetry.cell_setting                     ? 
_symmetry.Int_Tables_number                152 
_symmetry.space_group_name_Hall            ? 
# 
loop_
_entity.id 
_entity.type 
_entity.src_method 
_entity.pdbx_description 
_entity.formula_weight 
_entity.pdbx_number_of_molecules 
_entity.pdbx_ec 
_entity.pdbx_mutation 
_entity.pdbx_fragment 
_entity.details 
1 polymer     man Colicin-E5    12854.206 2   3.1.-.- ? 'C-terminal ribonuclease domain (CRD)' ? 
2 non-polymer syn 'CADMIUM ION' 112.411   4   ?       ? ?                                      ? 
3 water       nat water         18.015    114 ?       ? ?                                      ? 
# 
_entity_poly.entity_id                      1 
_entity_poly.type                           'polypeptide(L)' 
_entity_poly.nstd_linkage                   no 
_entity_poly.nstd_monomer                   no 
_entity_poly.pdbx_seq_one_letter_code       
;MAEGKLNDELAKNKGKIPGLKIDQKIRGQMPERGWTEDDIKNTVSNGATGTSFDKRSPKKTPPDYLGRNDPATVYGSPGK
YVVVNDRTGEVTQISDKTDPGWVDDSRIQWGNKNDQ
;
_entity_poly.pdbx_seq_one_letter_code_can   
;MAEGKLNDELAKNKGKIPGLKIDQKIRGQMPERGWTEDDIKNTVSNGATGTSFDKRSPKKTPPDYLGRNDPATVYGSPGK
YVVVNDRTGEVTQISDKTDPGWVDDSRIQWGNKNDQ
;
_entity_poly.pdbx_strand_id                 A,B 
_entity_poly.pdbx_target_identifier         ? 
# 
loop_
_entity_poly_seq.entity_id 
_entity_poly_seq.num 
_entity_poly_seq.mon_id 
_entity_poly_seq.hetero 
1 1   MET n 
1 2   ALA n 
1 3   GLU n 
1 4   GLY n 
1 5   LYS n 
1 6   LEU n 
1 7   ASN n 
1 8   ASP n 
1 9   GLU n 
1 10  LEU n 
1 11  ALA n 
1 12  LYS n 
1 13  ASN n 
1 14  LYS n 
1 15  GLY n 
1 16  LYS n 
1 17  ILE n 
1 18  PRO n 
1 19  GLY n 
1 20  LEU n 
1 21  LYS n 
1 22  ILE n 
1 23  ASP n 
1 24  GLN n 
1 25  LYS n 
1 26  ILE n 
1 27  ARG n 
1 28  GLY n 
1 29  GLN n 
1 30  MET n 
1 31  PRO n 
1 32  GLU n 
1 33  ARG n 
1 34  GLY n 
1 35  TRP n 
1 36  THR n 
1 37  GLU n 
1 38  ASP n 
1 39  ASP n 
1 40  ILE n 
1 41  LYS n 
1 42  ASN n 
1 43  THR n 
1 44  VAL n 
1 45  SER n 
1 46  ASN n 
1 47  GLY n 
1 48  ALA n 
1 49  THR n 
1 50  GLY n 
1 51  THR n 
1 52  SER n 
1 53  PHE n 
1 54  ASP n 
1 55  LYS n 
1 56  ARG n 
1 57  SER n 
1 58  PRO n 
1 59  LYS n 
1 60  LYS n 
1 61  THR n 
1 62  PRO n 
1 63  PRO n 
1 64  ASP n 
1 65  TYR n 
1 66  LEU n 
1 67  GLY n 
1 68  ARG n 
1 69  ASN n 
1 70  ASP n 
1 71  PRO n 
1 72  ALA n 
1 73  THR n 
1 74  VAL n 
1 75  TYR n 
1 76  GLY n 
1 77  SER n 
1 78  PRO n 
1 79  GLY n 
1 80  LYS n 
1 81  TYR n 
1 82  VAL n 
1 83  VAL n 
1 84  VAL n 
1 85  ASN n 
1 86  ASP n 
1 87  ARG n 
1 88  THR n 
1 89  GLY n 
1 90  GLU n 
1 91  VAL n 
1 92  THR n 
1 93  GLN n 
1 94  ILE n 
1 95  SER n 
1 96  ASP n 
1 97  LYS n 
1 98  THR n 
1 99  ASP n 
1 100 PRO n 
1 101 GLY n 
1 102 TRP n 
1 103 VAL n 
1 104 ASP n 
1 105 ASP n 
1 106 SER n 
1 107 ARG n 
1 108 ILE n 
1 109 GLN n 
1 110 TRP n 
1 111 GLY n 
1 112 ASN n 
1 113 LYS n 
1 114 ASN n 
1 115 ASP n 
1 116 GLN n 
# 
_entity_src_gen.entity_id                          1 
_entity_src_gen.pdbx_src_id                        1 
_entity_src_gen.pdbx_alt_source_flag               sample 
_entity_src_gen.pdbx_seq_type                      ? 
_entity_src_gen.pdbx_beg_seq_num                   ? 
_entity_src_gen.pdbx_end_seq_num                   ? 
_entity_src_gen.gene_src_common_name               ? 
_entity_src_gen.gene_src_genus                     ? 
_entity_src_gen.pdbx_gene_src_gene                 col 
_entity_src_gen.gene_src_species                   ? 
_entity_src_gen.gene_src_strain                    ? 
_entity_src_gen.gene_src_tissue                    ? 
_entity_src_gen.gene_src_tissue_fraction           ? 
_entity_src_gen.gene_src_details                   ? 
_entity_src_gen.pdbx_gene_src_fragment             ? 
_entity_src_gen.pdbx_gene_src_scientific_name      'Escherichia coli' 
_entity_src_gen.pdbx_gene_src_ncbi_taxonomy_id     562 
_entity_src_gen.pdbx_gene_src_variant              ? 
_entity_src_gen.pdbx_gene_src_cell_line            ? 
_entity_src_gen.pdbx_gene_src_atcc                 ? 
_entity_src_gen.pdbx_gene_src_organ                ? 
_entity_src_gen.pdbx_gene_src_organelle            ? 
_entity_src_gen.pdbx_gene_src_cell                 ? 
_entity_src_gen.pdbx_gene_src_cellular_location    ? 
_entity_src_gen.host_org_common_name               ? 
_entity_src_gen.pdbx_host_org_scientific_name      'Escherichia coli' 
_entity_src_gen.pdbx_host_org_ncbi_taxonomy_id     562 
_entity_src_gen.host_org_genus                     ? 
_entity_src_gen.pdbx_host_org_gene                 ? 
_entity_src_gen.pdbx_host_org_organ                ? 
_entity_src_gen.host_org_species                   ? 
_entity_src_gen.pdbx_host_org_tissue               ? 
_entity_src_gen.pdbx_host_org_tissue_fraction      ? 
_entity_src_gen.pdbx_host_org_strain               ? 
_entity_src_gen.pdbx_host_org_variant              ? 
_entity_src_gen.pdbx_host_org_cell_line            ? 
_entity_src_gen.pdbx_host_org_atcc                 ? 
_entity_src_gen.pdbx_host_org_culture_collection   ? 
_entity_src_gen.pdbx_host_org_cell                 ? 
_entity_src_gen.pdbx_host_org_organelle            ? 
_entity_src_gen.pdbx_host_org_cellular_location    ? 
_entity_src_gen.pdbx_host_org_vector_type          plasmid 
_entity_src_gen.pdbx_host_org_vector               ? 
_entity_src_gen.host_org_details                   ? 
_entity_src_gen.expression_system_id               ? 
_entity_src_gen.plasmid_name                       ? 
_entity_src_gen.plasmid_details                    ? 
_entity_src_gen.pdbx_description                   ? 
# 
_struct_ref.id                         1 
_struct_ref.db_name                    UNP 
_struct_ref.db_code                    CEA5_ECOLX 
_struct_ref.pdbx_db_accession          P18000 
_struct_ref.entity_id                  1 
_struct_ref.pdbx_seq_one_letter_code   
;AEGKLNDELAKNKGKIPGLKIDQKIRGQMPERGWTEDDIKNTVSNGATGTSFDKRSPKKTPPDYLGRNDPATVYGSPGKY
VVVNDRTGEVTQISDKTDPGWVDDSRIQWGNKNDQ
;
_struct_ref.pdbx_align_begin           66 
_struct_ref.pdbx_db_isoform            ? 
# 
loop_
_struct_ref_seq.align_id 
_struct_ref_seq.ref_id 
_struct_ref_seq.pdbx_PDB_id_code 
_struct_ref_seq.pdbx_strand_id 
_struct_ref_seq.seq_align_beg 
_struct_ref_seq.pdbx_seq_align_beg_ins_code 
_struct_ref_seq.seq_align_end 
_struct_ref_seq.pdbx_seq_align_end_ins_code 
_struct_ref_seq.pdbx_db_accession 
_struct_ref_seq.db_align_beg 
_struct_ref_seq.pdbx_db_align_beg_ins_code 
_struct_ref_seq.db_align_end 
_struct_ref_seq.pdbx_db_align_end_ins_code 
_struct_ref_seq.pdbx_auth_seq_align_beg 
_struct_ref_seq.pdbx_auth_seq_align_end 
1 1 3AO9 A 2 ? 116 ? P18000 66 ? 180 ? 2 116 
2 1 3AO9 B 2 ? 116 ? P18000 66 ? 180 ? 2 116 
# 
loop_
_struct_ref_seq_dif.align_id 
_struct_ref_seq_dif.pdbx_pdb_id_code 
_struct_ref_seq_dif.mon_id 
_struct_ref_seq_dif.pdbx_pdb_strand_id 
_struct_ref_seq_dif.seq_num 
_struct_ref_seq_dif.pdbx_pdb_ins_code 
_struct_ref_seq_dif.pdbx_seq_db_name 
_struct_ref_seq_dif.pdbx_seq_db_accession_code 
_struct_ref_seq_dif.db_mon_id 
_struct_ref_seq_dif.pdbx_seq_db_seq_num 
_struct_ref_seq_dif.details 
_struct_ref_seq_dif.pdbx_auth_seq_num 
_struct_ref_seq_dif.pdbx_ordinal 
1 3AO9 MET A 1 ? UNP P18000 ? ? 'expression tag' 1 1 
2 3AO9 MET B 1 ? UNP P18000 ? ? 'expression tag' 1 2 
# 
loop_
_chem_comp.id 
_chem_comp.type 
_chem_comp.mon_nstd_flag 
_chem_comp.name 
_chem_comp.pdbx_synonyms 
_chem_comp.formula 
_chem_comp.formula_weight 
ALA 'L-peptide linking' y ALANINE         ? 'C3 H7 N O2'     89.093  
ARG 'L-peptide linking' y ARGININE        ? 'C6 H15 N4 O2 1' 175.209 
ASN 'L-peptide linking' y ASPARAGINE      ? 'C4 H8 N2 O3'    132.118 
ASP 'L-peptide linking' y 'ASPARTIC ACID' ? 'C4 H7 N O4'     133.103 
CD  non-polymer         . 'CADMIUM ION'   ? 'Cd 2'           112.411 
GLN 'L-peptide linking' y GLUTAMINE       ? 'C5 H10 N2 O3'   146.144 
GLU 'L-peptide linking' y 'GLUTAMIC ACID' ? 'C5 H9 N O4'     147.129 
GLY 'peptide linking'   y GLYCINE         ? 'C2 H5 N O2'     75.067  
HOH non-polymer         . WATER           ? 'H2 O'           18.015  
ILE 'L-peptide linking' y ISOLEUCINE      ? 'C6 H13 N O2'    131.173 
LEU 'L-peptide linking' y LEUCINE         ? 'C6 H13 N O2'    131.173 
LYS 'L-peptide linking' y LYSINE          ? 'C6 H15 N2 O2 1' 147.195 
MET 'L-peptide linking' y METHIONINE      ? 'C5 H11 N O2 S'  149.211 
PHE 'L-peptide linking' y PHENYLALANINE   ? 'C9 H11 N O2'    165.189 
PRO 'L-peptide linking' y PROLINE         ? 'C5 H9 N O2'     115.130 
SER 'L-peptide linking' y SERINE          ? 'C3 H7 N O3'     105.093 
THR 'L-peptide linking' y THREONINE       ? 'C4 H9 N O3'     119.119 
TRP 'L-peptide linking' y TRYPTOPHAN      ? 'C11 H12 N2 O2'  204.225 
TYR 'L-peptide linking' y TYROSINE        ? 'C9 H11 N O3'    181.189 
VAL 'L-peptide linking' y VALINE          ? 'C5 H11 N O2'    117.146 
# 
_exptl.entry_id          3AO9 
_exptl.method            'X-RAY DIFFRACTION' 
_exptl.crystals_number   1 
# 
_exptl_crystal.id                    1 
_exptl_crystal.density_meas          ? 
_exptl_crystal.density_Matthews      2.22 
_exptl_crystal.density_percent_sol   44.57 
_exptl_crystal.description           ? 
_exptl_crystal.F_000                 ? 
_exptl_crystal.preparation           ? 
# 
_exptl_crystal_grow.crystal_id      1 
_exptl_crystal_grow.method          'VAPOR DIFFUSION, HANGING DROP' 
_exptl_crystal_grow.temp            278 
_exptl_crystal_grow.temp_details    ? 
_exptl_crystal_grow.pH              6.5 
_exptl_crystal_grow.pdbx_details    
'50mM MES, 0.1M cadmium chloride, 25% PEG MME, 15% glycerol, pH 6.5, VAPOR DIFFUSION, HANGING DROP, temperature 278K' 
_exptl_crystal_grow.pdbx_pH_range   . 
# 
_diffrn.id                     1 
_diffrn.ambient_temp           100 
_diffrn.ambient_temp_details   ? 
_diffrn.crystal_id             1 
# 
_diffrn_detector.diffrn_id              1 
_diffrn_detector.detector               CCD 
_diffrn_detector.type                   'ADSC QUANTUM 210' 
_diffrn_detector.pdbx_collection_date   2006-11-09 
_diffrn_detector.details                ? 
# 
_diffrn_radiation.diffrn_id                        1 
_diffrn_radiation.wavelength_id                    1 
_diffrn_radiation.pdbx_monochromatic_or_laue_m_l   M 
_diffrn_radiation.monochromator                    'Numerical link type Si(111) double crystal monochromator' 
_diffrn_radiation.pdbx_diffrn_protocol             'SINGLE WAVELENGTH' 
_diffrn_radiation.pdbx_scattering_type             x-ray 
# 
_diffrn_radiation_wavelength.id           1 
_diffrn_radiation_wavelength.wavelength   1.0000 
_diffrn_radiation_wavelength.wt           1.0 
# 
_diffrn_source.diffrn_id                   1 
_diffrn_source.source                      SYNCHROTRON 
_diffrn_source.type                        'PHOTON FACTORY BEAMLINE AR-NW12A' 
_diffrn_source.pdbx_synchrotron_site       'Photon Factory' 
_diffrn_source.pdbx_synchrotron_beamline   AR-NW12A 
_diffrn_source.pdbx_wavelength             ? 
_diffrn_source.pdbx_wavelength_list        1.0000 
# 
_reflns.entry_id                     3AO9 
_reflns.observed_criterion_sigma_I   0 
_reflns.observed_criterion_sigma_F   0 
_reflns.d_resolution_low             50 
_reflns.d_resolution_high            2.1 
_reflns.number_obs                   13723 
_reflns.number_all                   13918 
_reflns.percent_possible_obs         98.6 
_reflns.pdbx_Rmerge_I_obs            ? 
_reflns.pdbx_Rsym_value              ? 
_reflns.pdbx_netI_over_sigmaI        ? 
_reflns.B_iso_Wilson_estimate        ? 
_reflns.pdbx_redundancy              ? 
_reflns.R_free_details               ? 
_reflns.limit_h_max                  ? 
_reflns.limit_h_min                  ? 
_reflns.limit_k_max                  ? 
_reflns.limit_k_min                  ? 
_reflns.limit_l_max                  ? 
_reflns.limit_l_min                  ? 
_reflns.observed_criterion_F_max     ? 
_reflns.observed_criterion_F_min     ? 
_reflns.pdbx_chi_squared             ? 
_reflns.pdbx_scaling_rejects         ? 
_reflns.pdbx_ordinal                 1 
_reflns.pdbx_diffrn_id               1 
# 
_reflns_shell.d_res_high                  2.1 
_reflns_shell.d_res_low                   2.18 
_reflns_shell.percent_possible_all        99.1 
_reflns_shell.Rmerge_I_obs                ? 
_reflns_shell.pdbx_Rsym_value             ? 
_reflns_shell.meanI_over_sigI_obs         ? 
_reflns_shell.pdbx_redundancy             ? 
_reflns_shell.percent_possible_obs        ? 
_reflns_shell.number_unique_all           ? 
_reflns_shell.number_measured_all         ? 
_reflns_shell.number_measured_obs         ? 
_reflns_shell.number_unique_obs           ? 
_reflns_shell.pdbx_chi_squared            ? 
_reflns_shell.pdbx_rejects                ? 
_reflns_shell.pdbx_netI_over_sigmaI_obs   ? 
_reflns_shell.number_possible             ? 
_reflns_shell.Rmerge_F_all                ? 
_reflns_shell.Rmerge_F_obs                ? 
_reflns_shell.Rmerge_I_all                ? 
_reflns_shell.meanI_over_sigI_all         ? 
_reflns_shell.pdbx_Rrim_I_all             ? 
_reflns_shell.pdbx_Rpim_I_all             ? 
_reflns_shell.pdbx_ordinal                1 
_reflns_shell.pdbx_diffrn_id              1 
# 
_refine.entry_id                                 3AO9 
_refine.ls_number_reflns_obs                     13006 
_refine.ls_number_reflns_all                     13188 
_refine.pdbx_ls_sigma_I                          ? 
_refine.pdbx_ls_sigma_F                          ? 
_refine.pdbx_data_cutoff_high_absF               ? 
_refine.pdbx_data_cutoff_low_absF                ? 
_refine.pdbx_data_cutoff_high_rms_absF           ? 
_refine.ls_d_res_low                             47.78 
_refine.ls_d_res_high                            2.10 
_refine.ls_percent_reflns_obs                    98.62 
_refine.ls_R_factor_obs                          0.22359 
_refine.ls_R_factor_all                          ? 
_refine.ls_R_factor_R_work                       0.22181 
_refine.ls_R_factor_R_free                       0.25866 
_refine.ls_R_factor_R_free_error                 ? 
_refine.ls_R_factor_R_free_error_details         ? 
_refine.ls_percent_reflns_R_free                 5.0 
_refine.ls_number_reflns_R_free                  685 
_refine.ls_number_parameters                     ? 
_refine.ls_number_restraints                     ? 
_refine.occupancy_min                            ? 
_refine.occupancy_max                            ? 
_refine.correlation_coeff_Fo_to_Fc               0.919 
_refine.correlation_coeff_Fo_to_Fc_free          0.898 
_refine.B_iso_mean                               32.563 
_refine.aniso_B[1][1]                            1.02 
_refine.aniso_B[2][2]                            1.02 
_refine.aniso_B[3][3]                            -1.53 
_refine.aniso_B[1][2]                            0.51 
_refine.aniso_B[1][3]                            0.00 
_refine.aniso_B[2][3]                            0.00 
_refine.solvent_model_details                    MASK 
_refine.solvent_model_param_ksol                 ? 
_refine.solvent_model_param_bsol                 ? 
_refine.pdbx_solvent_vdw_probe_radii             1.40 
_refine.pdbx_solvent_ion_probe_radii             0.80 
_refine.pdbx_solvent_shrinkage_radii             0.80 
_refine.pdbx_ls_cross_valid_method               THROUGHOUT 
_refine.details                                  'HYDROGENS HAVE BEEN ADDED IN THE RIDING POSITIONS' 
_refine.pdbx_starting_model                      2DJH 
_refine.pdbx_method_to_determine_struct          'MOLECULAR REPLACEMENT' 
_refine.pdbx_isotropic_thermal_model             ? 
_refine.pdbx_stereochemistry_target_values       'MAXIMUM LIKELIHOOD' 
_refine.pdbx_stereochem_target_val_spec_case     ? 
_refine.pdbx_R_Free_selection_details            RANDOM 
_refine.pdbx_overall_ESU_R_Free                  0.191 
_refine.overall_SU_ML                            ? 
_refine.overall_SU_B                             ? 
_refine.overall_SU_R_Cruickshank_DPI             ? 
_refine.ls_redundancy_reflns_obs                 ? 
_refine.B_iso_min                                ? 
_refine.B_iso_max                                ? 
_refine.overall_SU_R_free                        ? 
_refine.ls_wR_factor_R_free                      ? 
_refine.ls_wR_factor_R_work                      ? 
_refine.overall_FOM_free_R_set                   ? 
_refine.overall_FOM_work_R_set                   ? 
_refine.pdbx_refine_id                           'X-RAY DIFFRACTION' 
_refine.pdbx_overall_phase_error                 ? 
_refine.pdbx_overall_ESU_R                       ? 
_refine.pdbx_diffrn_id                           1 
_refine.pdbx_TLS_residual_ADP_flag               ? 
_refine.pdbx_overall_SU_R_free_Cruickshank_DPI   ? 
_refine.pdbx_overall_SU_R_Blow_DPI               ? 
_refine.pdbx_overall_SU_R_free_Blow_DPI          ? 
# 
_refine_hist.pdbx_refine_id                   'X-RAY DIFFRACTION' 
_refine_hist.cycle_id                         LAST 
_refine_hist.pdbx_number_atoms_protein        1429 
_refine_hist.pdbx_number_atoms_nucleic_acid   0 
_refine_hist.pdbx_number_atoms_ligand         4 
_refine_hist.number_atoms_solvent             114 
_refine_hist.number_atoms_total               1547 
_refine_hist.d_res_high                       2.10 
_refine_hist.d_res_low                        47.78 
# 
loop_
_refine_ls_restr.type 
_refine_ls_restr.dev_ideal 
_refine_ls_restr.dev_ideal_target 
_refine_ls_restr.weight 
_refine_ls_restr.number 
_refine_ls_restr.pdbx_refine_id 
_refine_ls_restr.pdbx_restraint_function 
r_bond_refined_d             0.022  0.022  ? 1459 'X-RAY DIFFRACTION' ? 
r_bond_other_d               ?      ?      ? ?    'X-RAY DIFFRACTION' ? 
r_angle_refined_deg          1.957  1.948  ? 1976 'X-RAY DIFFRACTION' ? 
r_angle_other_deg            ?      ?      ? ?    'X-RAY DIFFRACTION' ? 
r_dihedral_angle_1_deg       6.420  5.000  ? 180  'X-RAY DIFFRACTION' ? 
r_dihedral_angle_2_deg       36.870 24.789 ? 71   'X-RAY DIFFRACTION' ? 
r_dihedral_angle_3_deg       17.187 15.000 ? 250  'X-RAY DIFFRACTION' ? 
r_dihedral_angle_4_deg       14.407 15.000 ? 12   'X-RAY DIFFRACTION' ? 
r_chiral_restr               0.195  0.200  ? 207  'X-RAY DIFFRACTION' ? 
r_gen_planes_refined         0.009  0.021  ? 1134 'X-RAY DIFFRACTION' ? 
r_gen_planes_other           ?      ?      ? ?    'X-RAY DIFFRACTION' ? 
r_nbd_refined                ?      ?      ? ?    'X-RAY DIFFRACTION' ? 
r_nbd_other                  ?      ?      ? ?    'X-RAY DIFFRACTION' ? 
r_nbtor_refined              ?      ?      ? ?    'X-RAY DIFFRACTION' ? 
r_nbtor_other                ?      ?      ? ?    'X-RAY DIFFRACTION' ? 
r_xyhbond_nbd_refined        ?      ?      ? ?    'X-RAY DIFFRACTION' ? 
r_xyhbond_nbd_other          ?      ?      ? ?    'X-RAY DIFFRACTION' ? 
r_metal_ion_refined          ?      ?      ? ?    'X-RAY DIFFRACTION' ? 
r_metal_ion_other            ?      ?      ? ?    'X-RAY DIFFRACTION' ? 
r_symmetry_vdw_refined       ?      ?      ? ?    'X-RAY DIFFRACTION' ? 
r_symmetry_vdw_other         ?      ?      ? ?    'X-RAY DIFFRACTION' ? 
r_symmetry_hbond_refined     ?      ?      ? ?    'X-RAY DIFFRACTION' ? 
r_symmetry_hbond_other       ?      ?      ? ?    'X-RAY DIFFRACTION' ? 
r_symmetry_metal_ion_refined ?      ?      ? ?    'X-RAY DIFFRACTION' ? 
r_symmetry_metal_ion_other   ?      ?      ? ?    'X-RAY DIFFRACTION' ? 
r_mcbond_it                  1.295  1.500  ? 905  'X-RAY DIFFRACTION' ? 
r_mcbond_other               ?      ?      ? ?    'X-RAY DIFFRACTION' ? 
r_mcangle_it                 2.295  2.000  ? 1470 'X-RAY DIFFRACTION' ? 
r_scbond_it                  3.108  3.000  ? 554  'X-RAY DIFFRACTION' ? 
r_scangle_it                 4.944  4.500  ? 506  'X-RAY DIFFRACTION' ? 
r_rigid_bond_restr           ?      ?      ? ?    'X-RAY DIFFRACTION' ? 
r_sphericity_free            ?      ?      ? ?    'X-RAY DIFFRACTION' ? 
r_sphericity_bonded          ?      ?      ? ?    'X-RAY DIFFRACTION' ? 
# 
_refine_ls_shell.pdbx_refine_id                   'X-RAY DIFFRACTION' 
_refine_ls_shell.pdbx_total_number_of_bins_used   20 
_refine_ls_shell.d_res_high                       2.099 
_refine_ls_shell.d_res_low                        2.153 
_refine_ls_shell.number_reflns_R_work             952 
_refine_ls_shell.R_factor_R_work                  0.207 
_refine_ls_shell.percent_reflns_obs               99.01 
_refine_ls_shell.R_factor_R_free                  0.258 
_refine_ls_shell.R_factor_R_free_error            ? 
_refine_ls_shell.percent_reflns_R_free            ? 
_refine_ls_shell.number_reflns_R_free             49 
_refine_ls_shell.number_reflns_all                ? 
_refine_ls_shell.R_factor_all                     ? 
_refine_ls_shell.number_reflns_obs                ? 
_refine_ls_shell.redundancy_reflns_obs            ? 
# 
_struct.entry_id                  3AO9 
_struct.title                     'Crystal structure of the C-terminal domain of sequence-specific ribonuclease' 
_struct.pdbx_model_details        ? 
_struct.pdbx_CASP_flag            ? 
_struct.pdbx_model_type_details   ? 
# 
_struct_keywords.entry_id        3AO9 
_struct_keywords.pdbx_keywords   HYDROLASE 
_struct_keywords.text            'Ribonuclease, HYDROLASE' 
# 
loop_
_struct_asym.id 
_struct_asym.pdbx_blank_PDB_chainid_flag 
_struct_asym.pdbx_modified 
_struct_asym.entity_id 
_struct_asym.details 
A N N 1 ? 
B N N 1 ? 
C N N 2 ? 
D N N 2 ? 
E N N 2 ? 
F N N 2 ? 
G N N 3 ? 
H N N 3 ? 
# 
loop_
_struct_conf.conf_type_id 
_struct_conf.id 
_struct_conf.pdbx_PDB_helix_id 
_struct_conf.beg_label_comp_id 
_struct_conf.beg_label_asym_id 
_struct_conf.beg_label_seq_id 
_struct_conf.pdbx_beg_PDB_ins_code 
_struct_conf.end_label_comp_id 
_struct_conf.end_label_asym_id 
_struct_conf.end_label_seq_id 
_struct_conf.pdbx_end_PDB_ins_code 
_struct_conf.beg_auth_comp_id 
_struct_conf.beg_auth_asym_id 
_struct_conf.beg_auth_seq_id 
_struct_conf.end_auth_comp_id 
_struct_conf.end_auth_asym_id 
_struct_conf.end_auth_seq_id 
_struct_conf.pdbx_PDB_helix_class 
_struct_conf.details 
_struct_conf.pdbx_PDB_helix_length 
HELX_P HELX_P1 1 ASP A 23 ? MET A 30 ? ASP A 23 MET A 30 1 ? 8  
HELX_P HELX_P2 2 PRO A 31 ? GLY A 34 ? PRO A 31 GLY A 34 5 ? 4  
HELX_P HELX_P3 3 THR A 36 ? GLY A 47 ? THR A 36 GLY A 47 1 ? 12 
HELX_P HELX_P4 4 SER A 57 ? THR A 61 ? SER A 57 THR A 61 5 ? 5  
HELX_P HELX_P5 5 ASP B 23 ? ARG B 33 ? ASP B 23 ARG B 33 1 ? 11 
HELX_P HELX_P6 6 THR B 36 ? ASN B 46 ? THR B 36 ASN B 46 1 ? 11 
# 
_struct_conf_type.id          HELX_P 
_struct_conf_type.criteria    ? 
_struct_conf_type.reference   ? 
# 
loop_
_struct_conn.id 
_struct_conn.conn_type_id 
_struct_conn.pdbx_leaving_atom_flag 
_struct_conn.pdbx_PDB_id 
_struct_conn.ptnr1_label_asym_id 
_struct_conn.ptnr1_label_comp_id 
_struct_conn.ptnr1_label_seq_id 
_struct_conn.ptnr1_label_atom_id 
_struct_conn.pdbx_ptnr1_label_alt_id 
_struct_conn.pdbx_ptnr1_PDB_ins_code 
_struct_conn.pdbx_ptnr1_standard_comp_id 
_struct_conn.ptnr1_symmetry 
_struct_conn.ptnr2_label_asym_id 
_struct_conn.ptnr2_label_comp_id 
_struct_conn.ptnr2_label_seq_id 
_struct_conn.ptnr2_label_atom_id 
_struct_conn.pdbx_ptnr2_label_alt_id 
_struct_conn.pdbx_ptnr2_PDB_ins_code 
_struct_conn.ptnr1_auth_asym_id 
_struct_conn.ptnr1_auth_comp_id 
_struct_conn.ptnr1_auth_seq_id 
_struct_conn.ptnr2_auth_asym_id 
_struct_conn.ptnr2_auth_comp_id 
_struct_conn.ptnr2_auth_seq_id 
_struct_conn.ptnr2_symmetry 
_struct_conn.pdbx_ptnr3_label_atom_id 
_struct_conn.pdbx_ptnr3_label_seq_id 
_struct_conn.pdbx_ptnr3_label_comp_id 
_struct_conn.pdbx_ptnr3_label_asym_id 
_struct_conn.pdbx_ptnr3_label_alt_id 
_struct_conn.pdbx_ptnr3_PDB_ins_code 
_struct_conn.details 
_struct_conn.pdbx_dist_value 
_struct_conn.pdbx_value_order 
_struct_conn.pdbx_role 
metalc1  metalc ? ? A GLU 32 OE2 ? ? ? 1_555 C CD  .  CD ? ? A GLU 32  A CD  117 1_555 ? ? ? ? ? ? ? 2.233 ? ? 
metalc2  metalc ? ? A GLU 32 OE1 ? ? ? 1_555 C CD  .  CD ? ? A GLU 32  A CD  117 1_555 ? ? ? ? ? ? ? 2.383 ? ? 
metalc3  metalc ? ? A GLU 32 O   ? ? ? 1_555 F CD  .  CD ? ? A GLU 32  B CD  117 1_555 ? ? ? ? ? ? ? 2.567 ? ? 
metalc4  metalc ? ? C CD  .  CD  ? ? ? 1_555 G HOH .  O  ? ? A CD  117 A HOH 180 1_555 ? ? ? ? ? ? ? 2.442 ? ? 
metalc5  metalc ? ? C CD  .  CD  ? ? ? 1_555 B GLU 32 O  ? ? A CD  117 B GLU 32  1_555 ? ? ? ? ? ? ? 2.322 ? ? 
metalc6  metalc ? ? C CD  .  CD  ? ? ? 1_555 H HOH .  O  ? ? A CD  117 B HOH 122 1_555 ? ? ? ? ? ? ? 2.475 ? ? 
metalc7  metalc ? ? C CD  .  CD  ? ? ? 1_555 H HOH .  O  ? ? A CD  117 B HOH 143 1_555 ? ? ? ? ? ? ? 2.319 ? ? 
metalc8  metalc ? ? D CD  .  CD  ? ? ? 1_555 G HOH .  O  ? ? A CD  118 A HOH 173 1_555 ? ? ? ? ? ? ? 2.677 ? ? 
metalc9  metalc ? ? D CD  .  CD  ? ? ? 1_555 G HOH .  O  ? ? A CD  118 A HOH 174 1_555 ? ? ? ? ? ? ? 2.500 ? ? 
metalc10 metalc ? ? D CD  .  CD  ? ? ? 1_555 H HOH .  O  ? ? A CD  118 B HOH 170 1_555 ? ? ? ? ? ? ? 2.645 ? ? 
metalc11 metalc ? ? E CD  .  CD  ? ? ? 1_555 G HOH .  O  ? ? A CD  119 A HOH 138 1_555 ? ? ? ? ? ? ? 2.667 ? ? 
metalc12 metalc ? ? G HOH .  O   ? ? ? 1_555 F CD  .  CD ? ? A HOH 174 B CD  117 1_555 ? ? ? ? ? ? ? 2.580 ? ? 
metalc13 metalc ? ? B GLU 32 OE2 ? ? ? 1_555 F CD  .  CD ? ? B GLU 32  B CD  117 1_555 ? ? ? ? ? ? ? 2.216 ? ? 
metalc14 metalc ? ? B GLU 32 OE1 ? ? ? 1_555 F CD  .  CD ? ? B GLU 32  B CD  117 1_555 ? ? ? ? ? ? ? 2.428 ? ? 
# 
_struct_conn_type.id          metalc 
_struct_conn_type.criteria    ? 
_struct_conn_type.reference   ? 
# 
loop_
_struct_mon_prot_cis.pdbx_id 
_struct_mon_prot_cis.label_comp_id 
_struct_mon_prot_cis.label_seq_id 
_struct_mon_prot_cis.label_asym_id 
_struct_mon_prot_cis.label_alt_id 
_struct_mon_prot_cis.pdbx_PDB_ins_code 
_struct_mon_prot_cis.auth_comp_id 
_struct_mon_prot_cis.auth_seq_id 
_struct_mon_prot_cis.auth_asym_id 
_struct_mon_prot_cis.pdbx_label_comp_id_2 
_struct_mon_prot_cis.pdbx_label_seq_id_2 
_struct_mon_prot_cis.pdbx_label_asym_id_2 
_struct_mon_prot_cis.pdbx_PDB_ins_code_2 
_struct_mon_prot_cis.pdbx_auth_comp_id_2 
_struct_mon_prot_cis.pdbx_auth_seq_id_2 
_struct_mon_prot_cis.pdbx_auth_asym_id_2 
_struct_mon_prot_cis.pdbx_PDB_model_num 
_struct_mon_prot_cis.pdbx_omega_angle 
1 ILE 17 A . ? ILE 17 A PRO 18 A ? PRO 18 A 1 5.66   
2 GLY 19 A . ? GLY 19 A LEU 20 A ? LEU 20 A 1 -21.17 
3 PRO 62 A . ? PRO 62 A PRO 63 A ? PRO 63 A 1 6.70   
# 
loop_
_struct_sheet.id 
_struct_sheet.type 
_struct_sheet.number_strands 
_struct_sheet.details 
A ? 5 ? 
B ? 5 ? 
# 
loop_
_struct_sheet_order.sheet_id 
_struct_sheet_order.range_id_1 
_struct_sheet_order.range_id_2 
_struct_sheet_order.offset 
_struct_sheet_order.sense 
A 1 2 ? anti-parallel 
A 2 3 ? anti-parallel 
A 3 4 ? anti-parallel 
A 4 5 ? anti-parallel 
B 1 2 ? anti-parallel 
B 2 3 ? anti-parallel 
B 3 4 ? anti-parallel 
B 4 5 ? anti-parallel 
# 
loop_
_struct_sheet_range.sheet_id 
_struct_sheet_range.id 
_struct_sheet_range.beg_label_comp_id 
_struct_sheet_range.beg_label_asym_id 
_struct_sheet_range.beg_label_seq_id 
_struct_sheet_range.pdbx_beg_PDB_ins_code 
_struct_sheet_range.end_label_comp_id 
_struct_sheet_range.end_label_asym_id 
_struct_sheet_range.end_label_seq_id 
_struct_sheet_range.pdbx_end_PDB_ins_code 
_struct_sheet_range.beg_auth_comp_id 
_struct_sheet_range.beg_auth_asym_id 
_struct_sheet_range.beg_auth_seq_id 
_struct_sheet_range.end_auth_comp_id 
_struct_sheet_range.end_auth_asym_id 
_struct_sheet_range.end_auth_seq_id 
A 1 VAL A 91  ? ILE A 94  ? VAL A 91  ILE A 94  
A 2 LYS A 80  ? ASN A 85  ? LYS A 80  ASN A 85  
A 3 ARG A 68  ? SER A 77  ? ARG A 68  SER A 77  
A 4 ALA A 48  ? ARG A 56  ? ALA A 48  ARG A 56  
A 5 GLN A 109 ? TRP A 110 ? GLN A 109 TRP A 110 
B 1 VAL B 91  ? ILE B 94  ? VAL B 91  ILE B 94  
B 2 LYS B 80  ? ASN B 85  ? LYS B 80  ASN B 85  
B 3 ASN B 69  ? SER B 77  ? ASN B 69  SER B 77  
B 4 GLY B 50  ? LYS B 55  ? GLY B 50  LYS B 55  
B 5 GLN B 109 ? TRP B 110 ? GLN B 109 TRP B 110 
# 
loop_
_pdbx_struct_sheet_hbond.sheet_id 
_pdbx_struct_sheet_hbond.range_id_1 
_pdbx_struct_sheet_hbond.range_id_2 
_pdbx_struct_sheet_hbond.range_1_label_atom_id 
_pdbx_struct_sheet_hbond.range_1_label_comp_id 
_pdbx_struct_sheet_hbond.range_1_label_asym_id 
_pdbx_struct_sheet_hbond.range_1_label_seq_id 
_pdbx_struct_sheet_hbond.range_1_PDB_ins_code 
_pdbx_struct_sheet_hbond.range_1_auth_atom_id 
_pdbx_struct_sheet_hbond.range_1_auth_comp_id 
_pdbx_struct_sheet_hbond.range_1_auth_asym_id 
_pdbx_struct_sheet_hbond.range_1_auth_seq_id 
_pdbx_struct_sheet_hbond.range_2_label_atom_id 
_pdbx_struct_sheet_hbond.range_2_label_comp_id 
_pdbx_struct_sheet_hbond.range_2_label_asym_id 
_pdbx_struct_sheet_hbond.range_2_label_seq_id 
_pdbx_struct_sheet_hbond.range_2_PDB_ins_code 
_pdbx_struct_sheet_hbond.range_2_auth_atom_id 
_pdbx_struct_sheet_hbond.range_2_auth_comp_id 
_pdbx_struct_sheet_hbond.range_2_auth_asym_id 
_pdbx_struct_sheet_hbond.range_2_auth_seq_id 
A 1 2 O THR A 92 ? O THR A 92 N VAL A 83  ? N VAL A 83  
A 2 3 O VAL A 84 ? O VAL A 84 N THR A 73  ? N THR A 73  
A 3 4 O ASP A 70 ? O ASP A 70 N ASP A 54  ? N ASP A 54  
A 4 5 N THR A 51 ? N THR A 51 O GLN A 109 ? O GLN A 109 
B 1 2 O THR B 92 ? O THR B 92 N VAL B 83  ? N VAL B 83  
B 2 3 O VAL B 84 ? O VAL B 84 N THR B 73  ? N THR B 73  
B 3 4 O ASP B 70 ? O ASP B 70 N ASP B 54  ? N ASP B 54  
B 4 5 N THR B 51 ? N THR B 51 O GLN B 109 ? O GLN B 109 
# 
loop_
_struct_site.id 
_struct_site.pdbx_evidence_code 
_struct_site.pdbx_auth_asym_id 
_struct_site.pdbx_auth_comp_id 
_struct_site.pdbx_auth_seq_id 
_struct_site.pdbx_auth_ins_code 
_struct_site.pdbx_num_residues 
_struct_site.details 
AC1 Software A CD 117 ? 5 'BINDING SITE FOR RESIDUE CD A 117' 
AC2 Software A CD 118 ? 5 'BINDING SITE FOR RESIDUE CD A 118' 
AC3 Software A CD 119 ? 4 'BINDING SITE FOR RESIDUE CD A 119' 
AC4 Software B CD 117 ? 6 'BINDING SITE FOR RESIDUE CD B 117' 
# 
loop_
_struct_site_gen.id 
_struct_site_gen.site_id 
_struct_site_gen.pdbx_num_res 
_struct_site_gen.label_comp_id 
_struct_site_gen.label_asym_id 
_struct_site_gen.label_seq_id 
_struct_site_gen.pdbx_auth_ins_code 
_struct_site_gen.auth_comp_id 
_struct_site_gen.auth_asym_id 
_struct_site_gen.auth_seq_id 
_struct_site_gen.label_atom_id 
_struct_site_gen.label_alt_id 
_struct_site_gen.symmetry 
_struct_site_gen.details 
1  AC1 5 GLU A 32 ? GLU A 32  . ? 1_555 ? 
2  AC1 5 HOH G .  ? HOH A 180 . ? 1_555 ? 
3  AC1 5 GLU B 32 ? GLU B 32  . ? 1_555 ? 
4  AC1 5 HOH H .  ? HOH B 122 . ? 1_555 ? 
5  AC1 5 HOH H .  ? HOH B 143 . ? 1_555 ? 
6  AC2 5 THR A 98 ? THR A 98  . ? 1_555 ? 
7  AC2 5 HOH G .  ? HOH A 173 . ? 1_555 ? 
8  AC2 5 HOH G .  ? HOH A 174 . ? 1_555 ? 
9  AC2 5 CD  F .  ? CD  B 117 . ? 1_555 ? 
10 AC2 5 HOH H .  ? HOH B 170 . ? 1_555 ? 
11 AC3 4 GLU A 32 ? GLU A 32  . ? 4_555 ? 
12 AC3 4 GLU A 32 ? GLU A 32  . ? 1_555 ? 
13 AC3 4 HOH G .  ? HOH A 138 . ? 4_555 ? 
14 AC3 4 HOH G .  ? HOH A 138 . ? 1_555 ? 
15 AC4 6 GLU A 32 ? GLU A 32  . ? 1_555 ? 
16 AC4 6 THR A 98 ? THR A 98  . ? 1_555 ? 
17 AC4 6 CD  D .  ? CD  A 118 . ? 1_555 ? 
18 AC4 6 HOH G .  ? HOH A 174 . ? 1_555 ? 
19 AC4 6 GLU B 32 ? GLU B 32  . ? 1_555 ? 
20 AC4 6 HOH H .  ? HOH B 170 . ? 1_555 ? 
# 
_atom_sites.entry_id                    3AO9 
_atom_sites.fract_transf_matrix[1][1]   0.00854909 
_atom_sites.fract_transf_matrix[1][2]   -0.01620074 
_atom_sites.fract_transf_matrix[1][3]   0.00186889 
_atom_sites.fract_transf_matrix[2][1]   0.01715770 
_atom_sites.fract_transf_matrix[2][2]   -0.00214040 
_atom_sites.fract_transf_matrix[2][3]   -0.00633013 
_atom_sites.fract_transf_matrix[3][1]   0.00361051 
_atom_sites.fract_transf_matrix[3][2]   0.00292027 
_atom_sites.fract_transf_matrix[3][3]   0.00879880 
_atom_sites.fract_transf_vector[1]      -0.425094 
_atom_sites.fract_transf_vector[2]      -0.145883 
_atom_sites.fract_transf_vector[3]      0.027122 
# 
loop_
_atom_type.symbol 
C  
CD 
N  
O  
S  
# 
loop_
_atom_site.group_PDB 
_atom_site.id 
_atom_site.type_symbol 
_atom_site.label_atom_id 
_atom_site.label_alt_id 
_atom_site.label_comp_id 
_atom_site.label_asym_id 
_atom_site.label_entity_id 
_atom_site.label_seq_id 
_atom_site.pdbx_PDB_ins_code 
_atom_site.Cartn_x 
_atom_site.Cartn_y 
_atom_site.Cartn_z 
_atom_site.occupancy 
_atom_site.B_iso_or_equiv 
_atom_site.pdbx_formal_charge 
_atom_site.auth_seq_id 
_atom_site.auth_comp_id 
_atom_site.auth_asym_id 
_atom_site.auth_atom_id 
_atom_site.pdbx_PDB_model_num 
ATOM   1    N  N   . ILE A 1 17  ? -20.805 12.007  12.128  1.00 60.01 ? 17  ILE A N   1 
ATOM   2    C  CA  . ILE A 1 17  ? -19.568 12.178  11.308  1.00 59.45 ? 17  ILE A CA  1 
ATOM   3    C  C   . ILE A 1 17  ? -18.423 11.538  12.107  1.00 59.41 ? 17  ILE A C   1 
ATOM   4    O  O   . ILE A 1 17  ? -18.424 11.609  13.347  1.00 60.25 ? 17  ILE A O   1 
ATOM   5    C  CB  . ILE A 1 17  ? -19.313 13.681  10.974  1.00 59.31 ? 17  ILE A CB  1 
ATOM   6    C  CG1 . ILE A 1 17  ? -20.623 14.467  11.061  1.00 58.29 ? 17  ILE A CG1 1 
ATOM   7    C  CG2 . ILE A 1 17  ? -18.570 13.859  9.594   1.00 57.97 ? 17  ILE A CG2 1 
ATOM   8    C  CD1 . ILE A 1 17  ? -20.534 15.911  10.657  1.00 57.25 ? 17  ILE A CD1 1 
ATOM   9    N  N   . PRO A 1 18  ? -17.446 10.894  11.418  1.00 59.25 ? 18  PRO A N   1 
ATOM   10   C  CA  . PRO A 1 18  ? -17.243 10.798  9.958   1.00 58.65 ? 18  PRO A CA  1 
ATOM   11   C  C   . PRO A 1 18  ? -17.777 9.493   9.370   1.00 57.79 ? 18  PRO A C   1 
ATOM   12   O  O   . PRO A 1 18  ? -17.341 8.411   9.802   1.00 58.69 ? 18  PRO A O   1 
ATOM   13   C  CB  . PRO A 1 18  ? -15.714 10.807  9.830   1.00 57.83 ? 18  PRO A CB  1 
ATOM   14   C  CG  . PRO A 1 18  ? -15.205 10.485  11.213  1.00 58.45 ? 18  PRO A CG  1 
ATOM   15   C  CD  . PRO A 1 18  ? -16.371 10.177  12.110  1.00 58.65 ? 18  PRO A CD  1 
ATOM   16   N  N   . GLY A 1 19  ? -18.711 9.579   8.417   1.00 56.36 ? 19  GLY A N   1 
ATOM   17   C  CA  . GLY A 1 19  ? -19.139 8.367   7.660   1.00 53.78 ? 19  GLY A CA  1 
ATOM   18   C  C   . GLY A 1 19  ? -19.797 7.256   8.477   1.00 51.29 ? 19  GLY A C   1 
ATOM   19   O  O   . GLY A 1 19  ? -20.999 7.372   8.798   1.00 52.39 ? 19  GLY A O   1 
ATOM   20   N  N   . LEU A 1 20  ? -19.113 6.143   8.776   1.00 48.09 ? 20  LEU A N   1 
ATOM   21   C  CA  . LEU A 1 20  ? -17.938 5.578   8.126   1.00 44.66 ? 20  LEU A CA  1 
ATOM   22   C  C   . LEU A 1 20  ? -18.424 4.391   7.303   1.00 43.00 ? 20  LEU A C   1 
ATOM   23   O  O   . LEU A 1 20  ? -19.262 3.618   7.774   1.00 42.06 ? 20  LEU A O   1 
ATOM   24   C  CB  . LEU A 1 20  ? -16.975 5.021   9.180   1.00 44.64 ? 20  LEU A CB  1 
ATOM   25   C  CG  . LEU A 1 20  ? -15.672 5.681   9.604   1.00 43.71 ? 20  LEU A CG  1 
ATOM   26   C  CD1 . LEU A 1 20  ? -14.831 4.718   10.405  1.00 41.88 ? 20  LEU A CD1 1 
ATOM   27   C  CD2 . LEU A 1 20  ? -14.875 6.187   8.404   1.00 39.83 ? 20  LEU A CD2 1 
ATOM   28   N  N   . LYS A 1 21  ? -17.925 4.256   6.075   1.00 40.69 ? 21  LYS A N   1 
ATOM   29   C  CA  . LYS A 1 21  ? -18.177 3.081   5.244   1.00 39.16 ? 21  LYS A CA  1 
ATOM   30   C  C   . LYS A 1 21  ? -16.890 2.319   4.996   1.00 37.81 ? 21  LYS A C   1 
ATOM   31   O  O   . LYS A 1 21  ? -15.817 2.931   4.761   1.00 36.79 ? 21  LYS A O   1 
ATOM   32   C  CB  . LYS A 1 21  ? -18.780 3.482   3.899   1.00 39.35 ? 21  LYS A CB  1 
ATOM   33   C  CG  . LYS A 1 21  ? -20.129 4.203   4.002   1.00 40.82 ? 21  LYS A CG  1 
ATOM   34   C  CD  . LYS A 1 21  ? -20.323 5.155   2.809   1.00 42.39 ? 21  LYS A CD  1 
ATOM   35   C  CE  . LYS A 1 21  ? -21.678 5.904   2.863   1.00 40.82 ? 21  LYS A CE  1 
ATOM   36   N  NZ  . LYS A 1 21  ? -21.848 6.722   4.096   1.00 40.78 ? 21  LYS A NZ  1 
ATOM   37   N  N   . ILE A 1 22  ? -16.960 0.993   5.073   1.00 35.61 ? 22  ILE A N   1 
ATOM   38   C  CA  . ILE A 1 22  ? -15.811 0.186   4.614   1.00 34.79 ? 22  ILE A CA  1 
ATOM   39   C  C   . ILE A 1 22  ? -16.228 -0.848  3.573   1.00 34.40 ? 22  ILE A C   1 
ATOM   40   O  O   . ILE A 1 22  ? -17.041 -1.768  3.852   1.00 33.13 ? 22  ILE A O   1 
ATOM   41   C  CB  . ILE A 1 22  ? -15.044 -0.523  5.750   1.00 35.32 ? 22  ILE A CB  1 
ATOM   42   C  CG1 . ILE A 1 22  ? -14.774 0.415   6.935   1.00 36.06 ? 22  ILE A CG1 1 
ATOM   43   C  CG2 . ILE A 1 22  ? -13.749 -1.178  5.195   1.00 34.33 ? 22  ILE A CG2 1 
ATOM   44   C  CD1 . ILE A 1 22  ? -14.359 -0.340  8.264   1.00 38.33 ? 22  ILE A CD1 1 
ATOM   45   N  N   . ASP A 1 23  ? -15.654 -0.708  2.392   1.00 32.40 ? 23  ASP A N   1 
ATOM   46   C  CA  . ASP A 1 23  ? -15.966 -1.597  1.300   1.00 34.01 ? 23  ASP A CA  1 
ATOM   47   C  C   . ASP A 1 23  ? -15.325 -2.979  1.551   1.00 32.48 ? 23  ASP A C   1 
ATOM   48   O  O   . ASP A 1 23  ? -14.385 -3.147  2.371   1.00 32.99 ? 23  ASP A O   1 
ATOM   49   C  CB  . ASP A 1 23  ? -15.412 -1.024  0.007   1.00 33.89 ? 23  ASP A CB  1 
ATOM   50   C  CG  . ASP A 1 23  ? -13.933 -0.670  0.149   1.00 40.80 ? 23  ASP A CG  1 
ATOM   51   O  OD1 . ASP A 1 23  ? -13.036 -1.582  -0.003  1.00 38.39 ? 23  ASP A OD1 1 
ATOM   52   O  OD2 . ASP A 1 23  ? -13.689 0.537   0.491   1.00 45.41 ? 23  ASP A OD2 1 
ATOM   53   N  N   . GLN A 1 24  ? -15.855 -3.961  0.850   1.00 30.62 ? 24  GLN A N   1 
ATOM   54   C  CA  . GLN A 1 24  ? -15.459 -5.336  1.046   1.00 29.66 ? 24  GLN A CA  1 
ATOM   55   C  C   . GLN A 1 24  ? -13.972 -5.576  0.744   1.00 28.68 ? 24  GLN A C   1 
ATOM   56   O  O   . GLN A 1 24  ? -13.322 -6.417  1.380   1.00 27.14 ? 24  GLN A O   1 
ATOM   57   C  CB  . GLN A 1 24  ? -16.387 -6.233  0.222   1.00 30.60 ? 24  GLN A CB  1 
ATOM   58   C  CG  . GLN A 1 24  ? -16.104 -7.765  0.315   1.00 31.04 ? 24  GLN A CG  1 
ATOM   59   C  CD  . GLN A 1 24  ? -15.919 -8.294  1.736   1.00 29.60 ? 24  GLN A CD  1 
ATOM   60   O  OE1 . GLN A 1 24  ? -14.972 -9.064  2.024   1.00 29.59 ? 24  GLN A OE1 1 
ATOM   61   N  NE2 . GLN A 1 24  ? -16.802 -7.891  2.632   1.00 32.73 ? 24  GLN A NE2 1 
ATOM   62   N  N   . LYS A 1 25  ? -13.398 -4.851  -0.200  1.00 28.36 ? 25  LYS A N   1 
ATOM   63   C  CA  . LYS A 1 25  ? -11.939 -5.019  -0.397  1.00 29.49 ? 25  LYS A CA  1 
ATOM   64   C  C   . LYS A 1 25  ? -11.131 -4.677  0.870   1.00 28.23 ? 25  LYS A C   1 
ATOM   65   O  O   . LYS A 1 25  ? -10.215 -5.429  1.251   1.00 29.58 ? 25  LYS A O   1 
ATOM   66   C  CB  . LYS A 1 25  ? -11.392 -4.177  -1.568  1.00 29.61 ? 25  LYS A CB  1 
ATOM   67   C  CG  . LYS A 1 25  ? -11.961 -4.529  -2.950  1.00 36.00 ? 25  LYS A CG  1 
ATOM   68   C  CD  . LYS A 1 25  ? -11.411 -5.844  -3.509  1.00 40.91 ? 25  LYS A CD  1 
ATOM   69   C  CE  . LYS A 1 25  ? -11.852 -6.020  -4.978  1.00 46.77 ? 25  LYS A CE  1 
ATOM   70   N  NZ  . LYS A 1 25  ? -11.581 -7.421  -5.467  1.00 47.42 ? 25  LYS A NZ  1 
ATOM   71   N  N   . ILE A 1 26  ? -11.463 -3.561  1.497   1.00 27.04 ? 26  ILE A N   1 
ATOM   72   C  CA  . ILE A 1 26  ? -10.813 -3.142  2.747   1.00 27.53 ? 26  ILE A CA  1 
ATOM   73   C  C   . ILE A 1 26  ? -11.112 -4.103  3.928   1.00 26.47 ? 26  ILE A C   1 
ATOM   74   O  O   . ILE A 1 26  ? -10.205 -4.477  4.681   1.00 24.38 ? 26  ILE A O   1 
ATOM   75   C  CB  . ILE A 1 26  ? -11.061 -1.636  3.115   1.00 28.40 ? 26  ILE A CB  1 
ATOM   76   C  CG1 . ILE A 1 26  ? -10.680 -0.684  1.952   1.00 31.30 ? 26  ILE A CG1 1 
ATOM   77   C  CG2 . ILE A 1 26  ? -10.234 -1.235  4.366   1.00 26.19 ? 26  ILE A CG2 1 
ATOM   78   C  CD1 . ILE A 1 26  ? -9.220  -0.324  1.848   1.00 35.46 ? 26  ILE A CD1 1 
ATOM   79   N  N   . ARG A 1 27  ? -12.378 -4.515  4.071   1.00 26.11 ? 27  ARG A N   1 
ATOM   80   C  CA  . ARG A 1 27  ? -12.717 -5.490  5.102   1.00 25.24 ? 27  ARG A CA  1 
ATOM   81   C  C   . ARG A 1 27  ? -11.854 -6.723  5.000   1.00 25.19 ? 27  ARG A C   1 
ATOM   82   O  O   . ARG A 1 27  ? -11.393 -7.215  6.004   1.00 25.92 ? 27  ARG A O   1 
ATOM   83   C  CB  . ARG A 1 27  ? -14.162 -5.875  4.996   1.00 25.57 ? 27  ARG A CB  1 
ATOM   84   C  CG  . ARG A 1 27  ? -15.084 -4.729  5.204   1.00 27.97 ? 27  ARG A CG  1 
ATOM   85   C  CD  . ARG A 1 27  ? -15.700 -4.885  6.495   1.00 35.64 ? 27  ARG A CD  1 
ATOM   86   N  NE  . ARG A 1 27  ? -16.683 -3.869  6.782   1.00 35.42 ? 27  ARG A NE  1 
ATOM   87   C  CZ  . ARG A 1 27  ? -17.151 -3.665  7.997   1.00 34.54 ? 27  ARG A CZ  1 
ATOM   88   N  NH1 . ARG A 1 27  ? -18.053 -2.722  8.217   1.00 40.31 ? 27  ARG A NH1 1 
ATOM   89   N  NH2 . ARG A 1 27  ? -16.708 -4.399  8.994   1.00 34.95 ? 27  ARG A NH2 1 
ATOM   90   N  N   . GLY A 1 28  ? -11.611 -7.205  3.783   1.00 25.20 ? 28  GLY A N   1 
ATOM   91   C  CA  . GLY A 1 28  ? -10.754 -8.362  3.552   1.00 24.57 ? 28  GLY A CA  1 
ATOM   92   C  C   . GLY A 1 28  ? -9.285  -8.177  3.917   1.00 24.73 ? 28  GLY A C   1 
ATOM   93   O  O   . GLY A 1 28  ? -8.605  -9.152  4.336   1.00 24.92 ? 28  GLY A O   1 
ATOM   94   N  N   . GLN A 1 29  ? -8.819  -6.934  3.777   1.00 22.36 ? 29  GLN A N   1 
ATOM   95   C  CA  . GLN A 1 29  ? -7.465  -6.553  4.114   1.00 22.23 ? 29  GLN A CA  1 
ATOM   96   C  C   . GLN A 1 29  ? -7.282  -6.348  5.611   1.00 22.34 ? 29  GLN A C   1 
ATOM   97   O  O   . GLN A 1 29  ? -6.194  -6.550  6.091   1.00 22.81 ? 29  GLN A O   1 
ATOM   98   C  CB  . GLN A 1 29  ? -7.074  -5.263  3.422   1.00 22.65 ? 29  GLN A CB  1 
ATOM   99   C  CG  . GLN A 1 29  ? -6.875  -5.336  1.902   1.00 20.42 ? 29  GLN A CG  1 
ATOM   100  C  CD  . GLN A 1 29  ? -6.822  -3.925  1.265   1.00 25.62 ? 29  GLN A CD  1 
ATOM   101  O  OE1 . GLN A 1 29  ? -6.587  -2.915  1.962   1.00 25.31 ? 29  GLN A OE1 1 
ATOM   102  N  NE2 . GLN A 1 29  ? -7.073  -3.851  -0.059  1.00 22.31 ? 29  GLN A NE2 1 
ATOM   103  N  N   . MET A 1 30  ? -8.329  -5.917  6.327   1.00 22.02 ? 30  MET A N   1 
ATOM   104  C  CA  . MET A 1 30  ? -8.221  -5.627  7.741   1.00 23.02 ? 30  MET A CA  1 
ATOM   105  C  C   . MET A 1 30  ? -7.442  -6.644  8.610   1.00 24.44 ? 30  MET A C   1 
ATOM   106  O  O   . MET A 1 30  ? -6.402  -6.281  9.141   1.00 25.43 ? 30  MET A O   1 
ATOM   107  C  CB  . MET A 1 30  ? -9.572  -5.278  8.333   1.00 23.23 ? 30  MET A CB  1 
ATOM   108  C  CG  . MET A 1 30  ? -10.036 -3.908  7.856   1.00 21.07 ? 30  MET A CG  1 
ATOM   109  S  SD  . MET A 1 30  ? -11.749 -3.497  8.286   1.00 26.49 ? 30  MET A SD  1 
ATOM   110  C  CE  . MET A 1 30  ? -11.832 -3.807  10.089  1.00 26.33 ? 30  MET A CE  1 
ATOM   111  N  N   . PRO A 1 31  ? -7.856  -7.917  8.676   1.00 24.87 ? 31  PRO A N   1 
ATOM   112  C  CA  . PRO A 1 31  ? -7.071  -8.772  9.611   1.00 25.76 ? 31  PRO A CA  1 
ATOM   113  C  C   . PRO A 1 31  ? -5.676  -9.067  9.050   1.00 27.26 ? 31  PRO A C   1 
ATOM   114  O  O   . PRO A 1 31  ? -4.746  -9.223  9.791   1.00 28.95 ? 31  PRO A O   1 
ATOM   115  C  CB  . PRO A 1 31  ? -7.905  -10.096 9.697   1.00 27.06 ? 31  PRO A CB  1 
ATOM   116  C  CG  . PRO A 1 31  ? -8.655  -10.196 8.407   1.00 25.71 ? 31  PRO A CG  1 
ATOM   117  C  CD  . PRO A 1 31  ? -8.973  -8.650  8.037   1.00 24.78 ? 31  PRO A CD  1 
ATOM   118  N  N   . GLU A 1 32  ? -5.525  -9.130  7.736   1.00 27.43 ? 32  GLU A N   1 
ATOM   119  C  CA  . GLU A 1 32  ? -4.176  -9.163  7.144   1.00 27.84 ? 32  GLU A CA  1 
ATOM   120  C  C   . GLU A 1 32  ? -3.325  -7.959  7.564   1.00 26.16 ? 32  GLU A C   1 
ATOM   121  O  O   . GLU A 1 32  ? -2.131  -8.019  7.580   1.00 25.35 ? 32  GLU A O   1 
ATOM   122  C  CB  . GLU A 1 32  ? -4.306  -9.132  5.615   1.00 27.31 ? 32  GLU A CB  1 
ATOM   123  C  CG  . GLU A 1 32  ? -5.013  -10.358 4.986   1.00 29.42 ? 32  GLU A CG  1 
ATOM   124  C  CD  . GLU A 1 32  ? -5.202  -10.168 3.493   1.00 34.53 ? 32  GLU A CD  1 
ATOM   125  O  OE1 . GLU A 1 32  ? -4.821  -9.098  2.907   1.00 28.49 ? 32  GLU A OE1 1 
ATOM   126  O  OE2 . GLU A 1 32  ? -5.758  -11.073 2.871   1.00 34.95 ? 32  GLU A OE2 1 
ATOM   127  N  N   . ARG A 1 33  ? -3.952  -6.825  7.813   1.00 26.01 ? 33  ARG A N   1 
ATOM   128  C  CA  . ARG A 1 33  ? -3.164  -5.597  8.015   1.00 25.82 ? 33  ARG A CA  1 
ATOM   129  C  C   . ARG A 1 33  ? -3.131  -5.109  9.462   1.00 26.49 ? 33  ARG A C   1 
ATOM   130  O  O   . ARG A 1 33  ? -2.634  -4.031  9.763   1.00 25.22 ? 33  ARG A O   1 
ATOM   131  C  CB  . ARG A 1 33  ? -3.582  -4.516  7.027   1.00 25.22 ? 33  ARG A CB  1 
ATOM   132  C  CG  . ARG A 1 33  ? -3.032  -4.857  5.552   1.00 23.02 ? 33  ARG A CG  1 
ATOM   133  C  CD  . ARG A 1 33  ? -3.467  -3.813  4.572   1.00 14.13 ? 33  ARG A CD  1 
ATOM   134  N  NE  . ARG A 1 33  ? -3.339  -4.197  3.166   1.00 18.16 ? 33  ARG A NE  1 
ATOM   135  C  CZ  . ARG A 1 33  ? -3.317  -3.325  2.152   1.00 21.82 ? 33  ARG A CZ  1 
ATOM   136  N  NH1 . ARG A 1 33  ? -3.437  -2.004  2.391   1.00 22.12 ? 33  ARG A NH1 1 
ATOM   137  N  NH2 . ARG A 1 33  ? -3.158  -3.751  0.899   1.00 17.79 ? 33  ARG A NH2 1 
ATOM   138  N  N   . GLY A 1 34  ? -3.599  -5.962  10.364  1.00 26.00 ? 34  GLY A N   1 
ATOM   139  C  CA  . GLY A 1 34  ? -3.547  -5.648  11.792  1.00 26.71 ? 34  GLY A CA  1 
ATOM   140  C  C   . GLY A 1 34  ? -4.734  -4.811  12.287  1.00 26.72 ? 34  GLY A C   1 
ATOM   141  O  O   . GLY A 1 34  ? -4.690  -4.341  13.402  1.00 27.52 ? 34  GLY A O   1 
ATOM   142  N  N   . TRP A 1 35  ? -5.786  -4.601  11.477  1.00 24.91 ? 35  TRP A N   1 
ATOM   143  C  CA  . TRP A 1 35  ? -6.899  -3.767  11.942  1.00 24.62 ? 35  TRP A CA  1 
ATOM   144  C  C   . TRP A 1 35  ? -8.123  -4.560  12.413  1.00 26.31 ? 35  TRP A C   1 
ATOM   145  O  O   . TRP A 1 35  ? -8.580  -5.451  11.702  1.00 26.48 ? 35  TRP A O   1 
ATOM   146  C  CB  . TRP A 1 35  ? -7.344  -2.825  10.816  1.00 24.10 ? 35  TRP A CB  1 
ATOM   147  C  CG  . TRP A 1 35  ? -6.259  -1.804  10.371  1.00 22.58 ? 35  TRP A CG  1 
ATOM   148  C  CD1 . TRP A 1 35  ? -5.254  -2.002  9.455   1.00 23.18 ? 35  TRP A CD1 1 
ATOM   149  C  CD2 . TRP A 1 35  ? -6.066  -0.491  10.897  1.00 21.66 ? 35  TRP A CD2 1 
ATOM   150  N  NE1 . TRP A 1 35  ? -4.484  -0.857  9.330   1.00 22.88 ? 35  TRP A NE1 1 
ATOM   151  C  CE2 . TRP A 1 35  ? -4.963  0.086   10.205  1.00 20.98 ? 35  TRP A CE2 1 
ATOM   152  C  CE3 . TRP A 1 35  ? -6.739  0.276   11.864  1.00 24.82 ? 35  TRP A CE3 1 
ATOM   153  C  CZ2 . TRP A 1 35  ? -4.504  1.384   10.464  1.00 22.82 ? 35  TRP A CZ2 1 
ATOM   154  C  CZ3 . TRP A 1 35  ? -6.296  1.595   12.101  1.00 24.56 ? 35  TRP A CZ3 1 
ATOM   155  C  CH2 . TRP A 1 35  ? -5.178  2.126   11.385  1.00 24.25 ? 35  TRP A CH2 1 
ATOM   156  N  N   . THR A 1 36  ? -8.730  -4.153  13.530  1.00 26.97 ? 36  THR A N   1 
ATOM   157  C  CA  . THR A 1 36  ? -10.087 -4.578  13.874  1.00 28.91 ? 36  THR A CA  1 
ATOM   158  C  C   . THR A 1 36  ? -10.989 -3.412  13.607  1.00 30.01 ? 36  THR A C   1 
ATOM   159  O  O   . THR A 1 36  ? -10.481 -2.283  13.395  1.00 29.82 ? 36  THR A O   1 
ATOM   160  C  CB  . THR A 1 36  ? -10.261 -4.926  15.393  1.00 29.05 ? 36  THR A CB  1 
ATOM   161  O  OG1 . THR A 1 36  ? -9.907  -3.779  16.165  1.00 28.44 ? 36  THR A OG1 1 
ATOM   162  C  CG2 . THR A 1 36  ? -9.329  -6.097  15.810  1.00 29.61 ? 36  THR A CG2 1 
ATOM   163  N  N   . GLU A 1 37  ? -12.309 -3.632  13.659  1.00 29.11 ? 37  GLU A N   1 
ATOM   164  C  CA  . GLU A 1 37  ? -13.233 -2.498  13.517  1.00 30.78 ? 37  GLU A CA  1 
ATOM   165  C  C   . GLU A 1 37  ? -12.979 -1.461  14.583  1.00 30.44 ? 37  GLU A C   1 
ATOM   166  O  O   . GLU A 1 37  ? -13.004 -0.245  14.318  1.00 28.62 ? 37  GLU A O   1 
ATOM   167  C  CB  . GLU A 1 37  ? -14.707 -2.915  13.550  1.00 32.11 ? 37  GLU A CB  1 
ATOM   168  C  CG  . GLU A 1 37  ? -15.224 -3.276  12.145  1.00 36.29 ? 37  GLU A CG  1 
ATOM   169  C  CD  . GLU A 1 37  ? -16.710 -3.557  12.083  1.00 44.84 ? 37  GLU A CD  1 
ATOM   170  O  OE1 . GLU A 1 37  ? -17.062 -4.711  11.774  1.00 44.25 ? 37  GLU A OE1 1 
ATOM   171  O  OE2 . GLU A 1 37  ? -17.533 -2.637  12.312  1.00 51.45 ? 37  GLU A OE2 1 
ATOM   172  N  N   . ASP A 1 38  ? -12.751 -1.946  15.800  1.00 29.54 ? 38  ASP A N   1 
ATOM   173  C  CA  . ASP A 1 38  ? -12.520 -1.032  16.914  1.00 30.49 ? 38  ASP A CA  1 
ATOM   174  C  C   . ASP A 1 38  ? -11.295 -0.126  16.703  1.00 29.82 ? 38  ASP A C   1 
ATOM   175  O  O   . ASP A 1 38  ? -11.384 1.057   16.997  1.00 29.84 ? 38  ASP A O   1 
ATOM   176  C  CB  . ASP A 1 38  ? -12.427 -1.796  18.223  1.00 32.87 ? 38  ASP A CB  1 
ATOM   177  C  CG  . ASP A 1 38  ? -13.837 -2.178  18.785  1.00 32.64 ? 38  ASP A CG  1 
ATOM   178  O  OD1 . ASP A 1 38  ? -13.923 -2.981  19.724  1.00 43.51 ? 38  ASP A OD1 1 
ATOM   179  O  OD2 . ASP A 1 38  ? -14.871 -1.677  18.293  1.00 36.87 ? 38  ASP A OD2 1 
ATOM   180  N  N   . ASP A 1 39  ? -10.196 -0.697  16.186  1.00 28.08 ? 39  ASP A N   1 
ATOM   181  C  CA  . ASP A 1 39  ? -8.970  0.035   15.893  1.00 26.64 ? 39  ASP A CA  1 
ATOM   182  C  C   . ASP A 1 39  ? -9.289  1.121   14.931  1.00 25.77 ? 39  ASP A C   1 
ATOM   183  O  O   . ASP A 1 39  ? -8.824  2.219   15.102  1.00 25.36 ? 39  ASP A O   1 
ATOM   184  C  CB  . ASP A 1 39  ? -7.953  -0.834  15.197  1.00 27.00 ? 39  ASP A CB  1 
ATOM   185  C  CG  . ASP A 1 39  ? -7.343  -1.857  16.093  1.00 30.72 ? 39  ASP A CG  1 
ATOM   186  O  OD1 . ASP A 1 39  ? -6.727  -2.817  15.544  1.00 30.86 ? 39  ASP A OD1 1 
ATOM   187  O  OD2 . ASP A 1 39  ? -7.494  -1.719  17.319  1.00 33.34 ? 39  ASP A OD2 1 
ATOM   188  N  N   . ILE A 1 40  ? -10.024 0.783   13.869  1.00 25.64 ? 40  ILE A N   1 
ATOM   189  C  CA  . ILE A 1 40  ? -10.508 1.786   12.916  1.00 25.64 ? 40  ILE A CA  1 
ATOM   190  C  C   . ILE A 1 40  ? -11.308 2.916   13.558  1.00 25.66 ? 40  ILE A C   1 
ATOM   191  O  O   . ILE A 1 40  ? -10.974 4.121   13.387  1.00 24.47 ? 40  ILE A O   1 
ATOM   192  C  CB  . ILE A 1 40  ? -11.248 1.183   11.727  1.00 24.95 ? 40  ILE A CB  1 
ATOM   193  C  CG1 . ILE A 1 40  ? -10.256 0.288   10.992  1.00 28.75 ? 40  ILE A CG1 1 
ATOM   194  C  CG2 . ILE A 1 40  ? -11.835 2.368   10.842  1.00 22.23 ? 40  ILE A CG2 1 
ATOM   195  C  CD1 . ILE A 1 40  ? -10.746 -0.385  9.699   1.00 28.37 ? 40  ILE A CD1 1 
ATOM   196  N  N   . LYS A 1 41  ? -12.341 2.545   14.304  1.00 26.44 ? 41  LYS A N   1 
ATOM   197  C  CA  . LYS A 1 41  ? -13.166 3.526   15.000  1.00 28.54 ? 41  LYS A CA  1 
ATOM   198  C  C   . LYS A 1 41  ? -12.339 4.452   15.927  1.00 26.45 ? 41  LYS A C   1 
ATOM   199  O  O   . LYS A 1 41  ? -12.573 5.639   15.980  1.00 27.05 ? 41  LYS A O   1 
ATOM   200  C  CB  . LYS A 1 41  ? -14.175 2.799   15.912  1.00 28.69 ? 41  LYS A CB  1 
ATOM   201  C  CG  . LYS A 1 41  ? -15.327 2.108   15.178  1.00 36.39 ? 41  LYS A CG  1 
ATOM   202  C  CD  . LYS A 1 41  ? -15.778 2.939   13.996  1.00 42.72 ? 41  LYS A CD  1 
ATOM   203  C  CE  . LYS A 1 41  ? -17.283 2.869   13.824  1.00 45.55 ? 41  LYS A CE  1 
ATOM   204  N  NZ  . LYS A 1 41  ? -17.778 4.092   13.070  1.00 49.01 ? 41  LYS A NZ  1 
ATOM   205  N  N   . ASN A 1 42  ? -11.427 3.856   16.675  1.00 25.88 ? 42  ASN A N   1 
ATOM   206  C  CA  . ASN A 1 42  ? -10.623 4.562   17.682  1.00 26.91 ? 42  ASN A CA  1 
ATOM   207  C  C   . ASN A 1 42  ? -9.630  5.484   16.983  1.00 25.53 ? 42  ASN A C   1 
ATOM   208  O  O   . ASN A 1 42  ? -9.416  6.601   17.421  1.00 26.89 ? 42  ASN A O   1 
ATOM   209  C  CB  . ASN A 1 42  ? -9.821  3.572   18.541  1.00 25.08 ? 42  ASN A CB  1 
ATOM   210  C  CG  . ASN A 1 42  ? -10.678 2.906   19.567  1.00 32.03 ? 42  ASN A CG  1 
ATOM   211  O  OD1 . ASN A 1 42  ? -11.828 3.341   19.801  1.00 33.49 ? 42  ASN A OD1 1 
ATOM   212  N  ND2 . ASN A 1 42  ? -10.172 1.829   20.159  1.00 29.41 ? 42  ASN A ND2 1 
ATOM   213  N  N   . THR A 1 43  ? -8.992  4.975   15.938  1.00 23.51 ? 43  THR A N   1 
ATOM   214  C  CA  . THR A 1 43  ? -8.035  5.780   15.216  1.00 22.99 ? 43  THR A CA  1 
ATOM   215  C  C   . THR A 1 43  ? -8.746  7.023   14.663  1.00 22.11 ? 43  THR A C   1 
ATOM   216  O  O   . THR A 1 43  ? -8.256  8.146   14.802  1.00 22.26 ? 43  THR A O   1 
ATOM   217  C  CB  . THR A 1 43  ? -7.381  4.981   14.154  1.00 21.99 ? 43  THR A CB  1 
ATOM   218  O  OG1 . THR A 1 43  ? -6.527  3.998   14.767  1.00 22.13 ? 43  THR A OG1 1 
ATOM   219  C  CG2 . THR A 1 43  ? -6.503  5.896   13.287  1.00 23.81 ? 43  THR A CG2 1 
ATOM   220  N  N   . VAL A 1 44  ? -9.938  6.833   14.111  1.00 22.27 ? 44  VAL A N   1 
ATOM   221  C  CA  . VAL A 1 44  ? -10.629 7.903   13.455  1.00 23.40 ? 44  VAL A CA  1 
ATOM   222  C  C   . VAL A 1 44  ? -11.147 8.951   14.475  1.00 24.99 ? 44  VAL A C   1 
ATOM   223  O  O   . VAL A 1 44  ? -11.043 10.176  14.287  1.00 23.70 ? 44  VAL A O   1 
ATOM   224  C  CB  . VAL A 1 44  ? -11.815 7.370   12.513  1.00 23.65 ? 44  VAL A CB  1 
ATOM   225  C  CG1 . VAL A 1 44  ? -12.775 8.543   12.252  1.00 24.57 ? 44  VAL A CG1 1 
ATOM   226  C  CG2 . VAL A 1 44  ? -11.237 6.802   11.193  1.00 21.28 ? 44  VAL A CG2 1 
ATOM   227  N  N   . SER A 1 45  ? -11.705 8.448   15.569  1.00 26.10 ? 45  SER A N   1 
ATOM   228  C  CA  . SER A 1 45  ? -12.298 9.306   16.560  1.00 28.10 ? 45  SER A CA  1 
ATOM   229  C  C   . SER A 1 45  ? -11.207 10.090  17.347  1.00 28.92 ? 45  SER A C   1 
ATOM   230  O  O   . SER A 1 45  ? -11.515 11.155  17.933  1.00 26.44 ? 45  SER A O   1 
ATOM   231  C  CB  . SER A 1 45  ? -13.192 8.435   17.468  1.00 29.19 ? 45  SER A CB  1 
ATOM   232  O  OG  . SER A 1 45  ? -12.385 7.826   18.427  1.00 34.49 ? 45  SER A OG  1 
ATOM   233  N  N   . ASN A 1 46  ? -9.942  9.597   17.328  1.00 28.65 ? 46  ASN A N   1 
ATOM   234  C  CA  . ASN A 1 46  ? -8.826  10.377  17.957  1.00 29.59 ? 46  ASN A CA  1 
ATOM   235  C  C   . ASN A 1 46  ? -8.525  11.658  17.197  1.00 28.90 ? 46  ASN A C   1 
ATOM   236  O  O   . ASN A 1 46  ? -7.991  12.580  17.758  1.00 30.19 ? 46  ASN A O   1 
ATOM   237  C  CB  . ASN A 1 46  ? -7.562  9.546   18.183  1.00 30.79 ? 46  ASN A CB  1 
ATOM   238  C  CG  . ASN A 1 46  ? -6.595  10.157  19.287  1.00 36.20 ? 46  ASN A CG  1 
ATOM   239  O  OD1 . ASN A 1 46  ? -7.042  10.758  20.268  1.00 39.36 ? 46  ASN A OD1 1 
ATOM   240  N  ND2 . ASN A 1 46  ? -5.273  9.928   19.124  1.00 36.04 ? 46  ASN A ND2 1 
ATOM   241  N  N   . GLY A 1 47  ? -8.941  11.745  15.936  1.00 28.30 ? 47  GLY A N   1 
ATOM   242  C  CA  . GLY A 1 47  ? -8.904  13.011  15.202  1.00 26.62 ? 47  GLY A CA  1 
ATOM   243  C  C   . GLY A 1 47  ? -7.925  13.023  14.038  1.00 24.40 ? 47  GLY A C   1 
ATOM   244  O  O   . GLY A 1 47  ? -7.016  12.183  13.960  1.00 24.45 ? 47  GLY A O   1 
ATOM   245  N  N   . ALA A 1 48  ? -8.150  13.967  13.128  1.00 23.80 ? 48  ALA A N   1 
ATOM   246  C  CA  . ALA A 1 48  ? -7.347  14.148  11.910  1.00 23.49 ? 48  ALA A CA  1 
ATOM   247  C  C   . ALA A 1 48  ? -5.855  14.327  12.187  1.00 23.11 ? 48  ALA A C   1 
ATOM   248  O  O   . ALA A 1 48  ? -5.430  15.084  13.081  1.00 21.91 ? 48  ALA A O   1 
ATOM   249  C  CB  . ALA A 1 48  ? -7.890  15.340  11.082  1.00 25.16 ? 48  ALA A CB  1 
ATOM   250  N  N   . THR A 1 49  ? -5.040  13.628  11.415  1.00 22.48 ? 49  THR A N   1 
ATOM   251  C  CA  . THR A 1 49  ? -3.610  13.793  11.527  1.00 21.85 ? 49  THR A CA  1 
ATOM   252  C  C   . THR A 1 49  ? -2.957  14.284  10.245  1.00 22.48 ? 49  THR A C   1 
ATOM   253  O  O   . THR A 1 49  ? -1.774  14.679  10.257  1.00 20.60 ? 49  THR A O   1 
ATOM   254  C  CB  . THR A 1 49  ? -2.909  12.477  12.002  1.00 22.83 ? 49  THR A CB  1 
ATOM   255  O  OG1 . THR A 1 49  ? -3.210  11.402  11.106  1.00 20.40 ? 49  THR A OG1 1 
ATOM   256  C  CG2 . THR A 1 49  ? -3.333  12.102  13.435  1.00 19.93 ? 49  THR A CG2 1 
ATOM   257  N  N   . GLY A 1 50  ? -3.726  14.274  9.145   1.00 22.94 ? 50  GLY A N   1 
ATOM   258  C  CA  . GLY A 1 50  ? -3.193  14.705  7.852   1.00 24.25 ? 50  GLY A CA  1 
ATOM   259  C  C   . GLY A 1 50  ? -4.315  14.813  6.824   1.00 24.75 ? 50  GLY A C   1 
ATOM   260  O  O   . GLY A 1 50  ? -5.488  14.599  7.131   1.00 25.13 ? 50  GLY A O   1 
ATOM   261  N  N   . THR A 1 51  ? -3.919  14.993  5.589   1.00 23.58 ? 51  THR A N   1 
ATOM   262  C  CA  . THR A 1 51  ? -4.860  15.246  4.547   1.00 23.65 ? 51  THR A CA  1 
ATOM   263  C  C   . THR A 1 51  ? -4.368  14.535  3.257   1.00 22.93 ? 51  THR A C   1 
ATOM   264  O  O   . THR A 1 51  ? -3.168  14.414  3.029   1.00 23.26 ? 51  THR A O   1 
ATOM   265  C  CB  . THR A 1 51  ? -4.890  16.804  4.516   1.00 25.63 ? 51  THR A CB  1 
ATOM   266  O  OG1 . THR A 1 51  ? -6.124  17.378  5.018   1.00 30.22 ? 51  THR A OG1 1 
ATOM   267  C  CG2 . THR A 1 51  ? -4.201  17.395  3.437   1.00 17.61 ? 51  THR A CG2 1 
ATOM   268  N  N   . SER A 1 52  ? -5.306  14.013  2.455   1.00 21.36 ? 52  SER A N   1 
ATOM   269  C  CA  . SER A 1 52  ? -5.025  13.358  1.194   1.00 20.97 ? 52  SER A CA  1 
ATOM   270  C  C   . SER A 1 52  ? -6.251  13.601  0.306   1.00 21.62 ? 52  SER A C   1 
ATOM   271  O  O   . SER A 1 52  ? -7.024  14.576  0.531   1.00 20.61 ? 52  SER A O   1 
ATOM   272  C  CB  . SER A 1 52  ? -4.826  11.853  1.424   1.00 21.36 ? 52  SER A CB  1 
ATOM   273  O  OG  . SER A 1 52  ? -4.193  11.247  0.294   1.00 23.01 ? 52  SER A OG  1 
ATOM   274  N  N   . PHE A 1 53  ? -6.440  12.715  -0.684  1.00 22.20 ? 53  PHE A N   1 
ATOM   275  C  CA  . PHE A 1 53  ? -7.592  12.784  -1.607  1.00 21.88 ? 53  PHE A CA  1 
ATOM   276  C  C   . PHE A 1 53  ? -8.034  11.385  -1.953  1.00 20.73 ? 53  PHE A C   1 
ATOM   277  O  O   . PHE A 1 53  ? -7.296  10.441  -1.738  1.00 20.91 ? 53  PHE A O   1 
ATOM   278  C  CB  . PHE A 1 53  ? -7.245  13.563  -2.879  1.00 23.23 ? 53  PHE A CB  1 
ATOM   279  C  CG  . PHE A 1 53  ? -6.802  14.937  -2.590  1.00 23.47 ? 53  PHE A CG  1 
ATOM   280  C  CD1 . PHE A 1 53  ? -7.755  15.973  -2.467  1.00 21.65 ? 53  PHE A CD1 1 
ATOM   281  C  CD2 . PHE A 1 53  ? -5.448  15.188  -2.333  1.00 28.31 ? 53  PHE A CD2 1 
ATOM   282  C  CE1 . PHE A 1 53  ? -7.384  17.228  -2.170  1.00 23.23 ? 53  PHE A CE1 1 
ATOM   283  C  CE2 . PHE A 1 53  ? -5.046  16.467  -1.994  1.00 28.61 ? 53  PHE A CE2 1 
ATOM   284  C  CZ  . PHE A 1 53  ? -6.039  17.507  -1.942  1.00 26.14 ? 53  PHE A CZ  1 
ATOM   285  N  N   . ASP A 1 54  ? -9.278  11.276  -2.409  1.00 18.74 ? 54  ASP A N   1 
ATOM   286  C  CA  . ASP A 1 54  ? -9.837  10.059  -2.938  1.00 20.25 ? 54  ASP A CA  1 
ATOM   287  C  C   . ASP A 1 54  ? -10.059 10.374  -4.386  1.00 20.62 ? 54  ASP A C   1 
ATOM   288  O  O   . ASP A 1 54  ? -11.055 11.002  -4.738  1.00 20.18 ? 54  ASP A O   1 
ATOM   289  C  CB  . ASP A 1 54  ? -11.186 9.756   -2.280  1.00 20.58 ? 54  ASP A CB  1 
ATOM   290  C  CG  . ASP A 1 54  ? -11.769 8.457   -2.768  1.00 22.18 ? 54  ASP A CG  1 
ATOM   291  O  OD1 . ASP A 1 54  ? -11.070 7.833   -3.557  1.00 19.22 ? 54  ASP A OD1 1 
ATOM   292  O  OD2 . ASP A 1 54  ? -12.884 8.066   -2.371  1.00 22.89 ? 54  ASP A OD2 1 
ATOM   293  N  N   . LYS A 1 55  ? -9.093  9.999   -5.206  1.00 21.13 ? 55  LYS A N   1 
ATOM   294  C  CA  . LYS A 1 55  ? -9.140  10.273  -6.619  1.00 22.79 ? 55  LYS A CA  1 
ATOM   295  C  C   . LYS A 1 55  ? -9.212  8.938   -7.371  1.00 24.33 ? 55  LYS A C   1 
ATOM   296  O  O   . LYS A 1 55  ? -8.208  8.249   -7.505  1.00 23.61 ? 55  LYS A O   1 
ATOM   297  C  CB  . LYS A 1 55  ? -7.925  11.098  -7.047  1.00 22.51 ? 55  LYS A CB  1 
ATOM   298  C  CG  . LYS A 1 55  ? -8.110  12.637  -6.729  1.00 20.34 ? 55  LYS A CG  1 
ATOM   299  C  CD  . LYS A 1 55  ? -6.740  13.356  -6.772  1.00 21.65 ? 55  LYS A CD  1 
ATOM   300  C  CE  . LYS A 1 55  ? -6.849  14.859  -6.542  1.00 23.41 ? 55  LYS A CE  1 
ATOM   301  N  NZ  . LYS A 1 55  ? -7.674  15.589  -7.622  1.00 25.36 ? 55  LYS A NZ  1 
ATOM   302  N  N   . ARG A 1 56  ? -10.409 8.584   -7.840  1.00 24.29 ? 56  ARG A N   1 
ATOM   303  C  CA  . ARG A 1 56  ? -10.597 7.287   -8.528  1.00 25.88 ? 56  ARG A CA  1 
ATOM   304  C  C   . ARG A 1 56  ? -11.447 7.553   -9.773  1.00 25.89 ? 56  ARG A C   1 
ATOM   305  O  O   . ARG A 1 56  ? -12.487 8.179   -9.694  1.00 25.16 ? 56  ARG A O   1 
ATOM   306  C  CB  . ARG A 1 56  ? -11.300 6.239   -7.624  1.00 24.92 ? 56  ARG A CB  1 
ATOM   307  C  CG  . ARG A 1 56  ? -10.340 5.518   -6.594  1.00 23.22 ? 56  ARG A CG  1 
ATOM   308  C  CD  . ARG A 1 56  ? -11.130 4.643   -5.626  1.00 23.27 ? 56  ARG A CD  1 
ATOM   309  N  NE  . ARG A 1 56  ? -12.065 5.332   -4.688  1.00 22.35 ? 56  ARG A NE  1 
ATOM   310  C  CZ  . ARG A 1 56  ? -13.058 4.709   -4.016  1.00 24.63 ? 56  ARG A CZ  1 
ATOM   311  N  NH1 . ARG A 1 56  ? -13.341 3.457   -4.314  1.00 23.82 ? 56  ARG A NH1 1 
ATOM   312  N  NH2 . ARG A 1 56  ? -13.849 5.334   -3.112  1.00 22.06 ? 56  ARG A NH2 1 
ATOM   313  N  N   . SER A 1 57  ? -10.958 7.086   -10.913 1.00 27.66 ? 57  SER A N   1 
ATOM   314  C  CA  . SER A 1 57  ? -11.715 7.123   -12.171 1.00 30.03 ? 57  SER A CA  1 
ATOM   315  C  C   . SER A 1 57  ? -13.021 6.313   -12.020 1.00 28.89 ? 57  SER A C   1 
ATOM   316  O  O   . SER A 1 57  ? -13.153 5.458   -11.134 1.00 27.60 ? 57  SER A O   1 
ATOM   317  C  CB  . SER A 1 57  ? -10.823 6.576   -13.315 1.00 31.85 ? 57  SER A CB  1 
ATOM   318  O  OG  . SER A 1 57  ? -10.695 5.131   -13.181 1.00 33.36 ? 57  SER A OG  1 
ATOM   319  N  N   . PRO A 1 58  ? -14.011 6.619   -12.846 1.00 29.88 ? 58  PRO A N   1 
ATOM   320  C  CA  . PRO A 1 58  ? -15.305 5.966   -12.694 1.00 29.75 ? 58  PRO A CA  1 
ATOM   321  C  C   . PRO A 1 58  ? -15.231 4.439   -12.707 1.00 29.66 ? 58  PRO A C   1 
ATOM   322  O  O   . PRO A 1 58  ? -15.946 3.804   -11.925 1.00 28.89 ? 58  PRO A O   1 
ATOM   323  C  CB  . PRO A 1 58  ? -16.097 6.510   -13.879 1.00 30.94 ? 58  PRO A CB  1 
ATOM   324  C  CG  . PRO A 1 58  ? -15.391 7.878   -14.177 1.00 30.58 ? 58  PRO A CG  1 
ATOM   325  C  CD  . PRO A 1 58  ? -13.995 7.642   -13.932 1.00 29.72 ? 58  PRO A CD  1 
ATOM   326  N  N   . LYS A 1 59  ? -14.354 3.860   -13.535 1.00 29.77 ? 59  LYS A N   1 
ATOM   327  C  CA  . LYS A 1 59  ? -14.174 2.377   -13.649 1.00 30.94 ? 59  LYS A CA  1 
ATOM   328  C  C   . LYS A 1 59  ? -13.757 1.688   -12.358 1.00 30.97 ? 59  LYS A C   1 
ATOM   329  O  O   . LYS A 1 59  ? -13.988 0.483   -12.149 1.00 31.68 ? 59  LYS A O   1 
ATOM   330  C  CB  . LYS A 1 59  ? -13.097 2.050   -14.703 1.00 33.08 ? 59  LYS A CB  1 
ATOM   331  C  CG  . LYS A 1 59  ? -13.615 2.022   -16.083 1.00 34.76 ? 59  LYS A CG  1 
ATOM   332  C  CD  . LYS A 1 59  ? -12.660 1.356   -17.075 1.00 37.43 ? 59  LYS A CD  1 
ATOM   333  C  CE  . LYS A 1 59  ? -13.388 1.258   -18.429 1.00 38.87 ? 59  LYS A CE  1 
ATOM   334  N  NZ  . LYS A 1 59  ? -12.515 0.772   -19.559 1.00 42.50 ? 59  LYS A NZ  1 
ATOM   335  N  N   . LYS A 1 60  ? -13.123 2.477   -11.503 1.00 30.30 ? 60  LYS A N   1 
ATOM   336  C  CA  . LYS A 1 60  ? -12.572 2.028   -10.266 1.00 30.84 ? 60  LYS A CA  1 
ATOM   337  C  C   . LYS A 1 60  ? -13.502 2.219   -9.082  1.00 29.87 ? 60  LYS A C   1 
ATOM   338  O  O   . LYS A 1 60  ? -13.053 1.985   -7.980  1.00 29.08 ? 60  LYS A O   1 
ATOM   339  C  CB  . LYS A 1 60  ? -11.233 2.763   -9.937  1.00 31.39 ? 60  LYS A CB  1 
ATOM   340  C  CG  . LYS A 1 60  ? -10.039 2.393   -10.838 1.00 37.16 ? 60  LYS A CG  1 
ATOM   341  C  CD  . LYS A 1 60  ? -8.741  2.184   -10.060 1.00 43.26 ? 60  LYS A CD  1 
ATOM   342  C  CE  . LYS A 1 60  ? -7.552  2.358   -10.972 1.00 45.44 ? 60  LYS A CE  1 
ATOM   343  N  NZ  . LYS A 1 60  ? -7.854  3.557   -11.844 1.00 45.97 ? 60  LYS A NZ  1 
ATOM   344  N  N   . THR A 1 61  ? -14.768 2.622   -9.288  1.00 28.26 ? 61  THR A N   1 
ATOM   345  C  CA  . THR A 1 61  ? -15.679 2.797   -8.159  1.00 27.42 ? 61  THR A CA  1 
ATOM   346  C  C   . THR A 1 61  ? -16.951 1.932   -8.227  1.00 28.88 ? 61  THR A C   1 
ATOM   347  O  O   . THR A 1 61  ? -18.050 2.440   -8.066  1.00 29.31 ? 61  THR A O   1 
ATOM   348  C  CB  . THR A 1 61  ? -16.009 4.301   -7.922  1.00 27.76 ? 61  THR A CB  1 
ATOM   349  O  OG1 . THR A 1 61  ? -16.751 4.846   -9.037  1.00 25.42 ? 61  THR A OG1 1 
ATOM   350  C  CG2 . THR A 1 61  ? -14.721 5.133   -7.780  1.00 23.28 ? 61  THR A CG2 1 
ATOM   351  N  N   . PRO A 1 62  ? -16.808 0.615   -8.450  1.00 30.25 ? 62  PRO A N   1 
ATOM   352  C  CA  . PRO A 1 62  ? -18.005 -0.214  -8.338  1.00 32.45 ? 62  PRO A CA  1 
ATOM   353  C  C   . PRO A 1 62  ? -18.651 -0.107  -6.931  1.00 34.24 ? 62  PRO A C   1 
ATOM   354  O  O   . PRO A 1 62  ? -17.930 0.061   -5.968  1.00 34.72 ? 62  PRO A O   1 
ATOM   355  C  CB  . PRO A 1 62  ? -17.473 -1.654  -8.567  1.00 32.23 ? 62  PRO A CB  1 
ATOM   356  C  CG  . PRO A 1 62  ? -15.960 -1.581  -8.423  1.00 32.57 ? 62  PRO A CG  1 
ATOM   357  C  CD  . PRO A 1 62  ? -15.585 -0.165  -8.762  1.00 30.28 ? 62  PRO A CD  1 
ATOM   358  N  N   . PRO A 1 63  ? -19.985 -0.255  -6.808  1.00 35.77 ? 63  PRO A N   1 
ATOM   359  C  CA  . PRO A 1 63  ? -20.910 -0.652  -7.875  1.00 36.29 ? 63  PRO A CA  1 
ATOM   360  C  C   . PRO A 1 63  ? -21.520 0.540   -8.628  1.00 36.70 ? 63  PRO A C   1 
ATOM   361  O  O   . PRO A 1 63  ? -22.201 0.314   -9.628  1.00 37.13 ? 63  PRO A O   1 
ATOM   362  C  CB  . PRO A 1 63  ? -22.015 -1.423  -7.123  1.00 37.04 ? 63  PRO A CB  1 
ATOM   363  C  CG  . PRO A 1 63  ? -22.063 -0.812  -5.687  1.00 36.85 ? 63  PRO A CG  1 
ATOM   364  C  CD  . PRO A 1 63  ? -20.688 -0.029  -5.521  1.00 36.52 ? 63  PRO A CD  1 
ATOM   365  N  N   . ASP A 1 64  ? -21.248 1.778   -8.177  1.00 35.26 ? 64  ASP A N   1 
ATOM   366  C  CA  . ASP A 1 64  ? -21.897 2.998   -8.707  1.00 33.76 ? 64  ASP A CA  1 
ATOM   367  C  C   . ASP A 1 64  ? -21.244 3.543   -9.964  1.00 32.03 ? 64  ASP A C   1 
ATOM   368  O  O   . ASP A 1 64  ? -21.900 4.227   -10.760 1.00 32.61 ? 64  ASP A O   1 
ATOM   369  C  CB  . ASP A 1 64  ? -21.922 4.111   -7.635  1.00 33.09 ? 64  ASP A CB  1 
ATOM   370  C  CG  . ASP A 1 64  ? -20.510 4.388   -7.051  1.00 34.52 ? 64  ASP A CG  1 
ATOM   371  O  OD1 . ASP A 1 64  ? -19.709 5.088   -7.717  1.00 28.84 ? 64  ASP A OD1 1 
ATOM   372  O  OD2 . ASP A 1 64  ? -20.201 3.841   -5.952  1.00 33.68 ? 64  ASP A OD2 1 
ATOM   373  N  N   . TYR A 1 65  ? -19.951 3.271   -10.123 1.00 30.45 ? 65  TYR A N   1 
ATOM   374  C  CA  . TYR A 1 65  ? -19.151 3.733   -11.288 1.00 29.59 ? 65  TYR A CA  1 
ATOM   375  C  C   . TYR A 1 65  ? -19.198 5.251   -11.569 1.00 28.69 ? 65  TYR A C   1 
ATOM   376  O  O   . TYR A 1 65  ? -19.118 5.710   -12.730 1.00 28.83 ? 65  TYR A O   1 
ATOM   377  C  CB  . TYR A 1 65  ? -19.537 2.895   -12.526 1.00 29.18 ? 65  TYR A CB  1 
ATOM   378  C  CG  . TYR A 1 65  ? -19.175 1.425   -12.369 1.00 27.21 ? 65  TYR A CG  1 
ATOM   379  C  CD1 . TYR A 1 65  ? -17.856 1.035   -12.324 1.00 24.58 ? 65  TYR A CD1 1 
ATOM   380  C  CD2 . TYR A 1 65  ? -20.151 0.433   -12.243 1.00 30.20 ? 65  TYR A CD2 1 
ATOM   381  C  CE1 . TYR A 1 65  ? -17.499 -0.287  -12.192 1.00 28.22 ? 65  TYR A CE1 1 
ATOM   382  C  CE2 . TYR A 1 65  ? -19.789 -0.937  -12.090 1.00 27.99 ? 65  TYR A CE2 1 
ATOM   383  C  CZ  . TYR A 1 65  ? -18.455 -1.266  -12.076 1.00 31.00 ? 65  TYR A CZ  1 
ATOM   384  O  OH  . TYR A 1 65  ? -18.016 -2.573  -11.919 1.00 36.15 ? 65  TYR A OH  1 
ATOM   385  N  N   . LEU A 1 66  ? -19.347 6.043   -10.507 1.00 28.05 ? 66  LEU A N   1 
ATOM   386  C  CA  . LEU A 1 66  ? -19.358 7.527   -10.636 1.00 26.64 ? 66  LEU A CA  1 
ATOM   387  C  C   . LEU A 1 66  ? -17.996 8.202   -10.548 1.00 25.90 ? 66  LEU A C   1 
ATOM   388  O  O   . LEU A 1 66  ? -17.831 9.371   -10.910 1.00 24.45 ? 66  LEU A O   1 
ATOM   389  C  CB  . LEU A 1 66  ? -20.294 8.140   -9.603  1.00 27.47 ? 66  LEU A CB  1 
ATOM   390  C  CG  . LEU A 1 66  ? -21.754 7.777   -9.653  1.00 30.89 ? 66  LEU A CG  1 
ATOM   391  C  CD1 . LEU A 1 66  ? -22.337 8.518   -8.449  1.00 35.61 ? 66  LEU A CD1 1 
ATOM   392  C  CD2 . LEU A 1 66  ? -22.362 8.342   -10.986 1.00 32.09 ? 66  LEU A CD2 1 
ATOM   393  N  N   . GLY A 1 67  ? -16.985 7.489   -10.078 1.00 24.22 ? 67  GLY A N   1 
ATOM   394  C  CA  . GLY A 1 67  ? -15.692 8.165   -9.925  1.00 22.92 ? 67  GLY A CA  1 
ATOM   395  C  C   . GLY A 1 67  ? -15.647 8.905   -8.557  1.00 23.39 ? 67  GLY A C   1 
ATOM   396  O  O   . GLY A 1 67  ? -16.688 9.145   -7.940  1.00 21.94 ? 67  GLY A O   1 
ATOM   397  N  N   . ARG A 1 68  ? -14.448 9.215   -8.055  1.00 22.42 ? 68  ARG A N   1 
ATOM   398  C  CA  . ARG A 1 68  ? -14.350 10.092  -6.851  1.00 23.73 ? 68  ARG A CA  1 
ATOM   399  C  C   . ARG A 1 68  ? -13.269 11.114  -7.167  1.00 23.55 ? 68  ARG A C   1 
ATOM   400  O  O   . ARG A 1 68  ? -12.263 10.790  -7.793  1.00 24.17 ? 68  ARG A O   1 
ATOM   401  C  CB  . ARG A 1 68  ? -13.914 9.288   -5.599  1.00 22.90 ? 68  ARG A CB  1 
ATOM   402  C  CG  . ARG A 1 68  ? -14.826 8.168   -5.185  1.00 21.21 ? 68  ARG A CG  1 
ATOM   403  C  CD  . ARG A 1 68  ? -16.158 8.600   -4.634  1.00 22.26 ? 68  ARG A CD  1 
ATOM   404  N  NE  . ARG A 1 68  ? -16.887 7.419   -4.145  1.00 24.71 ? 68  ARG A NE  1 
ATOM   405  C  CZ  . ARG A 1 68  ? -17.707 6.666   -4.907  1.00 26.71 ? 68  ARG A CZ  1 
ATOM   406  N  NH1 . ARG A 1 68  ? -17.915 6.994   -6.182  1.00 26.08 ? 68  ARG A NH1 1 
ATOM   407  N  NH2 . ARG A 1 68  ? -18.296 5.588   -4.418  1.00 21.07 ? 68  ARG A NH2 1 
ATOM   408  N  N   . ASN A 1 69  ? -13.484 12.366  -6.813  1.00 24.68 ? 69  ASN A N   1 
ATOM   409  C  CA  . ASN A 1 69  ? -12.358 13.309  -6.794  1.00 24.29 ? 69  ASN A CA  1 
ATOM   410  C  C   . ASN A 1 69  ? -12.701 14.162  -5.609  1.00 24.15 ? 69  ASN A C   1 
ATOM   411  O  O   . ASN A 1 69  ? -13.249 15.282  -5.776  1.00 21.60 ? 69  ASN A O   1 
ATOM   412  C  CB  . ASN A 1 69  ? -12.318 14.165  -8.044  1.00 25.82 ? 69  ASN A CB  1 
ATOM   413  C  CG  . ASN A 1 69  ? -11.185 15.170  -8.019  1.00 25.30 ? 69  ASN A CG  1 
ATOM   414  O  OD1 . ASN A 1 69  ? -10.109 14.914  -7.490  1.00 28.46 ? 69  ASN A OD1 1 
ATOM   415  N  ND2 . ASN A 1 69  ? -11.414 16.312  -8.628  1.00 27.73 ? 69  ASN A ND2 1 
ATOM   416  N  N   . ASP A 1 70  ? -12.470 13.578  -4.434  1.00 21.93 ? 70  ASP A N   1 
ATOM   417  C  CA  . ASP A 1 70  ? -12.870 14.224  -3.159  1.00 22.39 ? 70  ASP A CA  1 
ATOM   418  C  C   . ASP A 1 70  ? -11.707 14.399  -2.200  1.00 21.54 ? 70  ASP A C   1 
ATOM   419  O  O   . ASP A 1 70  ? -10.778 13.572  -2.205  1.00 21.48 ? 70  ASP A O   1 
ATOM   420  C  CB  . ASP A 1 70  ? -13.879 13.364  -2.444  1.00 23.04 ? 70  ASP A CB  1 
ATOM   421  C  CG  . ASP A 1 70  ? -15.125 13.075  -3.288  1.00 22.28 ? 70  ASP A CG  1 
ATOM   422  O  OD1 . ASP A 1 70  ? -15.751 14.009  -3.772  1.00 25.07 ? 70  ASP A OD1 1 
ATOM   423  O  OD2 . ASP A 1 70  ? -15.485 11.904  -3.399  1.00 21.24 ? 70  ASP A OD2 1 
ATOM   424  N  N   . PRO A 1 71  ? -11.757 15.464  -1.369  1.00 22.17 ? 71  PRO A N   1 
ATOM   425  C  CA  . PRO A 1 71  ? -10.774 15.567  -0.302  1.00 21.92 ? 71  PRO A CA  1 
ATOM   426  C  C   . PRO A 1 71  ? -10.912 14.372  0.620   1.00 21.77 ? 71  PRO A C   1 
ATOM   427  O  O   . PRO A 1 71  ? -12.033 13.841  0.832   1.00 20.39 ? 71  PRO A O   1 
ATOM   428  C  CB  . PRO A 1 71  ? -11.213 16.823  0.480   1.00 22.95 ? 71  PRO A CB  1 
ATOM   429  C  CG  . PRO A 1 71  ? -11.981 17.673  -0.531  1.00 25.63 ? 71  PRO A CG  1 
ATOM   430  C  CD  . PRO A 1 71  ? -12.720 16.593  -1.351  1.00 20.88 ? 71  PRO A CD  1 
ATOM   431  N  N   . ALA A 1 72  ? -9.803  13.992  1.217   1.00 20.85 ? 72  ALA A N   1 
ATOM   432  C  CA  . ALA A 1 72  ? -9.816  12.860  2.147   1.00 21.58 ? 72  ALA A CA  1 
ATOM   433  C  C   . ALA A 1 72  ? -9.044  13.296  3.401   1.00 21.44 ? 72  ALA A C   1 
ATOM   434  O  O   . ALA A 1 72  ? -8.166  14.201  3.328   1.00 20.52 ? 72  ALA A O   1 
ATOM   435  C  CB  . ALA A 1 72  ? -9.190  11.553  1.470   1.00 19.84 ? 72  ALA A CB  1 
ATOM   436  N  N   . THR A 1 73  ? -9.370  12.690  4.543   1.00 20.96 ? 73  THR A N   1 
ATOM   437  C  CA  . THR A 1 73  ? -8.639  12.962  5.770   1.00 21.10 ? 73  THR A CA  1 
ATOM   438  C  C   . THR A 1 73  ? -7.919  11.724  6.210   1.00 20.59 ? 73  THR A C   1 
ATOM   439  O  O   . THR A 1 73  ? -8.465  10.616  6.099   1.00 20.30 ? 73  THR A O   1 
ATOM   440  C  CB  . THR A 1 73  ? -9.604  13.451  6.857   1.00 21.86 ? 73  THR A CB  1 
ATOM   441  O  OG1 . THR A 1 73  ? -10.287 14.592  6.351   1.00 22.17 ? 73  THR A OG1 1 
ATOM   442  C  CG2 . THR A 1 73  ? -8.877  13.830  8.169   1.00 24.47 ? 73  THR A CG2 1 
ATOM   443  N  N   . VAL A 1 74  ? -6.697  11.924  6.752   1.00 21.33 ? 74  VAL A N   1 
ATOM   444  C  CA  . VAL A 1 74  ? -5.883  10.875  7.284   1.00 19.78 ? 74  VAL A CA  1 
ATOM   445  C  C   . VAL A 1 74  ? -6.059  10.849  8.785   1.00 21.13 ? 74  VAL A C   1 
ATOM   446  O  O   . VAL A 1 74  ? -6.118  11.917  9.429   1.00 20.76 ? 74  VAL A O   1 
ATOM   447  C  CB  . VAL A 1 74  ? -4.404  11.033  6.843   1.00 21.95 ? 74  VAL A CB  1 
ATOM   448  C  CG1 . VAL A 1 74  ? -3.528  9.858   7.357   1.00 19.68 ? 74  VAL A CG1 1 
ATOM   449  C  CG2 . VAL A 1 74  ? -4.296  11.200  5.279   1.00 19.79 ? 74  VAL A CG2 1 
ATOM   450  N  N   . TYR A 1 75  ? -6.096  9.633   9.362   1.00 20.80 ? 75  TYR A N   1 
ATOM   451  C  CA  . TYR A 1 75  ? -6.171  9.468   10.810  1.00 20.05 ? 75  TYR A CA  1 
ATOM   452  C  C   . TYR A 1 75  ? -5.145  8.422   11.222  1.00 21.16 ? 75  TYR A C   1 
ATOM   453  O  O   . TYR A 1 75  ? -4.914  7.502   10.465  1.00 21.50 ? 75  TYR A O   1 
ATOM   454  C  CB  . TYR A 1 75  ? -7.551  8.987   11.228  1.00 19.20 ? 75  TYR A CB  1 
ATOM   455  C  CG  . TYR A 1 75  ? -8.707  9.922   10.794  1.00 20.09 ? 75  TYR A CG  1 
ATOM   456  C  CD1 . TYR A 1 75  ? -9.236  10.858  11.674  1.00 19.05 ? 75  TYR A CD1 1 
ATOM   457  C  CD2 . TYR A 1 75  ? -9.311  9.778   9.534   1.00 21.94 ? 75  TYR A CD2 1 
ATOM   458  C  CE1 . TYR A 1 75  ? -10.293 11.710  11.300  1.00 21.85 ? 75  TYR A CE1 1 
ATOM   459  C  CE2 . TYR A 1 75  ? -10.385 10.588  9.146   1.00 20.21 ? 75  TYR A CE2 1 
ATOM   460  C  CZ  . TYR A 1 75  ? -10.863 11.537  10.027  1.00 23.96 ? 75  TYR A CZ  1 
ATOM   461  O  OH  . TYR A 1 75  ? -11.896 12.307  9.601   1.00 24.61 ? 75  TYR A OH  1 
ATOM   462  N  N   . GLY A 1 76  ? -4.596  8.539   12.445  1.00 20.49 ? 76  GLY A N   1 
ATOM   463  C  CA  . GLY A 1 76  ? -3.581  7.635   12.973  1.00 22.47 ? 76  GLY A CA  1 
ATOM   464  C  C   . GLY A 1 76  ? -2.208  8.155   12.656  1.00 24.80 ? 76  GLY A C   1 
ATOM   465  O  O   . GLY A 1 76  ? -2.074  9.305   12.300  1.00 25.35 ? 76  GLY A O   1 
ATOM   466  N  N   . SER A 1 77  ? -1.194  7.303   12.765  1.00 27.50 ? 77  SER A N   1 
ATOM   467  C  CA  . SER A 1 77  ? 0.187   7.711   12.570  1.00 28.36 ? 77  SER A CA  1 
ATOM   468  C  C   . SER A 1 77  ? 0.836   7.047   11.388  1.00 29.53 ? 77  SER A C   1 
ATOM   469  O  O   . SER A 1 77  ? 0.259   6.129   10.799  1.00 28.70 ? 77  SER A O   1 
ATOM   470  C  CB  . SER A 1 77  ? 1.018   7.355   13.787  1.00 30.08 ? 77  SER A CB  1 
ATOM   471  O  OG  . SER A 1 77  ? 0.334   6.472   14.628  1.00 30.95 ? 77  SER A OG  1 
ATOM   472  N  N   . PRO A 1 78  ? 2.056   7.500   11.059  1.00 29.20 ? 78  PRO A N   1 
ATOM   473  C  CA  . PRO A 1 78  ? 2.844   6.889   10.025  1.00 29.00 ? 78  PRO A CA  1 
ATOM   474  C  C   . PRO A 1 78  ? 2.921   5.391   10.277  1.00 27.82 ? 78  PRO A C   1 
ATOM   475  O  O   . PRO A 1 78  ? 3.041   4.962   11.409  1.00 27.59 ? 78  PRO A O   1 
ATOM   476  C  CB  . PRO A 1 78  ? 4.207   7.595   10.157  1.00 29.92 ? 78  PRO A CB  1 
ATOM   477  C  CG  . PRO A 1 78  ? 3.799   9.040   10.590  1.00 27.54 ? 78  PRO A CG  1 
ATOM   478  C  CD  . PRO A 1 78  ? 2.682   8.734   11.589  1.00 29.91 ? 78  PRO A CD  1 
ATOM   479  N  N   . GLY A 1 79  ? 2.775   4.614   9.202   1.00 26.47 ? 79  GLY A N   1 
ATOM   480  C  CA  . GLY A 1 79  ? 2.655   3.154   9.280   1.00 26.22 ? 79  GLY A CA  1 
ATOM   481  C  C   . GLY A 1 79  ? 1.371   2.624   9.853   1.00 25.19 ? 79  GLY A C   1 
ATOM   482  O  O   . GLY A 1 79  ? 1.104   1.431   9.740   1.00 25.64 ? 79  GLY A O   1 
ATOM   483  N  N   . LYS A 1 80  ? 0.549   3.495   10.432  1.00 23.97 ? 80  LYS A N   1 
ATOM   484  C  CA  . LYS A 1 80  ? -0.641  3.032   11.124  1.00 24.43 ? 80  LYS A CA  1 
ATOM   485  C  C   . LYS A 1 80  ? -1.793  3.955   10.884  1.00 22.70 ? 80  LYS A C   1 
ATOM   486  O  O   . LYS A 1 80  ? -2.354  4.488   11.834  1.00 21.58 ? 80  LYS A O   1 
ATOM   487  C  CB  . LYS A 1 80  ? -0.423  2.885   12.649  1.00 24.85 ? 80  LYS A CB  1 
ATOM   488  C  CG  . LYS A 1 80  ? 0.709   1.920   13.008  1.00 30.49 ? 80  LYS A CG  1 
ATOM   489  C  CD  . LYS A 1 80  ? 1.238   2.224   14.415  1.00 40.68 ? 80  LYS A CD  1 
ATOM   490  C  CE  . LYS A 1 80  ? 0.658   1.237   15.435  1.00 45.95 ? 80  LYS A CE  1 
ATOM   491  N  NZ  . LYS A 1 80  ? 1.352   1.317   16.778  1.00 52.47 ? 80  LYS A NZ  1 
ATOM   492  N  N   . TYR A 1 81  ? -2.219  4.088   9.614   1.00 21.35 ? 81  TYR A N   1 
ATOM   493  C  CA  . TYR A 1 81  ? -3.200  5.106   9.346   1.00 20.45 ? 81  TYR A CA  1 
ATOM   494  C  C   . TYR A 1 81  ? -4.364  4.563   8.499   1.00 19.72 ? 81  TYR A C   1 
ATOM   495  O  O   . TYR A 1 81  ? -4.288  3.482   7.913   1.00 18.95 ? 81  TYR A O   1 
ATOM   496  C  CB  . TYR A 1 81  ? -2.514  6.324   8.661   1.00 19.76 ? 81  TYR A CB  1 
ATOM   497  C  CG  . TYR A 1 81  ? -1.860  5.953   7.359   1.00 18.27 ? 81  TYR A CG  1 
ATOM   498  C  CD1 . TYR A 1 81  ? -2.622  5.820   6.192   1.00 20.66 ? 81  TYR A CD1 1 
ATOM   499  C  CD2 . TYR A 1 81  ? -0.478  5.705   7.282   1.00 19.82 ? 81  TYR A CD2 1 
ATOM   500  C  CE1 . TYR A 1 81  ? -2.015  5.475   4.946   1.00 19.56 ? 81  TYR A CE1 1 
ATOM   501  C  CE2 . TYR A 1 81  ? 0.131   5.344   6.067   1.00 19.30 ? 81  TYR A CE2 1 
ATOM   502  C  CZ  . TYR A 1 81  ? -0.642  5.234   4.908   1.00 20.47 ? 81  TYR A CZ  1 
ATOM   503  O  OH  . TYR A 1 81  ? -0.059  4.857   3.711   1.00 19.91 ? 81  TYR A OH  1 
ATOM   504  N  N   . VAL A 1 82  ? -5.425  5.338   8.459   1.00 20.01 ? 82  VAL A N   1 
ATOM   505  C  CA  . VAL A 1 82  ? -6.564  5.058   7.602   1.00 21.68 ? 82  VAL A CA  1 
ATOM   506  C  C   . VAL A 1 82  ? -6.899  6.368   6.962   1.00 21.30 ? 82  VAL A C   1 
ATOM   507  O  O   . VAL A 1 82  ? -6.776  7.425   7.589   1.00 21.61 ? 82  VAL A O   1 
ATOM   508  C  CB  . VAL A 1 82  ? -7.813  4.580   8.464   1.00 25.10 ? 82  VAL A CB  1 
ATOM   509  C  CG1 . VAL A 1 82  ? -8.048  5.451   9.666   1.00 23.92 ? 82  VAL A CG1 1 
ATOM   510  C  CG2 . VAL A 1 82  ? -9.071  4.614   7.713   1.00 27.55 ? 82  VAL A CG2 1 
ATOM   511  N  N   . VAL A 1 83  ? -7.342  6.289   5.716   1.00 19.85 ? 83  VAL A N   1 
ATOM   512  C  CA  . VAL A 1 83  ? -7.690  7.437   4.958   1.00 18.97 ? 83  VAL A CA  1 
ATOM   513  C  C   . VAL A 1 83  ? -9.194  7.404   4.643   1.00 19.03 ? 83  VAL A C   1 
ATOM   514  O  O   . VAL A 1 83  ? -9.723  6.368   4.269   1.00 16.58 ? 83  VAL A O   1 
ATOM   515  C  CB  . VAL A 1 83  ? -6.931  7.483   3.643   1.00 17.21 ? 83  VAL A CB  1 
ATOM   516  C  CG1 . VAL A 1 83  ? -7.287  8.793   2.923   1.00 20.49 ? 83  VAL A CG1 1 
ATOM   517  C  CG2 . VAL A 1 83  ? -5.399  7.431   3.853   1.00 17.33 ? 83  VAL A CG2 1 
ATOM   518  N  N   . VAL A 1 84  ? -9.867  8.538   4.812   1.00 18.99 ? 84  VAL A N   1 
ATOM   519  C  CA  . VAL A 1 84  ? -11.328 8.552   4.780   1.00 19.52 ? 84  VAL A CA  1 
ATOM   520  C  C   . VAL A 1 84  ? -11.747 9.706   3.832   1.00 20.53 ? 84  VAL A C   1 
ATOM   521  O  O   . VAL A 1 84  ? -11.314 10.848  3.977   1.00 20.23 ? 84  VAL A O   1 
ATOM   522  C  CB  . VAL A 1 84  ? -11.965 8.725   6.184   1.00 19.47 ? 84  VAL A CB  1 
ATOM   523  C  CG1 . VAL A 1 84  ? -13.544 8.756   6.133   1.00 22.38 ? 84  VAL A CG1 1 
ATOM   524  C  CG2 . VAL A 1 84  ? -11.498 7.603   7.171   1.00 20.25 ? 84  VAL A CG2 1 
ATOM   525  N  N   . ASN A 1 85  ? -12.547 9.359   2.835   1.00 20.65 ? 85  ASN A N   1 
ATOM   526  C  CA  . ASN A 1 85  ? -13.212 10.322  1.956   1.00 21.06 ? 85  ASN A CA  1 
ATOM   527  C  C   . ASN A 1 85  ? -14.155 11.228  2.772   1.00 20.94 ? 85  ASN A C   1 
ATOM   528  O  O   . ASN A 1 85  ? -15.093 10.743  3.448   1.00 21.15 ? 85  ASN A O   1 
ATOM   529  C  CB  . ASN A 1 85  ? -13.956 9.521   0.819   1.00 21.23 ? 85  ASN A CB  1 
ATOM   530  C  CG  . ASN A 1 85  ? -14.661 10.436  -0.233  1.00 20.81 ? 85  ASN A CG  1 
ATOM   531  O  OD1 . ASN A 1 85  ? -15.264 11.404  0.134   1.00 18.00 ? 85  ASN A OD1 1 
ATOM   532  N  ND2 . ASN A 1 85  ? -14.579 10.079  -1.534  1.00 20.58 ? 85  ASN A ND2 1 
ATOM   533  N  N   . ASP A 1 86  ? -13.900 12.527  2.704   1.00 20.86 ? 86  ASP A N   1 
ATOM   534  C  CA  . ASP A 1 86  ? -14.626 13.558  3.437   1.00 22.11 ? 86  ASP A CA  1 
ATOM   535  C  C   . ASP A 1 86  ? -16.070 13.695  2.986   1.00 23.89 ? 86  ASP A C   1 
ATOM   536  O  O   . ASP A 1 86  ? -16.941 14.125  3.801   1.00 24.71 ? 86  ASP A O   1 
ATOM   537  C  CB  . ASP A 1 86  ? -13.966 14.971  3.281   1.00 22.29 ? 86  ASP A CB  1 
ATOM   538  C  CG  . ASP A 1 86  ? -12.568 15.091  3.977   1.00 21.47 ? 86  ASP A CG  1 
ATOM   539  O  OD1 . ASP A 1 86  ? -12.131 14.176  4.701   1.00 23.28 ? 86  ASP A OD1 1 
ATOM   540  O  OD2 . ASP A 1 86  ? -11.857 16.097  3.751   1.00 24.93 ? 86  ASP A OD2 1 
ATOM   541  N  N   . ARG A 1 87  ? -16.359 13.409  1.713   1.00 24.12 ? 87  ARG A N   1 
ATOM   542  C  CA  . ARG A 1 87  ? -17.762 13.583  1.223   1.00 26.04 ? 87  ARG A CA  1 
ATOM   543  C  C   . ARG A 1 87  ? -18.556 12.304  1.512   1.00 26.85 ? 87  ARG A C   1 
ATOM   544  O  O   . ARG A 1 87  ? -19.681 12.352  2.009   1.00 27.97 ? 87  ARG A O   1 
ATOM   545  C  CB  . ARG A 1 87  ? -17.795 13.986  -0.256  1.00 26.57 ? 87  ARG A CB  1 
ATOM   546  C  CG  . ARG A 1 87  ? -19.240 14.262  -0.839  1.00 27.90 ? 87  ARG A CG  1 
ATOM   547  C  CD  . ARG A 1 87  ? -19.230 14.611  -2.330  1.00 26.51 ? 87  ARG A CD  1 
ATOM   548  N  NE  . ARG A 1 87  ? -18.530 13.597  -3.112  1.00 26.40 ? 87  ARG A NE  1 
ATOM   549  C  CZ  . ARG A 1 87  ? -19.076 12.464  -3.584  1.00 27.66 ? 87  ARG A CZ  1 
ATOM   550  N  NH1 . ARG A 1 87  ? -20.360 12.140  -3.369  1.00 25.15 ? 87  ARG A NH1 1 
ATOM   551  N  NH2 . ARG A 1 87  ? -18.301 11.611  -4.221  1.00 24.05 ? 87  ARG A NH2 1 
ATOM   552  N  N   . THR A 1 88  ? -17.955 11.144  1.300   1.00 26.67 ? 88  THR A N   1 
ATOM   553  C  CA  . THR A 1 88  ? -18.741 9.905   1.388   1.00 26.69 ? 88  THR A CA  1 
ATOM   554  C  C   . THR A 1 88  ? -18.592 9.113   2.713   1.00 27.27 ? 88  THR A C   1 
ATOM   555  O  O   . THR A 1 88  ? -19.385 8.189   3.018   1.00 26.94 ? 88  THR A O   1 
ATOM   556  C  CB  . THR A 1 88  ? -18.432 8.983   0.211   1.00 28.13 ? 88  THR A CB  1 
ATOM   557  O  OG1 . THR A 1 88  ? -17.108 8.460   0.362   1.00 25.96 ? 88  THR A OG1 1 
ATOM   558  C  CG2 . THR A 1 88  ? -18.532 9.752   -1.158  1.00 27.00 ? 88  THR A CG2 1 
ATOM   559  N  N   . GLY A 1 89  ? -17.557 9.437   3.472   1.00 25.10 ? 89  GLY A N   1 
ATOM   560  C  CA  . GLY A 1 89  ? -17.230 8.656   4.616   1.00 24.71 ? 89  GLY A CA  1 
ATOM   561  C  C   . GLY A 1 89  ? -16.632 7.301   4.278   1.00 23.84 ? 89  GLY A C   1 
ATOM   562  O  O   . GLY A 1 89  ? -16.482 6.470   5.173   1.00 23.88 ? 89  GLY A O   1 
ATOM   563  N  N   . GLU A 1 90  ? -16.215 7.074   3.032   1.00 24.19 ? 90  GLU A N   1 
ATOM   564  C  CA  . GLU A 1 90  ? -15.610 5.772   2.691   1.00 23.98 ? 90  GLU A CA  1 
ATOM   565  C  C   . GLU A 1 90  ? -14.127 5.740   3.141   1.00 22.92 ? 90  GLU A C   1 
ATOM   566  O  O   . GLU A 1 90  ? -13.341 6.621   2.797   1.00 21.84 ? 90  GLU A O   1 
ATOM   567  C  CB  . GLU A 1 90  ? -15.655 5.485   1.162   1.00 25.11 ? 90  GLU A CB  1 
ATOM   568  C  CG  . GLU A 1 90  ? -17.030 5.451   0.456   1.00 29.40 ? 90  GLU A CG  1 
ATOM   569  C  CD  . GLU A 1 90  ? -16.877 5.651   -1.046  1.00 32.91 ? 90  GLU A CD  1 
ATOM   570  O  OE1 . GLU A 1 90  ? -16.662 6.803   -1.448  1.00 29.41 ? 90  GLU A OE1 1 
ATOM   571  O  OE2 . GLU A 1 90  ? -16.905 4.660   -1.813  1.00 38.80 ? 90  GLU A OE2 1 
ATOM   572  N  N   . VAL A 1 91  ? -13.729 4.684   3.833   1.00 21.57 ? 91  VAL A N   1 
ATOM   573  C  CA  . VAL A 1 91  ? -12.349 4.398   4.033   1.00 22.58 ? 91  VAL A CA  1 
ATOM   574  C  C   . VAL A 1 91  ? -11.660 3.991   2.698   1.00 23.94 ? 91  VAL A C   1 
ATOM   575  O  O   . VAL A 1 91  ? -12.087 3.037   2.063   1.00 24.70 ? 91  VAL A O   1 
ATOM   576  C  CB  . VAL A 1 91  ? -12.212 3.246   5.061   1.00 23.01 ? 91  VAL A CB  1 
ATOM   577  C  CG1 . VAL A 1 91  ? -10.717 2.813   5.161   1.00 22.06 ? 91  VAL A CG1 1 
ATOM   578  C  CG2 . VAL A 1 91  ? -12.764 3.722   6.355   1.00 21.81 ? 91  VAL A CG2 1 
ATOM   579  N  N   . THR A 1 92  ? -10.666 4.726   2.227   1.00 21.40 ? 92  THR A N   1 
ATOM   580  C  CA  . THR A 1 92  ? -10.076 4.401   0.944   1.00 21.99 ? 92  THR A CA  1 
ATOM   581  C  C   . THR A 1 92  ? -8.745  3.666   1.066   1.00 22.68 ? 92  THR A C   1 
ATOM   582  O  O   . THR A 1 92  ? -8.357  3.003   0.135   1.00 20.15 ? 92  THR A O   1 
ATOM   583  C  CB  . THR A 1 92  ? -9.840  5.684   0.121   1.00 23.23 ? 92  THR A CB  1 
ATOM   584  O  OG1 . THR A 1 92  ? -9.047  6.584   0.891   1.00 20.23 ? 92  THR A OG1 1 
ATOM   585  C  CG2 . THR A 1 92  ? -11.209 6.415   -0.134  1.00 22.49 ? 92  THR A CG2 1 
ATOM   586  N  N   . GLN A 1 93  ? -8.066  3.754   2.230   1.00 21.41 ? 93  GLN A N   1 
ATOM   587  C  CA  . GLN A 1 93  ? -6.789  3.067   2.405   1.00 22.10 ? 93  GLN A CA  1 
ATOM   588  C  C   . GLN A 1 93  ? -6.574  2.694   3.850   1.00 20.71 ? 93  GLN A C   1 
ATOM   589  O  O   . GLN A 1 93  ? -6.915  3.434   4.723   1.00 20.23 ? 93  GLN A O   1 
ATOM   590  C  CB  . GLN A 1 93  ? -5.594  3.957   2.035   1.00 21.92 ? 93  GLN A CB  1 
ATOM   591  C  CG  . GLN A 1 93  ? -5.799  4.755   0.823   1.00 28.11 ? 93  GLN A CG  1 
ATOM   592  C  CD  . GLN A 1 93  ? -4.644  5.677   0.535   1.00 36.50 ? 93  GLN A CD  1 
ATOM   593  O  OE1 . GLN A 1 93  ? -3.440  5.354   0.810   1.00 37.98 ? 93  GLN A OE1 1 
ATOM   594  N  NE2 . GLN A 1 93  ? -4.987  6.852   -0.018  1.00 33.38 ? 93  GLN A NE2 1 
ATOM   595  N  N   . ILE A 1 94  ? -5.882  1.583   4.092   1.00 20.55 ? 94  ILE A N   1 
ATOM   596  C  CA  . ILE A 1 94  ? -5.429  1.314   5.442   1.00 19.23 ? 94  ILE A CA  1 
ATOM   597  C  C   . ILE A 1 94  ? -4.025  0.803   5.314   1.00 19.42 ? 94  ILE A C   1 
ATOM   598  O  O   . ILE A 1 94  ? -3.714  0.090   4.387   1.00 20.27 ? 94  ILE A O   1 
ATOM   599  C  CB  . ILE A 1 94  ? -6.311  0.244   6.133   1.00 19.31 ? 94  ILE A CB  1 
ATOM   600  C  CG1 . ILE A 1 94  ? -6.314  -1.102  5.350   1.00 18.61 ? 94  ILE A CG1 1 
ATOM   601  C  CG2 . ILE A 1 94  ? -7.756  0.804   6.378   1.00 18.90 ? 94  ILE A CG2 1 
ATOM   602  C  CD1 . ILE A 1 94  ? -7.120  -2.259  6.164   1.00 22.37 ? 94  ILE A CD1 1 
ATOM   603  N  N   . SER A 1 95  ? -3.146  1.179   6.229   1.00 19.99 ? 95  SER A N   1 
ATOM   604  C  CA  . SER A 1 95  ? -1.762  0.833   6.050   1.00 19.58 ? 95  SER A CA  1 
ATOM   605  C  C   . SER A 1 95  ? -1.696  -0.547  6.615   1.00 19.61 ? 95  SER A C   1 
ATOM   606  O  O   . SER A 1 95  ? -2.635  -1.014  7.252   1.00 19.70 ? 95  SER A O   1 
ATOM   607  C  CB  . SER A 1 95  ? -0.844  1.750   6.867   1.00 18.60 ? 95  SER A CB  1 
ATOM   608  O  OG  . SER A 1 95  ? -1.240  1.720   8.218   1.00 20.06 ? 95  SER A OG  1 
ATOM   609  N  N   . ASP A 1 96  ? -0.585  -1.202  6.366   1.00 21.99 ? 96  ASP A N   1 
ATOM   610  C  CA  . ASP A 1 96  ? -0.311  -2.482  7.037   1.00 23.50 ? 96  ASP A CA  1 
ATOM   611  C  C   . ASP A 1 96  ? 0.458   -2.276  8.364   1.00 24.38 ? 96  ASP A C   1 
ATOM   612  O  O   . ASP A 1 96  ? 1.714   -2.185  8.355   1.00 23.13 ? 96  ASP A O   1 
ATOM   613  C  CB  . ASP A 1 96  ? 0.418   -3.441  6.068   1.00 23.44 ? 96  ASP A CB  1 
ATOM   614  C  CG  . ASP A 1 96  ? 0.536   -4.863  6.627   1.00 23.32 ? 96  ASP A CG  1 
ATOM   615  O  OD1 . ASP A 1 96  ? 0.376   -4.953  7.851   1.00 24.90 ? 96  ASP A OD1 1 
ATOM   616  O  OD2 . ASP A 1 96  ? 0.840   -5.826  5.858   1.00 24.81 ? 96  ASP A OD2 1 
ATOM   617  N  N   . LYS A 1 97  ? -0.306  -2.227  9.478   1.00 25.98 ? 97  LYS A N   1 
ATOM   618  C  CA  . LYS A 1 97  ? 0.229   -1.996  10.852  1.00 29.16 ? 97  LYS A CA  1 
ATOM   619  C  C   . LYS A 1 97  ? 1.192   -3.107  11.222  1.00 31.52 ? 97  LYS A C   1 
ATOM   620  O  O   . LYS A 1 97  ? 1.950   -3.008  12.150  1.00 32.58 ? 97  LYS A O   1 
ATOM   621  C  CB  . LYS A 1 97  ? -0.878  -1.966  11.916  1.00 28.00 ? 97  LYS A CB  1 
ATOM   622  C  CG  . LYS A 1 97  ? -1.849  -0.827  11.751  1.00 28.76 ? 97  LYS A CG  1 
ATOM   623  C  CD  . LYS A 1 97  ? -2.629  -0.558  12.986  1.00 30.15 ? 97  LYS A CD  1 
ATOM   624  C  CE  . LYS A 1 97  ? -3.395  -1.756  13.422  1.00 32.85 ? 97  LYS A CE  1 
ATOM   625  N  NZ  . LYS A 1 97  ? -4.145  -1.394  14.569  1.00 30.35 ? 97  LYS A NZ  1 
ATOM   626  N  N   . THR A 1 98  ? 1.123   -4.183  10.468  1.00 33.89 ? 98  THR A N   1 
ATOM   627  C  CA  . THR A 1 98  ? 1.714   -5.424  10.849  1.00 35.27 ? 98  THR A CA  1 
ATOM   628  C  C   . THR A 1 98  ? 3.064   -5.496  10.129  1.00 37.18 ? 98  THR A C   1 
ATOM   629  O  O   . THR A 1 98  ? 3.849   -6.459  10.336  1.00 37.61 ? 98  THR A O   1 
ATOM   630  C  CB  . THR A 1 98  ? 0.695   -6.457  10.359  1.00 36.50 ? 98  THR A CB  1 
ATOM   631  O  OG1 . THR A 1 98  ? -0.127  -6.943  11.431  1.00 37.90 ? 98  THR A OG1 1 
ATOM   632  C  CG2 . THR A 1 98  ? 1.257   -7.450  9.638   1.00 33.04 ? 98  THR A CG2 1 
ATOM   633  N  N   . ASP A 1 99  ? 3.343   -4.502  9.262   1.00 36.21 ? 99  ASP A N   1 
ATOM   634  C  CA  . ASP A 1 99  ? 4.586   -4.497  8.489   1.00 36.18 ? 99  ASP A CA  1 
ATOM   635  C  C   . ASP A 1 99  ? 5.436   -3.310  8.948   1.00 37.10 ? 99  ASP A C   1 
ATOM   636  O  O   . ASP A 1 99  ? 5.182   -2.186  8.554   1.00 35.27 ? 99  ASP A O   1 
ATOM   637  C  CB  . ASP A 1 99  ? 4.327   -4.439  6.960   1.00 35.79 ? 99  ASP A CB  1 
ATOM   638  C  CG  . ASP A 1 99  ? 5.615   -4.408  6.134   1.00 36.45 ? 99  ASP A CG  1 
ATOM   639  O  OD1 . ASP A 1 99  ? 6.715   -4.359  6.698   1.00 39.94 ? 99  ASP A OD1 1 
ATOM   640  O  OD2 . ASP A 1 99  ? 5.559   -4.445  4.894   1.00 40.27 ? 99  ASP A OD2 1 
ATOM   641  N  N   . PRO A 1 100 ? 6.470   -3.576  9.776   1.00 39.03 ? 100 PRO A N   1 
ATOM   642  C  CA  . PRO A 1 100 ? 7.313   -2.479  10.295  1.00 39.75 ? 100 PRO A CA  1 
ATOM   643  C  C   . PRO A 1 100 ? 7.894   -1.616  9.171   1.00 39.26 ? 100 PRO A C   1 
ATOM   644  O  O   . PRO A 1 100 ? 8.221   -0.435  9.416   1.00 40.25 ? 100 PRO A O   1 
ATOM   645  C  CB  . PRO A 1 100 ? 8.443   -3.218  11.051  1.00 40.25 ? 100 PRO A CB  1 
ATOM   646  C  CG  . PRO A 1 100 ? 7.918   -4.601  11.270  1.00 39.97 ? 100 PRO A CG  1 
ATOM   647  C  CD  . PRO A 1 100 ? 7.029   -4.904  10.106  1.00 38.65 ? 100 PRO A CD  1 
ATOM   648  N  N   . GLY A 1 101 ? 7.971   -2.185  7.964   1.00 38.32 ? 101 GLY A N   1 
ATOM   649  C  CA  . GLY A 1 101 ? 8.468   -1.492  6.743   1.00 36.12 ? 101 GLY A CA  1 
ATOM   650  C  C   . GLY A 1 101 ? 7.438   -0.967  5.725   1.00 34.88 ? 101 GLY A C   1 
ATOM   651  O  O   . GLY A 1 101 ? 7.798   -0.599  4.584   1.00 33.26 ? 101 GLY A O   1 
ATOM   652  N  N   . TRP A 1 102 ? 6.160   -0.912  6.131   1.00 32.50 ? 102 TRP A N   1 
ATOM   653  C  CA  . TRP A 1 102 ? 5.117   -0.302  5.323   1.00 30.48 ? 102 TRP A CA  1 
ATOM   654  C  C   . TRP A 1 102 ? 5.617   1.038   4.800   1.00 29.66 ? 102 TRP A C   1 
ATOM   655  O  O   . TRP A 1 102 ? 6.126   1.810   5.574   1.00 29.41 ? 102 TRP A O   1 
ATOM   656  C  CB  . TRP A 1 102 ? 3.891   -0.018  6.183   1.00 29.53 ? 102 TRP A CB  1 
ATOM   657  C  CG  . TRP A 1 102 ? 2.853   0.703   5.366   1.00 30.42 ? 102 TRP A CG  1 
ATOM   658  C  CD1 . TRP A 1 102 ? 2.577   2.042   5.361   1.00 29.49 ? 102 TRP A CD1 1 
ATOM   659  C  CD2 . TRP A 1 102 ? 1.984   0.109   4.399   1.00 26.84 ? 102 TRP A CD2 1 
ATOM   660  N  NE1 . TRP A 1 102 ? 1.545   2.317   4.492   1.00 29.16 ? 102 TRP A NE1 1 
ATOM   661  C  CE2 . TRP A 1 102 ? 1.161   1.146   3.885   1.00 28.01 ? 102 TRP A CE2 1 
ATOM   662  C  CE3 . TRP A 1 102 ? 1.789   -1.211  3.952   1.00 26.83 ? 102 TRP A CE3 1 
ATOM   663  C  CZ2 . TRP A 1 102 ? 0.174   0.917   2.907   1.00 24.49 ? 102 TRP A CZ2 1 
ATOM   664  C  CZ3 . TRP A 1 102 ? 0.787   -1.453  2.988   1.00 25.96 ? 102 TRP A CZ3 1 
ATOM   665  C  CH2 . TRP A 1 102 ? 0.001   -0.387  2.475   1.00 26.70 ? 102 TRP A CH2 1 
ATOM   666  N  N   . VAL A 1 103 ? 5.513   1.301   3.501   1.00 29.32 ? 103 VAL A N   1 
ATOM   667  C  CA  . VAL A 1 103 ? 5.888   2.601   2.950   1.00 28.79 ? 103 VAL A CA  1 
ATOM   668  C  C   . VAL A 1 103 ? 4.646   3.520   2.953   1.00 29.07 ? 103 VAL A C   1 
ATOM   669  O  O   . VAL A 1 103 ? 3.669   3.252   2.264   1.00 27.38 ? 103 VAL A O   1 
ATOM   670  C  CB  . VAL A 1 103 ? 6.476   2.425   1.558   1.00 28.93 ? 103 VAL A CB  1 
ATOM   671  C  CG1 . VAL A 1 103 ? 6.636   3.779   0.836   1.00 29.35 ? 103 VAL A CG1 1 
ATOM   672  C  CG2 . VAL A 1 103 ? 7.875   1.645   1.662   1.00 29.67 ? 103 VAL A CG2 1 
ATOM   673  N  N   . ASP A 1 104 ? 4.676   4.598   3.734   1.00 29.62 ? 104 ASP A N   1 
ATOM   674  C  CA  . ASP A 1 104 ? 3.512   5.485   3.768   1.00 31.18 ? 104 ASP A CA  1 
ATOM   675  C  C   . ASP A 1 104 ? 3.261   6.068   2.382   1.00 31.21 ? 104 ASP A C   1 
ATOM   676  O  O   . ASP A 1 104 ? 4.208   6.327   1.622   1.00 32.11 ? 104 ASP A O   1 
ATOM   677  C  CB  . ASP A 1 104 ? 3.643   6.617   4.825   1.00 32.65 ? 104 ASP A CB  1 
ATOM   678  C  CG  . ASP A 1 104 ? 3.685   6.094   6.298   1.00 35.70 ? 104 ASP A CG  1 
ATOM   679  O  OD1 . ASP A 1 104 ? 3.352   4.940   6.599   1.00 38.83 ? 104 ASP A OD1 1 
ATOM   680  O  OD2 . ASP A 1 104 ? 4.041   6.867   7.189   1.00 44.05 ? 104 ASP A OD2 1 
ATOM   681  N  N   . ASP A 1 105 ? 1.990   6.270   2.033   1.00 29.46 ? 105 ASP A N   1 
ATOM   682  C  CA  . ASP A 1 105 ? 1.641   6.994   0.845   1.00 28.99 ? 105 ASP A CA  1 
ATOM   683  C  C   . ASP A 1 105 ? 2.246   8.431   0.914   1.00 29.85 ? 105 ASP A C   1 
ATOM   684  O  O   . ASP A 1 105 ? 1.812   9.275   1.694   1.00 26.45 ? 105 ASP A O   1 
ATOM   685  C  CB  . ASP A 1 105 ? 0.101   7.028   0.726   1.00 29.61 ? 105 ASP A CB  1 
ATOM   686  C  CG  . ASP A 1 105 ? -0.387  7.774   -0.503  1.00 28.86 ? 105 ASP A CG  1 
ATOM   687  O  OD1 . ASP A 1 105 ? 0.454   8.371   -1.213  1.00 25.50 ? 105 ASP A OD1 1 
ATOM   688  O  OD2 . ASP A 1 105 ? -1.604  7.718   -0.751  1.00 32.44 ? 105 ASP A OD2 1 
ATOM   689  N  N   . SER A 1 106 ? 3.241   8.679   0.064   1.00 31.62 ? 106 SER A N   1 
ATOM   690  C  CA  . SER A 1 106 ? 3.976   9.960   -0.030  1.00 33.53 ? 106 SER A CA  1 
ATOM   691  C  C   . SER A 1 106 ? 3.080   11.160  -0.280  1.00 33.52 ? 106 SER A C   1 
ATOM   692  O  O   . SER A 1 106 ? 3.460   12.281  0.015   1.00 35.27 ? 106 SER A O   1 
ATOM   693  C  CB  . SER A 1 106 ? 4.992   9.896   -1.198  1.00 33.34 ? 106 SER A CB  1 
ATOM   694  O  OG  . SER A 1 106 ? 4.253   9.931   -2.441  1.00 33.23 ? 106 SER A OG  1 
ATOM   695  N  N   . ARG A 1 107 ? 1.923   10.928  -0.873  1.00 33.71 ? 107 ARG A N   1 
ATOM   696  C  CA  . ARG A 1 107 ? 0.929   11.976  -1.109  1.00 33.37 ? 107 ARG A CA  1 
ATOM   697  C  C   . ARG A 1 107 ? 0.197   12.550  0.140   1.00 31.26 ? 107 ARG A C   1 
ATOM   698  O  O   . ARG A 1 107 ? -0.432  13.625  0.082   1.00 31.19 ? 107 ARG A O   1 
ATOM   699  C  CB  . ARG A 1 107 ? -0.082  11.496  -2.125  1.00 33.61 ? 107 ARG A CB  1 
ATOM   700  C  CG  . ARG A 1 107 ? 0.592   10.920  -3.391  1.00 39.39 ? 107 ARG A CG  1 
ATOM   701  C  CD  . ARG A 1 107 ? -0.415  10.313  -4.348  1.00 42.74 ? 107 ARG A CD  1 
ATOM   702  N  NE  . ARG A 1 107 ? -0.914  8.998   -3.911  1.00 46.42 ? 107 ARG A NE  1 
ATOM   703  C  CZ  . ARG A 1 107 ? -2.187  8.751   -3.579  1.00 46.51 ? 107 ARG A CZ  1 
ATOM   704  N  NH1 . ARG A 1 107 ? -3.102  9.720   -3.620  1.00 52.24 ? 107 ARG A NH1 1 
ATOM   705  N  NH2 . ARG A 1 107 ? -2.563  7.546   -3.213  1.00 39.83 ? 107 ARG A NH2 1 
ATOM   706  N  N   . ILE A 1 108 ? 0.274   11.857  1.259   1.00 27.89 ? 108 ILE A N   1 
ATOM   707  C  CA  . ILE A 1 108 ? -0.381  12.372  2.475   1.00 25.39 ? 108 ILE A CA  1 
ATOM   708  C  C   . ILE A 1 108 ? 0.327   13.645  2.920   1.00 25.13 ? 108 ILE A C   1 
ATOM   709  O  O   . ILE A 1 108 ? 1.532   13.656  2.935   1.00 24.99 ? 108 ILE A O   1 
ATOM   710  C  CB  . ILE A 1 108 ? -0.314  11.344  3.585   1.00 22.45 ? 108 ILE A CB  1 
ATOM   711  C  CG1 . ILE A 1 108 ? -1.251  10.212  3.184   1.00 21.15 ? 108 ILE A CG1 1 
ATOM   712  C  CG2 . ILE A 1 108 ? -0.731  11.990  4.894   1.00 20.51 ? 108 ILE A CG2 1 
ATOM   713  C  CD1 . ILE A 1 108 ? -1.075  8.902   4.023   1.00 19.83 ? 108 ILE A CD1 1 
ATOM   714  N  N   . GLN A 1 109 ? -0.392  14.714  3.222   1.00 25.22 ? 109 GLN A N   1 
ATOM   715  C  CA  . GLN A 1 109 ? 0.276   15.866  3.889   1.00 26.83 ? 109 GLN A CA  1 
ATOM   716  C  C   . GLN A 1 109 ? 0.041   15.725  5.408   1.00 24.88 ? 109 GLN A C   1 
ATOM   717  O  O   . GLN A 1 109 ? -1.055  15.975  5.857   1.00 23.01 ? 109 GLN A O   1 
ATOM   718  C  CB  . GLN A 1 109 ? -0.295  17.207  3.418   1.00 25.71 ? 109 GLN A CB  1 
ATOM   719  C  CG  . GLN A 1 109 ? -0.187  17.463  1.915   1.00 32.56 ? 109 GLN A CG  1 
ATOM   720  C  CD  . GLN A 1 109 ? -1.055  18.690  1.518   1.00 39.42 ? 109 GLN A CD  1 
ATOM   721  O  OE1 . GLN A 1 109 ? -2.210  18.549  1.062   1.00 40.33 ? 109 GLN A OE1 1 
ATOM   722  N  NE2 . GLN A 1 109 ? -0.513  19.884  1.744   1.00 37.50 ? 109 GLN A NE2 1 
ATOM   723  N  N   . TRP A 1 110 ? 1.065   15.330  6.163   1.00 24.67 ? 110 TRP A N   1 
ATOM   724  C  CA  . TRP A 1 110 ? 0.949   15.102  7.605   1.00 26.31 ? 110 TRP A CA  1 
ATOM   725  C  C   . TRP A 1 110 ? 0.902   16.431  8.401   1.00 28.41 ? 110 TRP A C   1 
ATOM   726  O  O   . TRP A 1 110 ? 1.612   17.370  8.045   1.00 26.53 ? 110 TRP A O   1 
ATOM   727  C  CB  . TRP A 1 110 ? 2.156   14.300  8.085   1.00 25.93 ? 110 TRP A CB  1 
ATOM   728  C  CG  . TRP A 1 110 ? 2.119   12.875  7.580   1.00 25.57 ? 110 TRP A CG  1 
ATOM   729  C  CD1 . TRP A 1 110 ? 2.830   12.336  6.524   1.00 23.94 ? 110 TRP A CD1 1 
ATOM   730  C  CD2 . TRP A 1 110 ? 1.331   11.819  8.115   1.00 21.12 ? 110 TRP A CD2 1 
ATOM   731  N  NE1 . TRP A 1 110 ? 2.500   10.999  6.384   1.00 25.64 ? 110 TRP A NE1 1 
ATOM   732  C  CE2 . TRP A 1 110 ? 1.604   10.659  7.364   1.00 20.31 ? 110 TRP A CE2 1 
ATOM   733  C  CE3 . TRP A 1 110 ? 0.430   11.733  9.179   1.00 23.45 ? 110 TRP A CE3 1 
ATOM   734  C  CZ2 . TRP A 1 110 ? 0.983   9.437   7.630   1.00 22.05 ? 110 TRP A CZ2 1 
ATOM   735  C  CZ3 . TRP A 1 110 ? -0.171  10.529  9.444   1.00 22.85 ? 110 TRP A CZ3 1 
ATOM   736  C  CH2 . TRP A 1 110 ? 0.100   9.387   8.684   1.00 20.16 ? 110 TRP A CH2 1 
ATOM   737  N  N   . GLY A 1 111 ? 0.110   16.477  9.471   1.00 29.69 ? 111 GLY A N   1 
ATOM   738  C  CA  . GLY A 1 111 ? 0.167   17.602  10.415  1.00 33.37 ? 111 GLY A CA  1 
ATOM   739  C  C   . GLY A 1 111 ? -0.335  18.894  9.812   1.00 37.35 ? 111 GLY A C   1 
ATOM   740  O  O   . GLY A 1 111 ? -1.154  18.888  8.918   1.00 37.28 ? 111 GLY A O   1 
ATOM   741  N  N   . ASN A 1 112 ? 0.131   20.038  10.271  1.00 40.69 ? 112 ASN A N   1 
ATOM   742  C  CA  . ASN A 1 112 ? -0.414  21.210  9.621   1.00 45.46 ? 112 ASN A CA  1 
ATOM   743  C  C   . ASN A 1 112 ? 0.626   22.043  8.873   1.00 47.99 ? 112 ASN A C   1 
ATOM   744  O  O   . ASN A 1 112 ? 1.840   21.873  9.056   1.00 49.01 ? 112 ASN A O   1 
ATOM   745  C  CB  . ASN A 1 112 ? -1.307  22.004  10.590  1.00 45.46 ? 112 ASN A CB  1 
ATOM   746  C  CG  . ASN A 1 112 ? -0.594  22.354  11.840  1.00 47.12 ? 112 ASN A CG  1 
ATOM   747  O  OD1 . ASN A 1 112 ? -1.123  22.232  12.962  1.00 46.60 ? 112 ASN A OD1 1 
ATOM   748  N  ND2 . ASN A 1 112 ? 0.656   22.776  11.671  1.00 48.45 ? 112 ASN A ND2 1 
ATOM   749  N  N   . LYS A 1 113 ? 0.148   22.907  7.990   1.00 52.02 ? 113 LYS A N   1 
ATOM   750  C  CA  . LYS A 1 113 ? 1.018   23.916  7.370   1.00 55.03 ? 113 LYS A CA  1 
ATOM   751  C  C   . LYS A 1 113 ? 0.481   24.191  5.980   1.00 56.19 ? 113 LYS A C   1 
ATOM   752  O  O   . LYS A 1 113 ? -0.701  23.859  5.715   1.00 57.30 ? 113 LYS A O   1 
ATOM   753  C  CB  . LYS A 1 113 ? 2.486   23.423  7.310   1.00 55.64 ? 113 LYS A CB  1 
ATOM   754  C  CG  . LYS A 1 113 ? 3.529   24.502  7.522   1.00 57.84 ? 113 LYS A CG  1 
ATOM   755  C  CD  . LYS A 1 113 ? 4.687   24.351  6.526   1.00 61.92 ? 113 LYS A CD  1 
ATOM   756  C  CE  . LYS A 1 113 ? 5.442   25.668  6.383   1.00 62.66 ? 113 LYS A CE  1 
ATOM   757  N  NZ  . LYS A 1 113 ? 6.279   25.722  5.162   1.00 63.79 ? 113 LYS A NZ  1 
ATOM   758  N  N   . GLY B 1 19  ? 20.299  -17.182 -5.323  1.00 55.45 ? 19  GLY B N   1 
ATOM   759  C  CA  . GLY B 1 19  ? 20.711  -15.793 -4.919  1.00 54.00 ? 19  GLY B CA  1 
ATOM   760  C  C   . GLY B 1 19  ? 19.596  -14.988 -4.263  1.00 53.50 ? 19  GLY B C   1 
ATOM   761  O  O   . GLY B 1 19  ? 19.838  -14.203 -3.344  1.00 53.83 ? 19  GLY B O   1 
ATOM   762  N  N   . LEU B 1 20  ? 18.365  -15.195 -4.722  1.00 52.46 ? 20  LEU B N   1 
ATOM   763  C  CA  . LEU B 1 20  ? 17.219  -14.415 -4.261  1.00 50.49 ? 20  LEU B CA  1 
ATOM   764  C  C   . LEU B 1 20  ? 16.723  -14.986 -2.959  1.00 50.53 ? 20  LEU B C   1 
ATOM   765  O  O   . LEU B 1 20  ? 16.370  -16.169 -2.895  1.00 51.47 ? 20  LEU B O   1 
ATOM   766  C  CB  . LEU B 1 20  ? 16.086  -14.451 -5.300  1.00 50.24 ? 20  LEU B CB  1 
ATOM   767  C  CG  . LEU B 1 20  ? 14.771  -13.757 -4.928  1.00 47.99 ? 20  LEU B CG  1 
ATOM   768  C  CD1 . LEU B 1 20  ? 14.895  -12.287 -5.231  1.00 43.61 ? 20  LEU B CD1 1 
ATOM   769  C  CD2 . LEU B 1 20  ? 13.612  -14.333 -5.678  1.00 45.76 ? 20  LEU B CD2 1 
ATOM   770  N  N   . LYS B 1 21  ? 16.654  -14.131 -1.935  1.00 49.32 ? 21  LYS B N   1 
ATOM   771  C  CA  . LYS B 1 21  ? 16.183  -14.519 -0.623  1.00 47.83 ? 21  LYS B CA  1 
ATOM   772  C  C   . LYS B 1 21  ? 14.785  -13.936 -0.308  1.00 47.35 ? 21  LYS B C   1 
ATOM   773  O  O   . LYS B 1 21  ? 14.503  -12.751 -0.565  1.00 45.98 ? 21  LYS B O   1 
ATOM   774  C  CB  . LYS B 1 21  ? 17.179  -14.053 0.447   1.00 48.32 ? 21  LYS B CB  1 
ATOM   775  C  CG  . LYS B 1 21  ? 18.606  -14.558 0.274   1.00 48.27 ? 21  LYS B CG  1 
ATOM   776  C  CD  . LYS B 1 21  ? 19.556  -13.803 1.187   1.00 52.41 ? 21  LYS B CD  1 
ATOM   777  C  CE  . LYS B 1 21  ? 20.002  -14.624 2.422   1.00 56.00 ? 21  LYS B CE  1 
ATOM   778  N  NZ  . LYS B 1 21  ? 21.347  -14.129 2.899   1.00 54.38 ? 21  LYS B NZ  1 
ATOM   779  N  N   . ILE B 1 22  ? 13.925  -14.772 0.271   1.00 45.74 ? 22  ILE B N   1 
ATOM   780  C  CA  . ILE B 1 22  ? 12.609  -14.337 0.754   1.00 45.73 ? 22  ILE B CA  1 
ATOM   781  C  C   . ILE B 1 22  ? 12.488  -14.658 2.253   1.00 45.79 ? 22  ILE B C   1 
ATOM   782  O  O   . ILE B 1 22  ? 12.483  -15.831 2.637   1.00 45.86 ? 22  ILE B O   1 
ATOM   783  C  CB  . ILE B 1 22  ? 11.464  -15.023 -0.058  1.00 45.85 ? 22  ILE B CB  1 
ATOM   784  C  CG1 . ILE B 1 22  ? 11.664  -14.822 -1.560  1.00 44.95 ? 22  ILE B CG1 1 
ATOM   785  C  CG2 . ILE B 1 22  ? 10.102  -14.572 0.416   1.00 45.60 ? 22  ILE B CG2 1 
ATOM   786  C  CD1 . ILE B 1 22  ? 10.650  -15.602 -2.441  1.00 43.93 ? 22  ILE B CD1 1 
ATOM   787  N  N   . ASP B 1 23  ? 12.402  -13.628 3.093   1.00 44.93 ? 23  ASP B N   1 
ATOM   788  C  CA  . ASP B 1 23  ? 12.314  -13.802 4.548   1.00 44.98 ? 23  ASP B CA  1 
ATOM   789  C  C   . ASP B 1 23  ? 10.887  -14.113 5.078   1.00 44.50 ? 23  ASP B C   1 
ATOM   790  O  O   . ASP B 1 23  ? 9.916   -14.029 4.343   1.00 44.53 ? 23  ASP B O   1 
ATOM   791  C  CB  . ASP B 1 23  ? 12.922  -12.585 5.277   1.00 45.34 ? 23  ASP B CB  1 
ATOM   792  C  CG  . ASP B 1 23  ? 12.050  -11.280 5.180   1.00 47.09 ? 23  ASP B CG  1 
ATOM   793  O  OD1 . ASP B 1 23  ? 10.845  -11.330 4.830   1.00 44.94 ? 23  ASP B OD1 1 
ATOM   794  O  OD2 . ASP B 1 23  ? 12.586  -10.192 5.531   1.00 47.45 ? 23  ASP B OD2 1 
ATOM   795  N  N   . GLN B 1 24  ? 10.780  -14.461 6.355   1.00 43.60 ? 24  GLN B N   1 
ATOM   796  C  CA  . GLN B 1 24  ? 9.491   -14.797 6.974   1.00 43.26 ? 24  GLN B CA  1 
ATOM   797  C  C   . GLN B 1 24  ? 8.404   -13.736 6.821   1.00 41.83 ? 24  GLN B C   1 
ATOM   798  O  O   . GLN B 1 24  ? 7.251   -14.055 6.501   1.00 41.53 ? 24  GLN B O   1 
ATOM   799  C  CB  . GLN B 1 24  ? 9.686   -15.130 8.471   1.00 44.49 ? 24  GLN B CB  1 
ATOM   800  C  CG  . GLN B 1 24  ? 10.363  -16.505 8.692   1.00 47.79 ? 24  GLN B CG  1 
ATOM   801  C  CD  . GLN B 1 24  ? 9.481   -17.624 8.134   1.00 51.34 ? 24  GLN B CD  1 
ATOM   802  O  OE1 . GLN B 1 24  ? 9.623   -18.038 6.968   1.00 52.58 ? 24  GLN B OE1 1 
ATOM   803  N  NE2 . GLN B 1 24  ? 8.521   -18.061 8.940   1.00 51.25 ? 24  GLN B NE2 1 
ATOM   804  N  N   . LYS B 1 25  ? 8.757   -12.480 7.083   1.00 40.06 ? 25  LYS B N   1 
ATOM   805  C  CA  . LYS B 1 25  ? 7.793   -11.384 6.912   1.00 38.24 ? 25  LYS B CA  1 
ATOM   806  C  C   . LYS B 1 25  ? 7.192   -11.423 5.503   1.00 36.26 ? 25  LYS B C   1 
ATOM   807  O  O   . LYS B 1 25  ? 5.967   -11.472 5.315   1.00 35.36 ? 25  LYS B O   1 
ATOM   808  C  CB  . LYS B 1 25  ? 8.447   -10.029 7.206   1.00 39.04 ? 25  LYS B CB  1 
ATOM   809  C  CG  . LYS B 1 25  ? 7.459   -8.914  7.444   1.00 40.27 ? 25  LYS B CG  1 
ATOM   810  C  CD  . LYS B 1 25  ? 8.146   -7.551  7.265   1.00 44.48 ? 25  LYS B CD  1 
ATOM   811  C  CE  . LYS B 1 25  ? 8.624   -7.350  5.832   1.00 47.56 ? 25  LYS B CE  1 
ATOM   812  N  NZ  . LYS B 1 25  ? 9.353   -6.029  5.683   1.00 52.97 ? 25  LYS B NZ  1 
ATOM   813  N  N   . ILE B 1 26  ? 8.056   -11.468 4.503   1.00 35.26 ? 26  ILE B N   1 
ATOM   814  C  CA  . ILE B 1 26  ? 7.540   -11.513 3.149   1.00 33.28 ? 26  ILE B CA  1 
ATOM   815  C  C   . ILE B 1 26  ? 6.760   -12.802 2.834   1.00 32.96 ? 26  ILE B C   1 
ATOM   816  O  O   . ILE B 1 26  ? 5.762   -12.730 2.112   1.00 30.08 ? 26  ILE B O   1 
ATOM   817  C  CB  . ILE B 1 26  ? 8.573   -11.155 2.083   1.00 33.08 ? 26  ILE B CB  1 
ATOM   818  C  CG1 . ILE B 1 26  ? 8.596   -9.613  1.945   1.00 33.96 ? 26  ILE B CG1 1 
ATOM   819  C  CG2 . ILE B 1 26  ? 8.158   -11.720 0.751   1.00 31.22 ? 26  ILE B CG2 1 
ATOM   820  C  CD1 . ILE B 1 26  ? 9.302   -8.965  3.030   1.00 31.11 ? 26  ILE B CD1 1 
ATOM   821  N  N   . ARG B 1 27  ? 7.250   -13.950 3.336   1.00 31.38 ? 27  ARG B N   1 
ATOM   822  C  CA  . ARG B 1 27  ? 6.539   -15.210 3.143   1.00 33.02 ? 27  ARG B CA  1 
ATOM   823  C  C   . ARG B 1 27  ? 5.141   -15.074 3.729   1.00 30.80 ? 27  ARG B C   1 
ATOM   824  O  O   . ARG B 1 27  ? 4.224   -15.476 3.107   1.00 30.46 ? 27  ARG B O   1 
ATOM   825  C  CB  . ARG B 1 27  ? 7.262   -16.431 3.781   1.00 34.00 ? 27  ARG B CB  1 
ATOM   826  C  CG  . ARG B 1 27  ? 8.571   -16.759 3.097   1.00 38.66 ? 27  ARG B CG  1 
ATOM   827  C  CD  . ARG B 1 27  ? 8.726   -18.256 2.774   1.00 45.74 ? 27  ARG B CD  1 
ATOM   828  N  NE  . ARG B 1 27  ? 9.897   -18.497 1.909   1.00 48.45 ? 27  ARG B NE  1 
ATOM   829  C  CZ  . ARG B 1 27  ? 9.831   -18.945 0.649   1.00 49.89 ? 27  ARG B CZ  1 
ATOM   830  N  NH1 . ARG B 1 27  ? 8.659   -19.198 0.072   1.00 47.66 ? 27  ARG B NH1 1 
ATOM   831  N  NH2 . ARG B 1 27  ? 10.945  -19.127 -0.049  1.00 51.28 ? 27  ARG B NH2 1 
ATOM   832  N  N   . GLY B 1 28  ? 5.011   -14.496 4.920   1.00 30.74 ? 28  GLY B N   1 
ATOM   833  C  CA  . GLY B 1 28  ? 3.690   -14.232 5.535   1.00 30.75 ? 28  GLY B CA  1 
ATOM   834  C  C   . GLY B 1 28  ? 2.775   -13.393 4.648   1.00 30.42 ? 28  GLY B C   1 
ATOM   835  O  O   . GLY B 1 28  ? 1.583   -13.685 4.507   1.00 30.87 ? 28  GLY B O   1 
ATOM   836  N  N   . GLN B 1 29  ? 3.354   -12.378 4.001   1.00 28.58 ? 29  GLN B N   1 
ATOM   837  C  CA  . GLN B 1 29  ? 2.581   -11.427 3.215   1.00 28.40 ? 29  GLN B CA  1 
ATOM   838  C  C   . GLN B 1 29  ? 2.128   -11.996 1.864   1.00 28.29 ? 29  GLN B C   1 
ATOM   839  O  O   . GLN B 1 29  ? 1.146   -11.539 1.306   1.00 28.61 ? 29  GLN B O   1 
ATOM   840  C  CB  . GLN B 1 29  ? 3.430   -10.156 2.951   1.00 26.77 ? 29  GLN B CB  1 
ATOM   841  C  CG  . GLN B 1 29  ? 3.781   -9.307  4.197   1.00 26.74 ? 29  GLN B CG  1 
ATOM   842  C  CD  . GLN B 1 29  ? 4.577   -8.048  3.809   1.00 28.73 ? 29  GLN B CD  1 
ATOM   843  O  OE1 . GLN B 1 29  ? 4.847   -7.810  2.600   1.00 23.98 ? 29  GLN B OE1 1 
ATOM   844  N  NE2 . GLN B 1 29  ? 4.885   -7.200  4.817   1.00 24.92 ? 29  GLN B NE2 1 
ATOM   845  N  N   . MET B 1 30  ? 2.885   -12.944 1.307   1.00 29.83 ? 30  MET B N   1 
ATOM   846  C  CA  . MET B 1 30  ? 2.627   -13.413 -0.061  1.00 30.71 ? 30  MET B CA  1 
ATOM   847  C  C   . MET B 1 30  ? 1.178   -13.833 -0.340  1.00 30.71 ? 30  MET B C   1 
ATOM   848  O  O   . MET B 1 30  ? 0.578   -13.386 -1.356  1.00 31.07 ? 30  MET B O   1 
ATOM   849  C  CB  . MET B 1 30  ? 3.601   -14.541 -0.442  1.00 32.58 ? 30  MET B CB  1 
ATOM   850  C  CG  . MET B 1 30  ? 4.926   -14.049 -1.006  1.00 33.30 ? 30  MET B CG  1 
ATOM   851  S  SD  . MET B 1 30  ? 6.272   -15.227 -0.838  1.00 39.42 ? 30  MET B SD  1 
ATOM   852  C  CE  . MET B 1 30  ? 5.658   -16.646 -1.685  1.00 35.41 ? 30  MET B CE  1 
ATOM   853  N  N   . PRO B 1 31  ? 0.612   -14.722 0.510   1.00 30.21 ? 31  PRO B N   1 
ATOM   854  C  CA  . PRO B 1 31  ? -0.786  -15.102 0.212   1.00 29.82 ? 31  PRO B CA  1 
ATOM   855  C  C   . PRO B 1 31  ? -1.816  -14.025 0.553   1.00 29.24 ? 31  PRO B C   1 
ATOM   856  O  O   . PRO B 1 31  ? -2.903  -14.039 0.030   1.00 28.68 ? 31  PRO B O   1 
ATOM   857  C  CB  . PRO B 1 31  ? -1.018  -16.348 1.084   1.00 29.05 ? 31  PRO B CB  1 
ATOM   858  C  CG  . PRO B 1 31  ? -0.102  -16.167 2.231   1.00 29.96 ? 31  PRO B CG  1 
ATOM   859  C  CD  . PRO B 1 31  ? 1.177   -15.566 1.579   1.00 30.44 ? 31  PRO B CD  1 
ATOM   860  N  N   . GLU B 1 32  ? -1.482  -13.073 1.408   1.00 29.47 ? 32  GLU B N   1 
ATOM   861  C  CA  . GLU B 1 32  ? -2.398  -11.908 1.551   1.00 27.72 ? 32  GLU B CA  1 
ATOM   862  C  C   . GLU B 1 32  ? -2.464  -11.079 0.308   1.00 27.21 ? 32  GLU B C   1 
ATOM   863  O  O   . GLU B 1 32  ? -3.468  -10.440 0.030   1.00 25.43 ? 32  GLU B O   1 
ATOM   864  C  CB  . GLU B 1 32  ? -1.955  -11.018 2.712   1.00 27.33 ? 32  GLU B CB  1 
ATOM   865  C  CG  . GLU B 1 32  ? -1.958  -11.753 4.029   1.00 29.94 ? 32  GLU B CG  1 
ATOM   866  C  CD  . GLU B 1 32  ? -1.240  -11.017 5.134   1.00 35.22 ? 32  GLU B CD  1 
ATOM   867  O  OE1 . GLU B 1 32  ? -0.350  -10.148 4.914   1.00 33.69 ? 32  GLU B OE1 1 
ATOM   868  O  OE2 . GLU B 1 32  ? -1.568  -11.347 6.270   1.00 39.18 ? 32  GLU B OE2 1 
ATOM   869  N  N   . ARG B 1 33  ? -1.354  -11.072 -0.425  1.00 27.01 ? 33  ARG B N   1 
ATOM   870  C  CA  . ARG B 1 33  ? -1.129  -10.080 -1.479  1.00 26.98 ? 33  ARG B CA  1 
ATOM   871  C  C   . ARG B 1 33  ? -1.186  -10.690 -2.890  1.00 28.35 ? 33  ARG B C   1 
ATOM   872  O  O   . ARG B 1 33  ? -0.816  -10.033 -3.862  1.00 27.57 ? 33  ARG B O   1 
ATOM   873  C  CB  . ARG B 1 33  ? 0.199   -9.304  -1.208  1.00 26.66 ? 33  ARG B CB  1 
ATOM   874  C  CG  . ARG B 1 33  ? 0.154   -8.405  0.064   1.00 22.11 ? 33  ARG B CG  1 
ATOM   875  C  CD  . ARG B 1 33  ? 1.388   -7.495  0.310   1.00 18.49 ? 33  ARG B CD  1 
ATOM   876  N  NE  . ARG B 1 33  ? 1.245   -6.802  1.596   1.00 17.07 ? 33  ARG B NE  1 
ATOM   877  C  CZ  . ARG B 1 33  ? 2.021   -5.813  1.996   1.00 20.25 ? 33  ARG B CZ  1 
ATOM   878  N  NH1 . ARG B 1 33  ? 2.971   -5.353  1.174   1.00 18.94 ? 33  ARG B NH1 1 
ATOM   879  N  NH2 . ARG B 1 33  ? 1.830   -5.271  3.204   1.00 20.10 ? 33  ARG B NH2 1 
ATOM   880  N  N   . GLY B 1 34  ? -1.649  -11.952 -2.978  1.00 30.02 ? 34  GLY B N   1 
ATOM   881  C  CA  . GLY B 1 34  ? -1.774  -12.685 -4.260  1.00 31.92 ? 34  GLY B CA  1 
ATOM   882  C  C   . GLY B 1 34  ? -0.508  -13.167 -4.960  1.00 33.58 ? 34  GLY B C   1 
ATOM   883  O  O   . GLY B 1 34  ? -0.498  -13.247 -6.185  1.00 33.96 ? 34  GLY B O   1 
ATOM   884  N  N   . TRP B 1 35  ? 0.545   -13.511 -4.205  1.00 34.39 ? 35  TRP B N   1 
ATOM   885  C  CA  . TRP B 1 35  ? 1.814   -13.975 -4.781  1.00 35.18 ? 35  TRP B CA  1 
ATOM   886  C  C   . TRP B 1 35  ? 2.153   -15.380 -4.308  1.00 36.60 ? 35  TRP B C   1 
ATOM   887  O  O   . TRP B 1 35  ? 2.078   -15.670 -3.129  1.00 36.46 ? 35  TRP B O   1 
ATOM   888  C  CB  . TRP B 1 35  ? 3.018   -13.111 -4.320  1.00 34.56 ? 35  TRP B CB  1 
ATOM   889  C  CG  . TRP B 1 35  ? 3.025   -11.702 -4.791  1.00 30.70 ? 35  TRP B CG  1 
ATOM   890  C  CD1 . TRP B 1 35  ? 2.460   -10.636 -4.163  1.00 30.89 ? 35  TRP B CD1 1 
ATOM   891  C  CD2 . TRP B 1 35  ? 3.604   -11.201 -5.993  1.00 32.33 ? 35  TRP B CD2 1 
ATOM   892  N  NE1 . TRP B 1 35  ? 2.666   -9.487  -4.895  1.00 30.24 ? 35  TRP B NE1 1 
ATOM   893  C  CE2 . TRP B 1 35  ? 3.369   -9.802  -6.023  1.00 30.42 ? 35  TRP B CE2 1 
ATOM   894  C  CE3 . TRP B 1 35  ? 4.314   -11.789 -7.048  1.00 34.40 ? 35  TRP B CE3 1 
ATOM   895  C  CZ2 . TRP B 1 35  ? 3.821   -8.982  -7.054  1.00 28.99 ? 35  TRP B CZ2 1 
ATOM   896  C  CZ3 . TRP B 1 35  ? 4.754   -10.970 -8.090  1.00 35.52 ? 35  TRP B CZ3 1 
ATOM   897  C  CH2 . TRP B 1 35  ? 4.509   -9.578  -8.078  1.00 34.23 ? 35  TRP B CH2 1 
ATOM   898  N  N   . THR B 1 36  ? 2.597   -16.223 -5.229  1.00 38.85 ? 36  THR B N   1 
ATOM   899  C  CA  . THR B 1 36  ? 3.161   -17.506 -4.863  1.00 40.25 ? 36  THR B CA  1 
ATOM   900  C  C   . THR B 1 36  ? 4.655   -17.326 -5.054  1.00 41.80 ? 36  THR B C   1 
ATOM   901  O  O   . THR B 1 36  ? 5.076   -16.353 -5.687  1.00 40.99 ? 36  THR B O   1 
ATOM   902  C  CB  . THR B 1 36  ? 2.694   -18.606 -5.792  1.00 39.58 ? 36  THR B CB  1 
ATOM   903  O  OG1 . THR B 1 36  ? 3.152   -18.317 -7.113  1.00 38.38 ? 36  THR B OG1 1 
ATOM   904  C  CG2 . THR B 1 36  ? 1.145   -18.673 -5.829  1.00 40.95 ? 36  THR B CG2 1 
ATOM   905  N  N   . GLU B 1 37  ? 5.435   -18.284 -4.547  1.00 43.47 ? 37  GLU B N   1 
ATOM   906  C  CA  . GLU B 1 37  ? 6.884   -18.243 -4.684  1.00 45.85 ? 37  GLU B CA  1 
ATOM   907  C  C   . GLU B 1 37  ? 7.188   -18.337 -6.180  1.00 46.08 ? 37  GLU B C   1 
ATOM   908  O  O   . GLU B 1 37  ? 8.037   -17.629 -6.694  1.00 47.12 ? 37  GLU B O   1 
ATOM   909  C  CB  . GLU B 1 37  ? 7.562   -19.363 -3.864  1.00 45.67 ? 37  GLU B CB  1 
ATOM   910  C  CG  . GLU B 1 37  ? 9.105   -19.286 -3.825  1.00 48.83 ? 37  GLU B CG  1 
ATOM   911  C  CD  . GLU B 1 37  ? 9.741   -20.518 -3.170  1.00 54.59 ? 37  GLU B CD  1 
ATOM   912  O  OE1 . GLU B 1 37  ? 10.627  -21.175 -3.801  1.00 55.64 ? 37  GLU B OE1 1 
ATOM   913  O  OE2 . GLU B 1 37  ? 9.336   -20.853 -2.023  1.00 56.56 ? 37  GLU B OE2 1 
ATOM   914  N  N   . ASP B 1 38  ? 6.456   -19.191 -6.882  1.00 47.02 ? 38  ASP B N   1 
ATOM   915  C  CA  . ASP B 1 38  ? 6.524   -19.256 -8.337  1.00 47.63 ? 38  ASP B CA  1 
ATOM   916  C  C   . ASP B 1 38  ? 6.284   -17.893 -9.024  1.00 47.17 ? 38  ASP B C   1 
ATOM   917  O  O   . ASP B 1 38  ? 6.962   -17.572 -10.010 1.00 47.57 ? 38  ASP B O   1 
ATOM   918  C  CB  . ASP B 1 38  ? 5.542   -20.316 -8.880  1.00 49.00 ? 38  ASP B CB  1 
ATOM   919  C  CG  . ASP B 1 38  ? 6.104   -21.759 -8.809  1.00 52.57 ? 38  ASP B CG  1 
ATOM   920  O  OD1 . ASP B 1 38  ? 6.959   -22.070 -7.936  1.00 56.55 ? 38  ASP B OD1 1 
ATOM   921  O  OD2 . ASP B 1 38  ? 5.683   -22.597 -9.644  1.00 57.24 ? 38  ASP B OD2 1 
ATOM   922  N  N   . ASP B 1 39  ? 5.315   -17.113 -8.536  1.00 45.51 ? 39  ASP B N   1 
ATOM   923  C  CA  . ASP B 1 39  ? 5.013   -15.802 -9.135  1.00 44.82 ? 39  ASP B CA  1 
ATOM   924  C  C   . ASP B 1 39  ? 6.196   -14.876 -9.002  1.00 42.73 ? 39  ASP B C   1 
ATOM   925  O  O   . ASP B 1 39  ? 6.590   -14.244 -9.969  1.00 42.03 ? 39  ASP B O   1 
ATOM   926  C  CB  . ASP B 1 39  ? 3.838   -15.097 -8.446  1.00 45.30 ? 39  ASP B CB  1 
ATOM   927  C  CG  . ASP B 1 39  ? 2.488   -15.568 -8.917  1.00 48.56 ? 39  ASP B CG  1 
ATOM   928  O  OD1 . ASP B 1 39  ? 2.346   -15.914 -10.109 1.00 51.95 ? 39  ASP B OD1 1 
ATOM   929  O  OD2 . ASP B 1 39  ? 1.544   -15.556 -8.076  1.00 51.92 ? 39  ASP B OD2 1 
ATOM   930  N  N   . ILE B 1 40  ? 6.727   -14.795 -7.786  1.00 41.90 ? 40  ILE B N   1 
ATOM   931  C  CA  . ILE B 1 40  ? 7.866   -13.930 -7.476  1.00 42.11 ? 40  ILE B CA  1 
ATOM   932  C  C   . ILE B 1 40  ? 9.090   -14.266 -8.327  1.00 42.49 ? 40  ILE B C   1 
ATOM   933  O  O   . ILE B 1 40  ? 9.659   -13.381 -8.968  1.00 42.27 ? 40  ILE B O   1 
ATOM   934  C  CB  . ILE B 1 40  ? 8.189   -13.973 -5.968  1.00 41.60 ? 40  ILE B CB  1 
ATOM   935  C  CG1 . ILE B 1 40  ? 7.053   -13.330 -5.161  1.00 41.53 ? 40  ILE B CG1 1 
ATOM   936  C  CG2 . ILE B 1 40  ? 9.516   -13.282 -5.667  1.00 42.68 ? 40  ILE B CG2 1 
ATOM   937  C  CD1 . ILE B 1 40  ? 7.318   -13.271 -3.686  1.00 42.34 ? 40  ILE B CD1 1 
ATOM   938  N  N   . LYS B 1 41  ? 9.460   -15.555 -8.367  1.00 43.53 ? 41  LYS B N   1 
ATOM   939  C  CA  . LYS B 1 41  ? 10.598  -16.050 -9.176  1.00 43.76 ? 41  LYS B CA  1 
ATOM   940  C  C   . LYS B 1 41  ? 10.412  -15.766 -10.663 1.00 43.77 ? 41  LYS B C   1 
ATOM   941  O  O   . LYS B 1 41  ? 11.347  -15.376 -11.361 1.00 44.08 ? 41  LYS B O   1 
ATOM   942  C  CB  . LYS B 1 41  ? 10.858  -17.540 -8.880  1.00 44.90 ? 41  LYS B CB  1 
ATOM   943  C  CG  . LYS B 1 41  ? 11.188  -17.766 -7.380  1.00 47.41 ? 41  LYS B CG  1 
ATOM   944  C  CD  . LYS B 1 41  ? 11.890  -19.115 -7.061  1.00 52.97 ? 41  LYS B CD  1 
ATOM   945  C  CE  . LYS B 1 41  ? 12.975  -18.952 -5.931  1.00 55.26 ? 41  LYS B CE  1 
ATOM   946  N  NZ  . LYS B 1 41  ? 12.526  -19.229 -4.510  1.00 57.76 ? 41  LYS B NZ  1 
ATOM   947  N  N   . ASN B 1 42  ? 9.175   -15.879 -11.126 1.00 43.12 ? 42  ASN B N   1 
ATOM   948  C  CA  . ASN B 1 42  ? 8.811   -15.601 -12.507 1.00 42.15 ? 42  ASN B CA  1 
ATOM   949  C  C   . ASN B 1 42  ? 8.959   -14.104 -12.889 1.00 41.16 ? 42  ASN B C   1 
ATOM   950  O  O   . ASN B 1 42  ? 9.538   -13.717 -13.943 1.00 39.79 ? 42  ASN B O   1 
ATOM   951  C  CB  . ASN B 1 42  ? 7.351   -15.981 -12.607 1.00 43.47 ? 42  ASN B CB  1 
ATOM   952  C  CG  . ASN B 1 42  ? 6.912   -16.189 -13.995 1.00 46.28 ? 42  ASN B CG  1 
ATOM   953  O  OD1 . ASN B 1 42  ? 7.164   -17.250 -14.577 1.00 52.89 ? 42  ASN B OD1 1 
ATOM   954  N  ND2 . ASN B 1 42  ? 6.239   -15.204 -14.552 1.00 48.74 ? 42  ASN B ND2 1 
ATOM   955  N  N   . THR B 1 43  ? 8.412   -13.264 -12.015 1.00 39.34 ? 43  THR B N   1 
ATOM   956  C  CA  . THR B 1 43  ? 8.482   -11.822 -12.153 1.00 38.30 ? 43  THR B CA  1 
ATOM   957  C  C   . THR B 1 43  ? 9.969   -11.396 -12.170 1.00 36.92 ? 43  THR B C   1 
ATOM   958  O  O   . THR B 1 43  ? 10.380  -10.628 -13.016 1.00 36.31 ? 43  THR B O   1 
ATOM   959  C  CB  . THR B 1 43  ? 7.697   -11.167 -10.991 1.00 38.09 ? 43  THR B CB  1 
ATOM   960  O  OG1 . THR B 1 43  ? 6.292   -11.453 -11.137 1.00 38.88 ? 43  THR B OG1 1 
ATOM   961  C  CG2 . THR B 1 43  ? 7.884   -9.667  -10.976 1.00 39.30 ? 43  THR B CG2 1 
ATOM   962  N  N   . VAL B 1 44  ? 10.755  -11.918 -11.236 1.00 37.10 ? 44  VAL B N   1 
ATOM   963  C  CA  . VAL B 1 44  ? 12.154  -11.593 -11.154 1.00 37.40 ? 44  VAL B CA  1 
ATOM   964  C  C   . VAL B 1 44  ? 12.829  -12.033 -12.466 1.00 38.64 ? 44  VAL B C   1 
ATOM   965  O  O   . VAL B 1 44  ? 13.688  -11.298 -12.987 1.00 38.80 ? 44  VAL B O   1 
ATOM   966  C  CB  . VAL B 1 44  ? 12.830  -12.208 -9.915  1.00 37.03 ? 44  VAL B CB  1 
ATOM   967  C  CG1 . VAL B 1 44  ? 14.366  -12.081 -9.996  1.00 36.02 ? 44  VAL B CG1 1 
ATOM   968  C  CG2 . VAL B 1 44  ? 12.373  -11.531 -8.660  1.00 37.04 ? 44  VAL B CG2 1 
ATOM   969  N  N   . SER B 1 45  ? 12.392  -13.181 -13.021 1.00 37.78 ? 45  SER B N   1 
ATOM   970  C  CA  . SER B 1 45  ? 12.980  -13.751 -14.252 1.00 37.63 ? 45  SER B CA  1 
ATOM   971  C  C   . SER B 1 45  ? 12.726  -12.917 -15.458 1.00 36.46 ? 45  SER B C   1 
ATOM   972  O  O   . SER B 1 45  ? 13.519  -12.924 -16.365 1.00 37.02 ? 45  SER B O   1 
ATOM   973  C  CB  . SER B 1 45  ? 12.456  -15.161 -14.560 1.00 37.04 ? 45  SER B CB  1 
ATOM   974  O  OG  . SER B 1 45  ? 13.157  -16.115 -13.799 1.00 39.34 ? 45  SER B OG  1 
ATOM   975  N  N   . ASN B 1 46  ? 11.614  -12.214 -15.500 1.00 36.38 ? 46  ASN B N   1 
ATOM   976  C  CA  . ASN B 1 46  ? 11.372  -11.342 -16.633 1.00 37.21 ? 46  ASN B CA  1 
ATOM   977  C  C   . ASN B 1 46  ? 12.384  -10.200 -16.823 1.00 35.99 ? 46  ASN B C   1 
ATOM   978  O  O   . ASN B 1 46  ? 12.461  -9.625  -17.902 1.00 37.43 ? 46  ASN B O   1 
ATOM   979  C  CB  . ASN B 1 46  ? 9.943   -10.845 -16.609 1.00 38.16 ? 46  ASN B CB  1 
ATOM   980  C  CG  . ASN B 1 46  ? 8.958   -11.962 -16.893 1.00 44.01 ? 46  ASN B CG  1 
ATOM   981  O  OD1 . ASN B 1 46  ? 8.345   -12.539 -15.970 1.00 50.36 ? 46  ASN B OD1 1 
ATOM   982  N  ND2 . ASN B 1 46  ? 8.850   -12.331 -18.171 1.00 46.62 ? 46  ASN B ND2 1 
ATOM   983  N  N   . GLY B 1 47  ? 13.184  -9.919  -15.801 1.00 34.65 ? 47  GLY B N   1 
ATOM   984  C  CA  . GLY B 1 47  ? 14.217  -8.876  -15.890 1.00 32.64 ? 47  GLY B CA  1 
ATOM   985  C  C   . GLY B 1 47  ? 13.778  -7.672  -15.073 1.00 31.88 ? 47  GLY B C   1 
ATOM   986  O  O   . GLY B 1 47  ? 12.559  -7.421  -14.881 1.00 30.39 ? 47  GLY B O   1 
ATOM   987  N  N   . ALA B 1 48  ? 14.777  -6.930  -14.599 1.00 30.17 ? 48  ALA B N   1 
ATOM   988  C  CA  . ALA B 1 48  ? 14.603  -5.750  -13.755 1.00 28.31 ? 48  ALA B CA  1 
ATOM   989  C  C   . ALA B 1 48  ? 13.903  -4.650  -14.543 1.00 27.89 ? 48  ALA B C   1 
ATOM   990  O  O   . ALA B 1 48  ? 14.314  -4.338  -15.673 1.00 28.21 ? 48  ALA B O   1 
ATOM   991  C  CB  . ALA B 1 48  ? 16.011  -5.280  -13.247 1.00 28.68 ? 48  ALA B CB  1 
ATOM   992  N  N   . THR B 1 49  ? 12.862  -4.050  -13.964 1.00 26.61 ? 49  THR B N   1 
ATOM   993  C  CA  . THR B 1 49  ? 12.022  -3.035  -14.671 1.00 24.11 ? 49  THR B CA  1 
ATOM   994  C  C   . THR B 1 49  ? 12.039  -1.650  -14.024 1.00 23.13 ? 49  THR B C   1 
ATOM   995  O  O   . THR B 1 49  ? 11.402  -0.700  -14.491 1.00 24.10 ? 49  THR B O   1 
ATOM   996  C  CB  . THR B 1 49  ? 10.567  -3.495  -14.728 1.00 24.04 ? 49  THR B CB  1 
ATOM   997  O  OG1 . THR B 1 49  ? 10.181  -3.958  -13.431 1.00 23.50 ? 49  THR B OG1 1 
ATOM   998  C  CG2 . THR B 1 49  ? 10.402  -4.661  -15.743 1.00 23.51 ? 49  THR B CG2 1 
ATOM   999  N  N   . GLY B 1 50  ? 12.780  -1.506  -12.945 1.00 22.92 ? 50  GLY B N   1 
ATOM   1000 C  CA  . GLY B 1 50  ? 12.854  -0.196  -12.303 1.00 22.68 ? 50  GLY B CA  1 
ATOM   1001 C  C   . GLY B 1 50  ? 13.771  -0.230  -11.102 1.00 22.08 ? 50  GLY B C   1 
ATOM   1002 O  O   . GLY B 1 50  ? 14.454  -1.208  -10.856 1.00 20.79 ? 50  GLY B O   1 
ATOM   1003 N  N   . THR B 1 51  ? 13.736  0.837   -10.330 1.00 21.30 ? 51  THR B N   1 
ATOM   1004 C  CA  . THR B 1 51  ? 14.667  1.007   -9.218  1.00 21.45 ? 51  THR B CA  1 
ATOM   1005 C  C   . THR B 1 51  ? 13.871  1.563   -8.012  1.00 22.55 ? 51  THR B C   1 
ATOM   1006 O  O   . THR B 1 51  ? 12.839  2.175   -8.186  1.00 23.40 ? 51  THR B O   1 
ATOM   1007 C  CB  . THR B 1 51  ? 15.662  2.026   -9.836  1.00 22.45 ? 51  THR B CB  1 
ATOM   1008 O  OG1 . THR B 1 51  ? 16.936  1.494   -10.287 1.00 24.08 ? 51  THR B OG1 1 
ATOM   1009 C  CG2 . THR B 1 51  ? 15.515  3.343   -9.460  1.00 12.83 ? 51  THR B CG2 1 
ATOM   1010 N  N   . SER B 1 52  ? 14.363  1.383   -6.795  1.00 24.37 ? 52  SER B N   1 
ATOM   1011 C  CA  . SER B 1 52  ? 13.757  2.000   -5.610  1.00 25.33 ? 52  SER B CA  1 
ATOM   1012 C  C   . SER B 1 52  ? 14.813  1.934   -4.498  1.00 26.80 ? 52  SER B C   1 
ATOM   1013 O  O   . SER B 1 52  ? 15.925  1.590   -4.760  1.00 26.62 ? 52  SER B O   1 
ATOM   1014 C  CB  . SER B 1 52  ? 12.468  1.223   -5.150  1.00 25.01 ? 52  SER B CB  1 
ATOM   1015 O  OG  . SER B 1 52  ? 11.686  2.023   -4.261  1.00 23.74 ? 52  SER B OG  1 
ATOM   1016 N  N   . PHE B 1 53  ? 14.401  2.139   -3.247  1.00 28.56 ? 53  PHE B N   1 
ATOM   1017 C  CA  . PHE B 1 53  ? 15.303  2.117   -2.094  1.00 30.64 ? 53  PHE B CA  1 
ATOM   1018 C  C   . PHE B 1 53  ? 14.677  1.318   -0.968  1.00 32.07 ? 53  PHE B C   1 
ATOM   1019 O  O   . PHE B 1 53  ? 13.476  1.321   -0.800  1.00 31.23 ? 53  PHE B O   1 
ATOM   1020 C  CB  . PHE B 1 53  ? 15.617  3.537   -1.598  1.00 30.30 ? 53  PHE B CB  1 
ATOM   1021 C  CG  . PHE B 1 53  ? 16.543  4.299   -2.491  1.00 34.39 ? 53  PHE B CG  1 
ATOM   1022 C  CD1 . PHE B 1 53  ? 17.899  4.047   -2.468  1.00 35.77 ? 53  PHE B CD1 1 
ATOM   1023 C  CD2 . PHE B 1 53  ? 16.056  5.265   -3.371  1.00 39.61 ? 53  PHE B CD2 1 
ATOM   1024 C  CE1 . PHE B 1 53  ? 18.775  4.742   -3.284  1.00 35.51 ? 53  PHE B CE1 1 
ATOM   1025 C  CE2 . PHE B 1 53  ? 16.930  5.971   -4.208  1.00 41.21 ? 53  PHE B CE2 1 
ATOM   1026 C  CZ  . PHE B 1 53  ? 18.313  5.694   -4.151  1.00 35.26 ? 53  PHE B CZ  1 
ATOM   1027 N  N   . ASP B 1 54  ? 15.525  0.660   -0.201  1.00 34.98 ? 54  ASP B N   1 
ATOM   1028 C  CA  . ASP B 1 54  ? 15.141  -0.055  0.985   1.00 39.15 ? 54  ASP B CA  1 
ATOM   1029 C  C   . ASP B 1 54  ? 15.676  0.694   2.219   1.00 41.84 ? 54  ASP B C   1 
ATOM   1030 O  O   . ASP B 1 54  ? 16.860  0.630   2.535   1.00 40.44 ? 54  ASP B O   1 
ATOM   1031 C  CB  . ASP B 1 54  ? 15.696  -1.464  0.931   1.00 38.31 ? 54  ASP B CB  1 
ATOM   1032 C  CG  . ASP B 1 54  ? 15.280  -2.300  2.143   1.00 42.14 ? 54  ASP B CG  1 
ATOM   1033 O  OD1 . ASP B 1 54  ? 14.214  -2.014  2.776   1.00 41.11 ? 54  ASP B OD1 1 
ATOM   1034 O  OD2 . ASP B 1 54  ? 16.010  -3.277  2.421   1.00 44.81 ? 54  ASP B OD2 1 
ATOM   1035 N  N   . LYS B 1 55  ? 14.793  1.422   2.889   1.00 46.49 ? 55  LYS B N   1 
ATOM   1036 C  CA  . LYS B 1 55  ? 15.220  2.294   3.976   1.00 52.14 ? 55  LYS B CA  1 
ATOM   1037 C  C   . LYS B 1 55  ? 14.988  1.628   5.300   1.00 55.60 ? 55  LYS B C   1 
ATOM   1038 O  O   . LYS B 1 55  ? 13.931  1.793   5.897   1.00 56.37 ? 55  LYS B O   1 
ATOM   1039 C  CB  . LYS B 1 55  ? 14.496  3.627   3.940   1.00 51.38 ? 55  LYS B CB  1 
ATOM   1040 C  CG  . LYS B 1 55  ? 15.493  4.773   4.003   1.00 53.34 ? 55  LYS B CG  1 
ATOM   1041 C  CD  . LYS B 1 55  ? 14.930  6.048   4.619   1.00 54.17 ? 55  LYS B CD  1 
ATOM   1042 C  CE  . LYS B 1 55  ? 16.096  6.866   5.179   1.00 55.52 ? 55  LYS B CE  1 
ATOM   1043 N  NZ  . LYS B 1 55  ? 15.957  8.327   4.943   1.00 57.76 ? 55  LYS B NZ  1 
ATOM   1044 N  N   . ARG B 1 56  ? 15.967  0.861   5.763   1.00 60.67 ? 56  ARG B N   1 
ATOM   1045 C  CA  . ARG B 1 56  ? 15.719  0.018   6.934   1.00 65.46 ? 56  ARG B CA  1 
ATOM   1046 C  C   . ARG B 1 56  ? 16.891  -0.123  7.952   1.00 68.25 ? 56  ARG B C   1 
ATOM   1047 O  O   . ARG B 1 56  ? 17.951  -0.715  7.642   1.00 68.70 ? 56  ARG B O   1 
ATOM   1048 C  CB  . ARG B 1 56  ? 15.149  -1.353  6.500   1.00 65.50 ? 56  ARG B CB  1 
ATOM   1049 C  CG  . ARG B 1 56  ? 13.662  -1.353  6.015   1.00 66.85 ? 56  ARG B CG  1 
ATOM   1050 C  CD  . ARG B 1 56  ? 13.155  -2.779  5.722   1.00 69.29 ? 56  ARG B CD  1 
ATOM   1051 N  NE  . ARG B 1 56  ? 14.135  -3.540  4.940   1.00 69.91 ? 56  ARG B NE  1 
ATOM   1052 C  CZ  . ARG B 1 56  ? 15.046  -4.376  5.447   1.00 70.85 ? 56  ARG B CZ  1 
ATOM   1053 N  NH1 . ARG B 1 56  ? 15.099  -4.608  6.755   1.00 69.22 ? 56  ARG B NH1 1 
ATOM   1054 N  NH2 . ARG B 1 56  ? 15.902  -5.000  4.632   1.00 70.00 ? 56  ARG B NH2 1 
ATOM   1055 N  N   . SER B 1 57  ? 16.646  0.405   9.165   1.00 71.21 ? 57  SER B N   1 
ATOM   1056 C  CA  . SER B 1 57  ? 17.583  0.376   10.320  1.00 73.93 ? 57  SER B CA  1 
ATOM   1057 C  C   . SER B 1 57  ? 17.981  -1.006  10.891  1.00 75.91 ? 57  SER B C   1 
ATOM   1058 O  O   . SER B 1 57  ? 19.180  -1.209  11.164  1.00 76.06 ? 57  SER B O   1 
ATOM   1059 C  CB  . SER B 1 57  ? 17.090  1.298   11.458  1.00 73.94 ? 57  SER B CB  1 
ATOM   1060 O  OG  . SER B 1 57  ? 18.164  1.749   12.279  1.00 74.24 ? 57  SER B OG  1 
ATOM   1061 N  N   . ARG B 1 68  ? 20.357  3.157   7.067   1.00 40.98 ? 68  ARG B N   1 
ATOM   1062 C  CA  . ARG B 1 68  ? 20.851  3.454   5.676   1.00 40.49 ? 68  ARG B CA  1 
ATOM   1063 C  C   . ARG B 1 68  ? 19.863  3.165   4.552   1.00 40.17 ? 68  ARG B C   1 
ATOM   1064 O  O   . ARG B 1 68  ? 19.012  2.248   4.621   1.00 39.18 ? 68  ARG B O   1 
ATOM   1065 C  CB  . ARG B 1 68  ? 22.226  2.861   5.377   1.00 41.16 ? 68  ARG B CB  1 
ATOM   1066 C  CG  . ARG B 1 68  ? 22.348  1.336   5.340   1.00 43.95 ? 68  ARG B CG  1 
ATOM   1067 C  CD  . ARG B 1 68  ? 23.525  1.002   4.380   1.00 51.86 ? 68  ARG B CD  1 
ATOM   1068 N  NE  . ARG B 1 68  ? 24.210  -0.278  4.615   1.00 54.74 ? 68  ARG B NE  1 
ATOM   1069 C  CZ  . ARG B 1 68  ? 25.404  -0.383  5.218   1.00 58.71 ? 68  ARG B CZ  1 
ATOM   1070 N  NH1 . ARG B 1 68  ? 26.049  0.700   5.666   1.00 58.65 ? 68  ARG B NH1 1 
ATOM   1071 N  NH2 . ARG B 1 68  ? 25.968  -1.578  5.382   1.00 59.64 ? 68  ARG B NH2 1 
ATOM   1072 N  N   . ASN B 1 69  ? 20.011  3.973   3.509   1.00 38.28 ? 69  ASN B N   1 
ATOM   1073 C  CA  . ASN B 1 69  ? 19.090  4.029   2.404   1.00 37.44 ? 69  ASN B CA  1 
ATOM   1074 C  C   . ASN B 1 69  ? 19.687  3.119   1.334   1.00 36.32 ? 69  ASN B C   1 
ATOM   1075 O  O   . ASN B 1 69  ? 20.565  3.554   0.583   1.00 36.20 ? 69  ASN B O   1 
ATOM   1076 C  CB  . ASN B 1 69  ? 19.000  5.501   1.974   1.00 37.82 ? 69  ASN B CB  1 
ATOM   1077 C  CG  . ASN B 1 69  ? 17.932  5.750   0.943   1.00 41.64 ? 69  ASN B CG  1 
ATOM   1078 O  OD1 . ASN B 1 69  ? 16.816  5.268   1.082   1.00 43.88 ? 69  ASN B OD1 1 
ATOM   1079 N  ND2 . ASN B 1 69  ? 18.269  6.514   -0.110  1.00 40.46 ? 69  ASN B ND2 1 
ATOM   1080 N  N   . ASP B 1 70  ? 19.298  1.835   1.344   1.00 34.20 ? 70  ASP B N   1 
ATOM   1081 C  CA  . ASP B 1 70  ? 19.932  0.837   0.493   1.00 33.76 ? 70  ASP B CA  1 
ATOM   1082 C  C   . ASP B 1 70  ? 19.308  0.881   -0.912  1.00 32.41 ? 70  ASP B C   1 
ATOM   1083 O  O   . ASP B 1 70  ? 18.066  0.919   -1.026  1.00 32.59 ? 70  ASP B O   1 
ATOM   1084 C  CB  . ASP B 1 70  ? 19.781  -0.579  1.065   1.00 34.17 ? 70  ASP B CB  1 
ATOM   1085 C  CG  . ASP B 1 70  ? 20.854  -0.911  2.109   1.00 37.83 ? 70  ASP B CG  1 
ATOM   1086 O  OD1 . ASP B 1 70  ? 21.892  -0.205  2.146   1.00 38.67 ? 70  ASP B OD1 1 
ATOM   1087 O  OD2 . ASP B 1 70  ? 20.630  -1.847  2.918   1.00 37.55 ? 70  ASP B OD2 1 
ATOM   1088 N  N   . PRO B 1 71  ? 20.153  0.916   -1.962  1.00 30.16 ? 71  PRO B N   1 
ATOM   1089 C  CA  . PRO B 1 71  ? 19.660  0.849   -3.338  1.00 29.48 ? 71  PRO B CA  1 
ATOM   1090 C  C   . PRO B 1 71  ? 18.943  -0.458  -3.561  1.00 26.92 ? 71  PRO B C   1 
ATOM   1091 O  O   . PRO B 1 71  ? 19.378  -1.511  -3.105  1.00 26.07 ? 71  PRO B O   1 
ATOM   1092 C  CB  . PRO B 1 71  ? 20.951  0.832   -4.188  1.00 28.72 ? 71  PRO B CB  1 
ATOM   1093 C  CG  . PRO B 1 71  ? 21.987  1.399   -3.295  1.00 30.99 ? 71  PRO B CG  1 
ATOM   1094 C  CD  . PRO B 1 71  ? 21.625  0.913   -1.924  1.00 30.37 ? 71  PRO B CD  1 
ATOM   1095 N  N   . ALA B 1 72  ? 17.856  -0.391  -4.295  1.00 25.69 ? 72  ALA B N   1 
ATOM   1096 C  CA  . ALA B 1 72  ? 17.078  -1.597  -4.561  1.00 25.67 ? 72  ALA B CA  1 
ATOM   1097 C  C   . ALA B 1 72  ? 16.631  -1.664  -6.033  1.00 24.79 ? 72  ALA B C   1 
ATOM   1098 O  O   . ALA B 1 72  ? 16.649  -0.653  -6.736  1.00 24.38 ? 72  ALA B O   1 
ATOM   1099 C  CB  . ALA B 1 72  ? 15.837  -1.646  -3.602  1.00 23.28 ? 72  ALA B CB  1 
ATOM   1100 N  N   . THR B 1 73  ? 16.210  -2.852  -6.456  1.00 25.05 ? 73  THR B N   1 
ATOM   1101 C  CA  . THR B 1 73  ? 15.847  -3.118  -7.835  1.00 26.01 ? 73  THR B CA  1 
ATOM   1102 C  C   . THR B 1 73  ? 14.387  -3.639  -7.881  1.00 26.08 ? 73  THR B C   1 
ATOM   1103 O  O   . THR B 1 73  ? 13.967  -4.505  -7.079  1.00 26.31 ? 73  THR B O   1 
ATOM   1104 C  CB  . THR B 1 73  ? 16.912  -4.053  -8.483  1.00 26.19 ? 73  THR B CB  1 
ATOM   1105 O  OG1 . THR B 1 73  ? 18.143  -3.323  -8.651  1.00 24.77 ? 73  THR B OG1 1 
ATOM   1106 C  CG2 . THR B 1 73  ? 16.482  -4.585  -9.857  1.00 28.26 ? 73  THR B CG2 1 
ATOM   1107 N  N   . VAL B 1 74  ? 13.614  -3.081  -8.808  1.00 24.39 ? 74  VAL B N   1 
ATOM   1108 C  CA  . VAL B 1 74  ? 12.202  -3.452  -8.957  1.00 23.79 ? 74  VAL B CA  1 
ATOM   1109 C  C   . VAL B 1 74  ? 11.989  -4.448  -10.112 1.00 24.45 ? 74  VAL B C   1 
ATOM   1110 O  O   . VAL B 1 74  ? 12.624  -4.335  -11.164 1.00 25.02 ? 74  VAL B O   1 
ATOM   1111 C  CB  . VAL B 1 74  ? 11.337  -2.203  -9.202  1.00 23.14 ? 74  VAL B CB  1 
ATOM   1112 C  CG1 . VAL B 1 74  ? 9.831   -2.553  -9.266  1.00 20.60 ? 74  VAL B CG1 1 
ATOM   1113 C  CG2 . VAL B 1 74  ? 11.646  -1.141  -8.121  1.00 21.25 ? 74  VAL B CG2 1 
ATOM   1114 N  N   . TYR B 1 75  ? 11.099  -5.417  -9.899  1.00 24.63 ? 75  TYR B N   1 
ATOM   1115 C  CA  . TYR B 1 75  ? 10.719  -6.393  -10.934 1.00 25.32 ? 75  TYR B CA  1 
ATOM   1116 C  C   . TYR B 1 75  ? 9.205   -6.364  -10.998 1.00 26.56 ? 75  TYR B C   1 
ATOM   1117 O  O   . TYR B 1 75  ? 8.542   -6.194  -9.976  1.00 27.64 ? 75  TYR B O   1 
ATOM   1118 C  CB  . TYR B 1 75  ? 11.208  -7.780  -10.529 1.00 25.61 ? 75  TYR B CB  1 
ATOM   1119 C  CG  . TYR B 1 75  ? 12.722  -7.852  -10.444 1.00 26.56 ? 75  TYR B CG  1 
ATOM   1120 C  CD1 . TYR B 1 75  ? 13.476  -8.300  -11.542 1.00 27.76 ? 75  TYR B CD1 1 
ATOM   1121 C  CD2 . TYR B 1 75  ? 13.403  -7.411  -9.310  1.00 25.65 ? 75  TYR B CD2 1 
ATOM   1122 C  CE1 . TYR B 1 75  ? 14.898  -8.376  -11.492 1.00 27.75 ? 75  TYR B CE1 1 
ATOM   1123 C  CE2 . TYR B 1 75  ? 14.806  -7.471  -9.250  1.00 27.05 ? 75  TYR B CE2 1 
ATOM   1124 C  CZ  . TYR B 1 75  ? 15.535  -7.953  -10.345 1.00 27.15 ? 75  TYR B CZ  1 
ATOM   1125 O  OH  . TYR B 1 75  ? 16.892  -7.979  -10.322 1.00 30.81 ? 75  TYR B OH  1 
ATOM   1126 N  N   . GLY B 1 76  ? 8.632   -6.549  -12.178 1.00 26.71 ? 76  GLY B N   1 
ATOM   1127 C  CA  . GLY B 1 76  ? 7.197   -6.442  -12.314 1.00 27.47 ? 76  GLY B CA  1 
ATOM   1128 C  C   . GLY B 1 76  ? 6.773   -5.122  -12.942 1.00 27.47 ? 76  GLY B C   1 
ATOM   1129 O  O   . GLY B 1 76  ? 7.522   -4.550  -13.725 1.00 27.22 ? 76  GLY B O   1 
ATOM   1130 N  N   . SER B 1 77  ? 5.571   -4.638  -12.588 1.00 27.27 ? 77  SER B N   1 
ATOM   1131 C  CA  . SER B 1 77  ? 4.962   -3.466  -13.257 1.00 26.88 ? 77  SER B CA  1 
ATOM   1132 C  C   . SER B 1 77  ? 4.035   -2.798  -12.246 1.00 26.34 ? 77  SER B C   1 
ATOM   1133 O  O   . SER B 1 77  ? 3.841   -3.325  -11.168 1.00 25.50 ? 77  SER B O   1 
ATOM   1134 C  CB  . SER B 1 77  ? 4.120   -3.997  -14.447 1.00 28.27 ? 77  SER B CB  1 
ATOM   1135 O  OG  . SER B 1 77  ? 3.189   -4.952  -13.910 1.00 30.51 ? 77  SER B OG  1 
ATOM   1136 N  N   . PRO B 1 78  ? 3.449   -1.621  -12.577 1.00 26.94 ? 78  PRO B N   1 
ATOM   1137 C  CA  . PRO B 1 78  ? 2.647   -0.887  -11.551 1.00 27.13 ? 78  PRO B CA  1 
ATOM   1138 C  C   . PRO B 1 78  ? 1.601   -1.769  -10.871 1.00 27.27 ? 78  PRO B C   1 
ATOM   1139 O  O   . PRO B 1 78  ? 0.994   -2.613  -11.519 1.00 27.56 ? 78  PRO B O   1 
ATOM   1140 C  CB  . PRO B 1 78  ? 2.026   0.277   -12.330 1.00 26.96 ? 78  PRO B CB  1 
ATOM   1141 C  CG  . PRO B 1 78  ? 3.095   0.635   -13.314 1.00 28.80 ? 78  PRO B CG  1 
ATOM   1142 C  CD  . PRO B 1 78  ? 3.732   -0.774  -13.751 1.00 27.06 ? 78  PRO B CD  1 
ATOM   1143 N  N   . GLY B 1 79  ? 1.469   -1.666  -9.549  1.00 27.13 ? 79  GLY B N   1 
ATOM   1144 C  CA  . GLY B 1 79  ? 0.562   -2.575  -8.816  1.00 24.61 ? 79  GLY B CA  1 
ATOM   1145 C  C   . GLY B 1 79  ? 0.981   -4.018  -8.637  1.00 25.21 ? 79  GLY B C   1 
ATOM   1146 O  O   . GLY B 1 79  ? 0.380   -4.744  -7.822  1.00 23.74 ? 79  GLY B O   1 
ATOM   1147 N  N   . LYS B 1 80  ? 2.002   -4.466  -9.377  1.00 24.75 ? 80  LYS B N   1 
ATOM   1148 C  CA  . LYS B 1 80  ? 2.345   -5.877  -9.383  1.00 25.55 ? 80  LYS B CA  1 
ATOM   1149 C  C   . LYS B 1 80  ? 3.840   -6.024  -9.457  1.00 24.44 ? 80  LYS B C   1 
ATOM   1150 O  O   . LYS B 1 80  ? 4.359   -6.433  -10.486 1.00 22.98 ? 80  LYS B O   1 
ATOM   1151 C  CB  . LYS B 1 80  ? 1.690   -6.619  -10.583 1.00 26.90 ? 80  LYS B CB  1 
ATOM   1152 C  CG  . LYS B 1 80  ? 0.230   -6.214  -10.869 1.00 31.68 ? 80  LYS B CG  1 
ATOM   1153 C  CD  . LYS B 1 80  ? -0.088  -6.456  -12.352 1.00 41.56 ? 80  LYS B CD  1 
ATOM   1154 C  CE  . LYS B 1 80  ? -1.580  -6.339  -12.629 1.00 44.31 ? 80  LYS B CE  1 
ATOM   1155 N  NZ  . LYS B 1 80  ? -2.347  -7.079  -11.554 1.00 49.28 ? 80  LYS B NZ  1 
ATOM   1156 N  N   . TYR B 1 81  ? 4.539   -5.702  -8.355  1.00 24.64 ? 81  TYR B N   1 
ATOM   1157 C  CA  . TYR B 1 81  ? 6.003   -5.672  -8.387  1.00 22.78 ? 81  TYR B CA  1 
ATOM   1158 C  C   . TYR B 1 81  ? 6.608   -6.304  -7.140  1.00 23.85 ? 81  TYR B C   1 
ATOM   1159 O  O   . TYR B 1 81  ? 5.911   -6.539  -6.101  1.00 23.42 ? 81  TYR B O   1 
ATOM   1160 C  CB  . TYR B 1 81  ? 6.529   -4.230  -8.589  1.00 22.54 ? 81  TYR B CB  1 
ATOM   1161 C  CG  . TYR B 1 81  ? 6.028   -3.258  -7.488  1.00 20.53 ? 81  TYR B CG  1 
ATOM   1162 C  CD1 . TYR B 1 81  ? 6.650   -3.201  -6.204  1.00 20.59 ? 81  TYR B CD1 1 
ATOM   1163 C  CD2 . TYR B 1 81  ? 4.951   -2.431  -7.737  1.00 18.70 ? 81  TYR B CD2 1 
ATOM   1164 C  CE1 . TYR B 1 81  ? 6.184   -2.280  -5.175  1.00 21.77 ? 81  TYR B CE1 1 
ATOM   1165 C  CE2 . TYR B 1 81  ? 4.462   -1.518  -6.725  1.00 22.43 ? 81  TYR B CE2 1 
ATOM   1166 C  CZ  . TYR B 1 81  ? 5.080   -1.478  -5.452  1.00 21.26 ? 81  TYR B CZ  1 
ATOM   1167 O  OH  . TYR B 1 81  ? 4.599   -0.601  -4.509  1.00 21.72 ? 81  TYR B OH  1 
ATOM   1168 N  N   . VAL B 1 82  ? 7.892   -6.627  -7.284  1.00 22.49 ? 82  VAL B N   1 
ATOM   1169 C  CA  . VAL B 1 82  ? 8.747   -7.181  -6.231  1.00 24.07 ? 82  VAL B CA  1 
ATOM   1170 C  C   . VAL B 1 82  ? 9.951   -6.228  -6.157  1.00 23.63 ? 82  VAL B C   1 
ATOM   1171 O  O   . VAL B 1 82  ? 10.413  -5.799  -7.184  1.00 24.52 ? 82  VAL B O   1 
ATOM   1172 C  CB  . VAL B 1 82  ? 9.251   -8.567  -6.692  1.00 24.25 ? 82  VAL B CB  1 
ATOM   1173 C  CG1 . VAL B 1 82  ? 10.228  -9.204  -5.720  1.00 26.50 ? 82  VAL B CG1 1 
ATOM   1174 C  CG2 . VAL B 1 82  ? 8.008   -9.474  -6.893  1.00 27.48 ? 82  VAL B CG2 1 
ATOM   1175 N  N   . VAL B 1 83  ? 10.406  -5.883  -4.951  1.00 24.56 ? 83  VAL B N   1 
ATOM   1176 C  CA  . VAL B 1 83  ? 11.540  -4.980  -4.751  1.00 24.85 ? 83  VAL B CA  1 
ATOM   1177 C  C   . VAL B 1 83  ? 12.597  -5.816  -4.097  1.00 26.27 ? 83  VAL B C   1 
ATOM   1178 O  O   . VAL B 1 83  ? 12.279  -6.603  -3.221  1.00 26.98 ? 83  VAL B O   1 
ATOM   1179 C  CB  . VAL B 1 83  ? 11.228  -3.756  -3.876  1.00 24.25 ? 83  VAL B CB  1 
ATOM   1180 C  CG1 . VAL B 1 83  ? 12.412  -2.847  -3.926  1.00 23.97 ? 83  VAL B CG1 1 
ATOM   1181 C  CG2 . VAL B 1 83  ? 9.992   -2.921  -4.387  1.00 21.98 ? 83  VAL B CG2 1 
ATOM   1182 N  N   . VAL B 1 84  ? 13.830  -5.718  -4.581  1.00 26.72 ? 84  VAL B N   1 
ATOM   1183 C  CA  . VAL B 1 84  ? 14.928  -6.577  -4.116  1.00 28.34 ? 84  VAL B CA  1 
ATOM   1184 C  C   . VAL B 1 84  ? 16.106  -5.657  -3.742  1.00 30.68 ? 84  VAL B C   1 
ATOM   1185 O  O   . VAL B 1 84  ? 16.535  -4.801  -4.562  1.00 29.89 ? 84  VAL B O   1 
ATOM   1186 C  CB  . VAL B 1 84  ? 15.388  -7.664  -5.182  1.00 28.70 ? 84  VAL B CB  1 
ATOM   1187 C  CG1 . VAL B 1 84  ? 16.574  -8.523  -4.637  1.00 30.44 ? 84  VAL B CG1 1 
ATOM   1188 C  CG2 . VAL B 1 84  ? 14.251  -8.647  -5.577  1.00 28.49 ? 84  VAL B CG2 1 
ATOM   1189 N  N   . ASN B 1 85  ? 16.582  -5.796  -2.502  1.00 31.01 ? 85  ASN B N   1 
ATOM   1190 C  CA  . ASN B 1 85  ? 17.747  -5.059  -2.002  1.00 32.50 ? 85  ASN B CA  1 
ATOM   1191 C  C   . ASN B 1 85  ? 19.011  -5.423  -2.771  1.00 32.10 ? 85  ASN B C   1 
ATOM   1192 O  O   . ASN B 1 85  ? 19.350  -6.611  -2.905  1.00 32.70 ? 85  ASN B O   1 
ATOM   1193 C  CB  . ASN B 1 85  ? 17.930  -5.374  -0.506  1.00 33.48 ? 85  ASN B CB  1 
ATOM   1194 C  CG  . ASN B 1 85  ? 19.062  -4.573  0.142   1.00 33.18 ? 85  ASN B CG  1 
ATOM   1195 O  OD1 . ASN B 1 85  ? 20.232  -4.769  -0.178  1.00 35.94 ? 85  ASN B OD1 1 
ATOM   1196 N  ND2 . ASN B 1 85  ? 18.712  -3.738  1.115   1.00 35.74 ? 85  ASN B ND2 1 
ATOM   1197 N  N   . ASP B 1 86  ? 19.695  -4.419  -3.311  1.00 32.03 ? 86  ASP B N   1 
ATOM   1198 C  CA  . ASP B 1 86  ? 20.879  -4.718  -4.150  1.00 33.05 ? 86  ASP B CA  1 
ATOM   1199 C  C   . ASP B 1 86  ? 22.004  -5.326  -3.335  1.00 34.40 ? 86  ASP B C   1 
ATOM   1200 O  O   . ASP B 1 86  ? 22.648  -6.257  -3.770  1.00 33.81 ? 86  ASP B O   1 
ATOM   1201 C  CB  . ASP B 1 86  ? 21.411  -3.456  -4.839  1.00 32.76 ? 86  ASP B CB  1 
ATOM   1202 C  CG  . ASP B 1 86  ? 20.453  -2.917  -5.881  1.00 31.20 ? 86  ASP B CG  1 
ATOM   1203 O  OD1 . ASP B 1 86  ? 19.449  -3.579  -6.193  1.00 24.95 ? 86  ASP B OD1 1 
ATOM   1204 O  OD2 . ASP B 1 86  ? 20.681  -1.811  -6.371  1.00 32.70 ? 86  ASP B OD2 1 
ATOM   1205 N  N   . ARG B 1 87  ? 22.247  -4.796  -2.143  1.00 37.30 ? 87  ARG B N   1 
ATOM   1206 C  CA  . ARG B 1 87  ? 23.354  -5.361  -1.380  1.00 41.00 ? 87  ARG B CA  1 
ATOM   1207 C  C   . ARG B 1 87  ? 23.082  -6.728  -0.748  1.00 41.63 ? 87  ARG B C   1 
ATOM   1208 O  O   . ARG B 1 87  ? 23.979  -7.579  -0.723  1.00 42.20 ? 87  ARG B O   1 
ATOM   1209 C  CB  . ARG B 1 87  ? 24.067  -4.374  -0.455  1.00 42.20 ? 87  ARG B CB  1 
ATOM   1210 C  CG  . ARG B 1 87  ? 23.245  -3.355  0.341   1.00 45.93 ? 87  ARG B CG  1 
ATOM   1211 C  CD  . ARG B 1 87  ? 24.114  -2.879  1.544   1.00 51.97 ? 87  ARG B CD  1 
ATOM   1212 N  NE  . ARG B 1 87  ? 23.275  -2.623  2.708   1.00 54.90 ? 87  ARG B NE  1 
ATOM   1213 C  CZ  . ARG B 1 87  ? 22.874  -3.549  3.578   1.00 55.92 ? 87  ARG B CZ  1 
ATOM   1214 N  NH1 . ARG B 1 87  ? 23.280  -4.816  3.442   1.00 57.63 ? 87  ARG B NH1 1 
ATOM   1215 N  NH2 . ARG B 1 87  ? 22.080  -3.200  4.591   1.00 51.67 ? 87  ARG B NH2 1 
ATOM   1216 N  N   . THR B 1 88  ? 21.834  -6.968  -0.335  1.00 42.28 ? 88  THR B N   1 
ATOM   1217 C  CA  . THR B 1 88  ? 21.508  -8.214  0.385   1.00 42.74 ? 88  THR B CA  1 
ATOM   1218 C  C   . THR B 1 88  ? 20.876  -9.293  -0.464  1.00 42.48 ? 88  THR B C   1 
ATOM   1219 O  O   . THR B 1 88  ? 20.958  -10.469 -0.115  1.00 42.77 ? 88  THR B O   1 
ATOM   1220 C  CB  . THR B 1 88  ? 20.626  -7.960  1.660   1.00 43.79 ? 88  THR B CB  1 
ATOM   1221 O  OG1 . THR B 1 88  ? 19.316  -7.524  1.290   1.00 42.44 ? 88  THR B OG1 1 
ATOM   1222 C  CG2 . THR B 1 88  ? 21.248  -6.882  2.550   1.00 43.53 ? 88  THR B CG2 1 
ATOM   1223 N  N   . GLY B 1 89  ? 20.241  -8.911  -1.575  1.00 41.97 ? 89  GLY B N   1 
ATOM   1224 C  CA  . GLY B 1 89  ? 19.532  -9.887  -2.406  1.00 40.83 ? 89  GLY B CA  1 
ATOM   1225 C  C   . GLY B 1 89  ? 18.191  -10.280 -1.797  1.00 40.43 ? 89  GLY B C   1 
ATOM   1226 O  O   . GLY B 1 89  ? 17.471  -11.126 -2.335  1.00 41.29 ? 89  GLY B O   1 
ATOM   1227 N  N   . GLU B 1 90  ? 17.842  -9.654  -0.688  1.00 39.66 ? 90  GLU B N   1 
ATOM   1228 C  CA  . GLU B 1 90  ? 16.581  -9.948  -0.002  1.00 39.49 ? 90  GLU B CA  1 
ATOM   1229 C  C   . GLU B 1 90  ? 15.375  -9.246  -0.653  1.00 37.21 ? 90  GLU B C   1 
ATOM   1230 O  O   . GLU B 1 90  ? 15.466  -8.058  -1.029  1.00 35.18 ? 90  GLU B O   1 
ATOM   1231 C  CB  . GLU B 1 90  ? 16.698  -9.515  1.463   1.00 40.04 ? 90  GLU B CB  1 
ATOM   1232 C  CG  . GLU B 1 90  ? 16.133  -10.531 2.500   1.00 48.07 ? 90  GLU B CG  1 
ATOM   1233 C  CD  . GLU B 1 90  ? 16.028  -9.945  3.939   1.00 55.85 ? 90  GLU B CD  1 
ATOM   1234 O  OE1 . GLU B 1 90  ? 16.646  -8.887  4.224   1.00 60.47 ? 90  GLU B OE1 1 
ATOM   1235 O  OE2 . GLU B 1 90  ? 15.320  -10.531 4.799   1.00 58.32 ? 90  GLU B OE2 1 
ATOM   1236 N  N   . VAL B 1 91  ? 14.255  -9.969  -0.804  1.00 34.21 ? 91  VAL B N   1 
ATOM   1237 C  CA  . VAL B 1 91  ? 13.017  -9.322  -1.222  1.00 31.81 ? 91  VAL B CA  1 
ATOM   1238 C  C   . VAL B 1 91  ? 12.626  -8.397  -0.085  1.00 31.70 ? 91  VAL B C   1 
ATOM   1239 O  O   . VAL B 1 91  ? 12.589  -8.817  1.053   1.00 32.41 ? 91  VAL B O   1 
ATOM   1240 C  CB  . VAL B 1 91  ? 11.886  -10.334 -1.588  1.00 31.80 ? 91  VAL B CB  1 
ATOM   1241 C  CG1 . VAL B 1 91  ? 10.631  -9.582  -1.970  1.00 27.42 ? 91  VAL B CG1 1 
ATOM   1242 C  CG2 . VAL B 1 91  ? 12.316  -11.220 -2.748  1.00 29.62 ? 91  VAL B CG2 1 
ATOM   1243 N  N   . THR B 1 92  ? 12.397  -7.121  -0.363  1.00 29.66 ? 92  THR B N   1 
ATOM   1244 C  CA  . THR B 1 92  ? 12.134  -6.166  0.707   1.00 28.61 ? 92  THR B CA  1 
ATOM   1245 C  C   . THR B 1 92  ? 10.675  -5.706  0.683   1.00 27.80 ? 92  THR B C   1 
ATOM   1246 O  O   . THR B 1 92  ? 10.135  -5.204  1.688   1.00 26.11 ? 92  THR B O   1 
ATOM   1247 C  CB  . THR B 1 92  ? 13.079  -4.952  0.565   1.00 29.88 ? 92  THR B CB  1 
ATOM   1248 O  OG1 . THR B 1 92  ? 12.774  -4.222  -0.644  1.00 28.42 ? 92  THR B OG1 1 
ATOM   1249 C  CG2 . THR B 1 92  ? 14.507  -5.449  0.408   1.00 30.72 ? 92  THR B CG2 1 
ATOM   1250 N  N   . GLN B 1 93  ? 10.044  -5.836  -0.484  1.00 26.81 ? 93  GLN B N   1 
ATOM   1251 C  CA  . GLN B 1 93  ? 8.642   -5.407  -0.648  1.00 27.18 ? 93  GLN B CA  1 
ATOM   1252 C  C   . GLN B 1 93  ? 7.970   -6.172  -1.757  1.00 25.27 ? 93  GLN B C   1 
ATOM   1253 O  O   . GLN B 1 93  ? 8.595   -6.502  -2.731  1.00 23.33 ? 93  GLN B O   1 
ATOM   1254 C  CB  . GLN B 1 93  ? 8.523   -3.910  -1.028  1.00 27.36 ? 93  GLN B CB  1 
ATOM   1255 C  CG  . GLN B 1 93  ? 8.343   -2.936  0.099   1.00 35.27 ? 93  GLN B CG  1 
ATOM   1256 C  CD  . GLN B 1 93  ? 7.926   -1.571  -0.424  1.00 40.85 ? 93  GLN B CD  1 
ATOM   1257 O  OE1 . GLN B 1 93  ? 8.681   -0.917  -1.161  1.00 40.02 ? 93  GLN B OE1 1 
ATOM   1258 N  NE2 . GLN B 1 93  ? 6.710   -1.129  -0.046  1.00 42.68 ? 93  GLN B NE2 1 
ATOM   1259 N  N   . ILE B 1 94  ? 6.665   -6.409  -1.588  1.00 24.80 ? 94  ILE B N   1 
ATOM   1260 C  CA  . ILE B 1 94  ? 5.818   -6.940  -2.644  1.00 23.93 ? 94  ILE B CA  1 
ATOM   1261 C  C   . ILE B 1 94  ? 4.512   -6.145  -2.594  1.00 23.51 ? 94  ILE B C   1 
ATOM   1262 O  O   . ILE B 1 94  ? 4.036   -5.806  -1.524  1.00 24.27 ? 94  ILE B O   1 
ATOM   1263 C  CB  . ILE B 1 94  ? 5.559   -8.475  -2.481  1.00 23.56 ? 94  ILE B CB  1 
ATOM   1264 C  CG1 . ILE B 1 94  ? 4.666   -8.785  -1.248  1.00 21.95 ? 94  ILE B CG1 1 
ATOM   1265 C  CG2 . ILE B 1 94  ? 6.926   -9.244  -2.455  1.00 25.58 ? 94  ILE B CG2 1 
ATOM   1266 C  CD1 . ILE B 1 94  ? 4.398   -10.360 -1.019  1.00 21.80 ? 94  ILE B CD1 1 
ATOM   1267 N  N   . SER B 1 95  ? 3.959   -5.817  -3.751  1.00 23.34 ? 95  SER B N   1 
ATOM   1268 C  CA  . SER B 1 95  ? 2.762   -5.013  -3.773  1.00 23.73 ? 95  SER B CA  1 
ATOM   1269 C  C   . SER B 1 95  ? 1.595   -5.952  -3.499  1.00 23.70 ? 95  SER B C   1 
ATOM   1270 O  O   . SER B 1 95  ? 1.708   -7.192  -3.630  1.00 24.78 ? 95  SER B O   1 
ATOM   1271 C  CB  . SER B 1 95  ? 2.594   -4.441  -5.149  1.00 22.81 ? 95  SER B CB  1 
ATOM   1272 O  OG  . SER B 1 95  ? 2.385   -5.517  -6.053  1.00 25.99 ? 95  SER B OG  1 
ATOM   1273 N  N   . ASP B 1 96  ? 0.478   -5.383  -3.105  1.00 23.16 ? 96  ASP B N   1 
ATOM   1274 C  CA  . ASP B 1 96  ? -0.714  -6.186  -3.017  1.00 23.57 ? 96  ASP B CA  1 
ATOM   1275 C  C   . ASP B 1 96  ? -1.454  -6.247  -4.363  1.00 24.63 ? 96  ASP B C   1 
ATOM   1276 O  O   . ASP B 1 96  ? -2.212  -5.303  -4.722  1.00 24.63 ? 96  ASP B O   1 
ATOM   1277 C  CB  . ASP B 1 96  ? -1.618  -5.655  -1.941  1.00 21.71 ? 96  ASP B CB  1 
ATOM   1278 C  CG  . ASP B 1 96  ? -2.779  -6.597  -1.682  1.00 23.51 ? 96  ASP B CG  1 
ATOM   1279 O  OD1 . ASP B 1 96  ? -3.046  -7.433  -2.589  1.00 21.02 ? 96  ASP B OD1 1 
ATOM   1280 O  OD2 . ASP B 1 96  ? -3.401  -6.475  -0.620  1.00 20.96 ? 96  ASP B OD2 1 
ATOM   1281 N  N   . LYS B 1 97  ? -1.235  -7.334  -5.099  1.00 26.00 ? 97  LYS B N   1 
ATOM   1282 C  CA  . LYS B 1 97  ? -1.788  -7.480  -6.462  1.00 29.30 ? 97  LYS B CA  1 
ATOM   1283 C  C   . LYS B 1 97  ? -3.287  -7.593  -6.436  1.00 29.77 ? 97  LYS B C   1 
ATOM   1284 O  O   . LYS B 1 97  ? -3.934  -7.308  -7.441  1.00 29.66 ? 97  LYS B O   1 
ATOM   1285 C  CB  . LYS B 1 97  ? -1.247  -8.711  -7.227  1.00 29.84 ? 97  LYS B CB  1 
ATOM   1286 C  CG  . LYS B 1 97  ? 0.138   -8.487  -7.835  1.00 34.57 ? 97  LYS B CG  1 
ATOM   1287 C  CD  . LYS B 1 97  ? 0.608   -9.674  -8.690  1.00 35.67 ? 97  LYS B CD  1 
ATOM   1288 C  CE  . LYS B 1 97  ? 0.511   -10.937 -7.913  1.00 37.94 ? 97  LYS B CE  1 
ATOM   1289 N  NZ  . LYS B 1 97  ? 0.982   -12.120 -8.690  1.00 44.15 ? 97  LYS B NZ  1 
ATOM   1290 N  N   . THR B 1 98  ? -3.825  -8.009  -5.284  1.00 30.75 ? 98  THR B N   1 
ATOM   1291 C  CA  . THR B 1 98  ? -5.254  -8.165  -5.138  1.00 31.84 ? 98  THR B CA  1 
ATOM   1292 C  C   . THR B 1 98  ? -5.963  -6.878  -4.626  1.00 31.58 ? 98  THR B C   1 
ATOM   1293 O  O   . THR B 1 98  ? -7.150  -6.903  -4.310  1.00 31.07 ? 98  THR B O   1 
ATOM   1294 C  CB  . THR B 1 98  ? -5.557  -9.371  -4.200  1.00 32.67 ? 98  THR B CB  1 
ATOM   1295 O  OG1 . THR B 1 98  ? -5.310  -8.992  -2.854  1.00 29.67 ? 98  THR B OG1 1 
ATOM   1296 C  CG2 . THR B 1 98  ? -4.702  -10.613 -4.562  1.00 33.15 ? 98  THR B CG2 1 
ATOM   1297 N  N   . ASP B 1 99  ? -5.212  -5.773  -4.536  1.00 32.20 ? 99  ASP B N   1 
ATOM   1298 C  CA  . ASP B 1 99  ? -5.691  -4.503  -3.970  1.00 31.86 ? 99  ASP B CA  1 
ATOM   1299 C  C   . ASP B 1 99  ? -5.734  -3.545  -5.141  1.00 31.86 ? 99  ASP B C   1 
ATOM   1300 O  O   . ASP B 1 99  ? -4.689  -3.049  -5.609  1.00 29.31 ? 99  ASP B O   1 
ATOM   1301 C  CB  . ASP B 1 99  ? -4.755  -4.007  -2.826  1.00 31.08 ? 99  ASP B CB  1 
ATOM   1302 C  CG  . ASP B 1 99  ? -5.180  -2.632  -2.196  1.00 31.68 ? 99  ASP B CG  1 
ATOM   1303 O  OD1 . ASP B 1 99  ? -6.222  -2.048  -2.539  1.00 30.65 ? 99  ASP B OD1 1 
ATOM   1304 O  OD2 . ASP B 1 99  ? -4.405  -2.124  -1.331  1.00 29.32 ? 99  ASP B OD2 1 
ATOM   1305 N  N   . PRO B 1 100 ? -6.963  -3.262  -5.620  1.00 33.15 ? 100 PRO B N   1 
ATOM   1306 C  CA  . PRO B 1 100 ? -7.082  -2.355  -6.746  1.00 32.99 ? 100 PRO B CA  1 
ATOM   1307 C  C   . PRO B 1 100 ? -6.798  -0.911  -6.279  1.00 33.41 ? 100 PRO B C   1 
ATOM   1308 O  O   . PRO B 1 100 ? -6.526  -0.046  -7.113  1.00 34.07 ? 100 PRO B O   1 
ATOM   1309 C  CB  . PRO B 1 100 ? -8.536  -2.542  -7.179  1.00 33.63 ? 100 PRO B CB  1 
ATOM   1310 C  CG  . PRO B 1 100 ? -9.262  -2.736  -5.849  1.00 34.14 ? 100 PRO B CG  1 
ATOM   1311 C  CD  . PRO B 1 100 ? -8.279  -3.594  -5.023  1.00 32.57 ? 100 PRO B CD  1 
ATOM   1312 N  N   . GLY B 1 101 ? -6.772  -0.649  -4.966  1.00 33.07 ? 101 GLY B N   1 
ATOM   1313 C  CA  . GLY B 1 101 ? -6.295  0.691   -4.519  1.00 31.31 ? 101 GLY B CA  1 
ATOM   1314 C  C   . GLY B 1 101 ? -4.783  0.768   -4.209  1.00 30.84 ? 101 GLY B C   1 
ATOM   1315 O  O   . GLY B 1 101 ? -4.329  1.778   -3.648  1.00 31.22 ? 101 GLY B O   1 
ATOM   1316 N  N   . TRP B 1 102 ? -3.996  -0.272  -4.516  1.00 27.55 ? 102 TRP B N   1 
ATOM   1317 C  CA  . TRP B 1 102 ? -2.561  -0.278  -4.078  1.00 25.37 ? 102 TRP B CA  1 
ATOM   1318 C  C   . TRP B 1 102 ? -1.855  1.000   -4.533  1.00 25.18 ? 102 TRP B C   1 
ATOM   1319 O  O   . TRP B 1 102 ? -1.941  1.385   -5.683  1.00 24.83 ? 102 TRP B O   1 
ATOM   1320 C  CB  . TRP B 1 102 ? -1.766  -1.471  -4.623  1.00 23.08 ? 102 TRP B CB  1 
ATOM   1321 C  CG  . TRP B 1 102 ? -0.329  -1.500  -4.089  1.00 22.62 ? 102 TRP B CG  1 
ATOM   1322 C  CD1 . TRP B 1 102 ? 0.788   -1.153  -4.733  1.00 18.44 ? 102 TRP B CD1 1 
ATOM   1323 C  CD2 . TRP B 1 102 ? 0.074   -1.914  -2.772  1.00 22.26 ? 102 TRP B CD2 1 
ATOM   1324 N  NE1 . TRP B 1 102 ? 1.901   -1.335  -3.911  1.00 21.62 ? 102 TRP B NE1 1 
ATOM   1325 C  CE2 . TRP B 1 102 ? 1.470   -1.789  -2.696  1.00 21.54 ? 102 TRP B CE2 1 
ATOM   1326 C  CE3 . TRP B 1 102 ? -0.631  -2.319  -1.629  1.00 21.92 ? 102 TRP B CE3 1 
ATOM   1327 C  CZ2 . TRP B 1 102 ? 2.191   -2.092  -1.536  1.00 20.14 ? 102 TRP B CZ2 1 
ATOM   1328 C  CZ3 . TRP B 1 102 ? 0.102   -2.646  -0.454  1.00 19.93 ? 102 TRP B CZ3 1 
ATOM   1329 C  CH2 . TRP B 1 102 ? 1.492   -2.518  -0.429  1.00 17.07 ? 102 TRP B CH2 1 
ATOM   1330 N  N   . VAL B 1 103 ? -1.120  1.641   -3.643  1.00 25.30 ? 103 VAL B N   1 
ATOM   1331 C  CA  . VAL B 1 103 ? -0.348  2.829   -4.004  1.00 24.05 ? 103 VAL B CA  1 
ATOM   1332 C  C   . VAL B 1 103 ? 1.085   2.335   -4.173  1.00 25.23 ? 103 VAL B C   1 
ATOM   1333 O  O   . VAL B 1 103 ? 1.729   1.835   -3.200  1.00 25.07 ? 103 VAL B O   1 
ATOM   1334 C  CB  . VAL B 1 103 ? -0.466  3.895   -2.894  1.00 24.72 ? 103 VAL B CB  1 
ATOM   1335 C  CG1 . VAL B 1 103 ? 0.385   5.139   -3.201  1.00 26.64 ? 103 VAL B CG1 1 
ATOM   1336 C  CG2 . VAL B 1 103 ? -1.969  4.332   -2.726  1.00 24.91 ? 103 VAL B CG2 1 
ATOM   1337 N  N   . ASP B 1 104 ? 1.583   2.464   -5.391  1.00 23.82 ? 104 ASP B N   1 
ATOM   1338 C  CA  . ASP B 1 104 ? 2.954   2.185   -5.702  1.00 25.78 ? 104 ASP B CA  1 
ATOM   1339 C  C   . ASP B 1 104 ? 3.852   3.079   -4.817  1.00 25.10 ? 104 ASP B C   1 
ATOM   1340 O  O   . ASP B 1 104 ? 3.555   4.217   -4.630  1.00 26.03 ? 104 ASP B O   1 
ATOM   1341 C  CB  . ASP B 1 104 ? 3.216   2.462   -7.207  1.00 26.10 ? 104 ASP B CB  1 
ATOM   1342 C  CG  . ASP B 1 104 ? 2.684   1.329   -8.153  1.00 26.47 ? 104 ASP B CG  1 
ATOM   1343 O  OD1 . ASP B 1 104 ? 2.045   0.379   -7.697  1.00 25.33 ? 104 ASP B OD1 1 
ATOM   1344 O  OD2 . ASP B 1 104 ? 2.954   1.406   -9.371  1.00 29.96 ? 104 ASP B OD2 1 
ATOM   1345 N  N   . ASP B 1 105 ? 4.891   2.505   -4.246  1.00 24.88 ? 105 ASP B N   1 
ATOM   1346 C  CA  . ASP B 1 105 ? 5.932   3.206   -3.496  1.00 26.21 ? 105 ASP B CA  1 
ATOM   1347 C  C   . ASP B 1 105 ? 6.426   4.340   -4.387  1.00 26.16 ? 105 ASP B C   1 
ATOM   1348 O  O   . ASP B 1 105 ? 6.816   4.107   -5.540  1.00 24.09 ? 105 ASP B O   1 
ATOM   1349 C  CB  . ASP B 1 105 ? 7.067   2.206   -3.261  1.00 26.08 ? 105 ASP B CB  1 
ATOM   1350 C  CG  . ASP B 1 105 ? 8.290   2.790   -2.504  1.00 28.57 ? 105 ASP B CG  1 
ATOM   1351 O  OD1 . ASP B 1 105 ? 8.520   4.017   -2.431  1.00 25.75 ? 105 ASP B OD1 1 
ATOM   1352 O  OD2 . ASP B 1 105 ? 8.975   1.958   -1.911  1.00 32.93 ? 105 ASP B OD2 1 
ATOM   1353 N  N   . SER B 1 106 ? 6.372   5.556   -3.872  1.00 26.20 ? 106 SER B N   1 
ATOM   1354 C  CA  . SER B 1 106 ? 6.618   6.744   -4.702  1.00 27.96 ? 106 SER B CA  1 
ATOM   1355 C  C   . SER B 1 106 ? 8.062   6.882   -5.092  1.00 28.04 ? 106 SER B C   1 
ATOM   1356 O  O   . SER B 1 106 ? 8.401   7.600   -6.034  1.00 29.92 ? 106 SER B O   1 
ATOM   1357 C  CB  . SER B 1 106 ? 6.208   8.013   -3.946  1.00 29.07 ? 106 SER B CB  1 
ATOM   1358 O  OG  . SER B 1 106 ? 7.088   8.167   -2.837  1.00 29.62 ? 106 SER B OG  1 
ATOM   1359 N  N   . ARG B 1 107 ? 8.924   6.184   -4.388  1.00 29.21 ? 107 ARG B N   1 
ATOM   1360 C  CA  . ARG B 1 107 ? 10.341  6.181   -4.740  1.00 29.64 ? 107 ARG B CA  1 
ATOM   1361 C  C   . ARG B 1 107 ? 10.708  5.348   -5.976  1.00 28.69 ? 107 ARG B C   1 
ATOM   1362 O  O   . ARG B 1 107 ? 11.811  5.499   -6.516  1.00 27.59 ? 107 ARG B O   1 
ATOM   1363 C  CB  . ARG B 1 107 ? 11.146  5.711   -3.534  1.00 30.22 ? 107 ARG B CB  1 
ATOM   1364 C  CG  . ARG B 1 107 ? 11.029  6.689   -2.350  1.00 31.07 ? 107 ARG B CG  1 
ATOM   1365 C  CD  . ARG B 1 107 ? 11.565  5.979   -1.126  1.00 36.98 ? 107 ARG B CD  1 
ATOM   1366 N  NE  . ARG B 1 107 ? 10.924  4.677   -0.922  1.00 36.53 ? 107 ARG B NE  1 
ATOM   1367 C  CZ  . ARG B 1 107 ? 11.284  3.817   0.019   1.00 38.70 ? 107 ARG B CZ  1 
ATOM   1368 N  NH1 . ARG B 1 107 ? 12.307  4.106   0.817   1.00 41.62 ? 107 ARG B NH1 1 
ATOM   1369 N  NH2 . ARG B 1 107 ? 10.665  2.652   0.138   1.00 35.08 ? 107 ARG B NH2 1 
ATOM   1370 N  N   . ILE B 1 108 ? 9.778   4.506   -6.439  1.00 26.83 ? 108 ILE B N   1 
ATOM   1371 C  CA  . ILE B 1 108 ? 10.052  3.662   -7.628  1.00 24.29 ? 108 ILE B CA  1 
ATOM   1372 C  C   . ILE B 1 108 ? 10.210  4.491   -8.824  1.00 23.89 ? 108 ILE B C   1 
ATOM   1373 O  O   . ILE B 1 108 ? 9.411   5.384   -9.073  1.00 23.70 ? 108 ILE B O   1 
ATOM   1374 C  CB  . ILE B 1 108 ? 8.904   2.611   -7.933  1.00 24.56 ? 108 ILE B CB  1 
ATOM   1375 C  CG1 . ILE B 1 108 ? 8.738   1.675   -6.715  1.00 21.89 ? 108 ILE B CG1 1 
ATOM   1376 C  CG2 . ILE B 1 108 ? 9.245   1.844   -9.280  1.00 23.78 ? 108 ILE B CG2 1 
ATOM   1377 C  CD1 . ILE B 1 108 ? 7.572   0.574   -6.799  1.00 27.16 ? 108 ILE B CD1 1 
ATOM   1378 N  N   . GLN B 1 109 ? 11.251  4.203   -9.585  1.00 23.00 ? 109 GLN B N   1 
ATOM   1379 C  CA  . GLN B 1 109 ? 11.296  4.709   -10.932 1.00 23.84 ? 109 GLN B CA  1 
ATOM   1380 C  C   . GLN B 1 109 ? 11.244  3.519   -11.900 1.00 23.71 ? 109 GLN B C   1 
ATOM   1381 O  O   . GLN B 1 109 ? 11.929  2.527   -11.721 1.00 23.05 ? 109 GLN B O   1 
ATOM   1382 C  CB  . GLN B 1 109 ? 12.542  5.558   -11.205 1.00 22.57 ? 109 GLN B CB  1 
ATOM   1383 C  CG  . GLN B 1 109 ? 12.724  6.825   -10.356 1.00 25.00 ? 109 GLN B CG  1 
ATOM   1384 C  CD  . GLN B 1 109 ? 14.120  7.406   -10.645 1.00 28.05 ? 109 GLN B CD  1 
ATOM   1385 O  OE1 . GLN B 1 109 ? 15.125  7.078   -9.977  1.00 29.71 ? 109 GLN B OE1 1 
ATOM   1386 N  NE2 . GLN B 1 109 ? 14.195  8.202   -11.665 1.00 22.83 ? 109 GLN B NE2 1 
ATOM   1387 N  N   . TRP B 1 110 ? 10.438  3.648   -12.943 1.00 24.93 ? 110 TRP B N   1 
ATOM   1388 C  CA  . TRP B 1 110 ? 10.300  2.577   -13.925 1.00 25.36 ? 110 TRP B CA  1 
ATOM   1389 C  C   . TRP B 1 110 ? 11.233  2.818   -15.107 1.00 25.91 ? 110 TRP B C   1 
ATOM   1390 O  O   . TRP B 1 110 ? 11.423  3.941   -15.522 1.00 24.92 ? 110 TRP B O   1 
ATOM   1391 C  CB  . TRP B 1 110 ? 8.857   2.559   -14.426 1.00 26.66 ? 110 TRP B CB  1 
ATOM   1392 C  CG  . TRP B 1 110 ? 7.861   2.258   -13.326 1.00 24.02 ? 110 TRP B CG  1 
ATOM   1393 C  CD1 . TRP B 1 110 ? 6.934   3.122   -12.796 1.00 23.41 ? 110 TRP B CD1 1 
ATOM   1394 C  CD2 . TRP B 1 110 ? 7.686   1.019   -12.667 1.00 20.73 ? 110 TRP B CD2 1 
ATOM   1395 N  NE1 . TRP B 1 110 ? 6.187   2.473   -11.832 1.00 22.25 ? 110 TRP B NE1 1 
ATOM   1396 C  CE2 . TRP B 1 110 ? 6.621   1.181   -11.738 1.00 19.68 ? 110 TRP B CE2 1 
ATOM   1397 C  CE3 . TRP B 1 110 ? 8.312   -0.241  -12.778 1.00 21.35 ? 110 TRP B CE3 1 
ATOM   1398 C  CZ2 . TRP B 1 110 ? 6.175   0.139   -10.884 1.00 19.10 ? 110 TRP B CZ2 1 
ATOM   1399 C  CZ3 . TRP B 1 110 ? 7.842   -1.291  -11.961 1.00 26.09 ? 110 TRP B CZ3 1 
ATOM   1400 C  CH2 . TRP B 1 110 ? 6.778   -1.076  -10.995 1.00 22.05 ? 110 TRP B CH2 1 
ATOM   1401 N  N   . GLY B 1 111 ? 11.832  1.776   -15.643 1.00 28.07 ? 111 GLY B N   1 
ATOM   1402 C  CA  . GLY B 1 111 ? 12.707  1.955   -16.796 1.00 30.48 ? 111 GLY B CA  1 
ATOM   1403 C  C   . GLY B 1 111 ? 11.939  1.958   -18.112 1.00 34.25 ? 111 GLY B C   1 
ATOM   1404 O  O   . GLY B 1 111 ? 10.714  1.850   -18.132 1.00 34.57 ? 111 GLY B O   1 
ATOM   1405 N  N   . ASN B 1 112 ? 12.675  2.037   -19.211 1.00 37.49 ? 112 ASN B N   1 
ATOM   1406 C  CA  . ASN B 1 112 ? 12.141  2.344   -20.539 1.00 41.47 ? 112 ASN B CA  1 
ATOM   1407 C  C   . ASN B 1 112 ? 11.181  1.285   -20.996 1.00 43.50 ? 112 ASN B C   1 
ATOM   1408 O  O   . ASN B 1 112 ? 11.491  0.096   -20.921 1.00 42.70 ? 112 ASN B O   1 
ATOM   1409 C  CB  . ASN B 1 112 ? 13.281  2.515   -21.577 1.00 41.86 ? 112 ASN B CB  1 
ATOM   1410 C  CG  . ASN B 1 112 ? 12.767  2.943   -22.973 1.00 46.15 ? 112 ASN B CG  1 
ATOM   1411 O  OD1 . ASN B 1 112 ? 12.780  2.148   -23.921 1.00 46.36 ? 112 ASN B OD1 1 
ATOM   1412 N  ND2 . ASN B 1 112 ? 12.308  4.202   -23.092 1.00 49.79 ? 112 ASN B ND2 1 
ATOM   1413 N  N   . LYS B 1 113 ? 10.006  1.768   -21.409 1.00 47.48 ? 113 LYS B N   1 
ATOM   1414 C  CA  . LYS B 1 113 ? 8.942   1.051   -22.187 1.00 51.56 ? 113 LYS B CA  1 
ATOM   1415 C  C   . LYS B 1 113 ? 9.394   -0.103  -23.121 1.00 52.75 ? 113 LYS B C   1 
ATOM   1416 O  O   . LYS B 1 113 ? 10.376  0.035   -23.853 1.00 53.10 ? 113 LYS B O   1 
ATOM   1417 C  CB  . LYS B 1 113 ? 8.152   2.078   -23.044 1.00 51.98 ? 113 LYS B CB  1 
ATOM   1418 C  CG  . LYS B 1 113 ? 8.093   3.547   -22.487 1.00 55.84 ? 113 LYS B CG  1 
ATOM   1419 C  CD  . LYS B 1 113 ? 9.375   4.405   -22.753 1.00 58.81 ? 113 LYS B CD  1 
ATOM   1420 C  CE  . LYS B 1 113 ? 9.181   5.510   -23.812 1.00 61.73 ? 113 LYS B CE  1 
ATOM   1421 N  NZ  . LYS B 1 113 ? 8.654   5.021   -25.127 1.00 62.08 ? 113 LYS B NZ  1 
ATOM   1422 N  N   . ASN B 1 114 ? 8.623   -1.195  -23.108 1.00 54.91 ? 114 ASN B N   1 
ATOM   1423 C  CA  . ASN B 1 114 ? 8.817   -2.440  -23.908 1.00 56.53 ? 114 ASN B CA  1 
ATOM   1424 C  C   . ASN B 1 114 ? 9.719   -3.468  -23.187 1.00 57.58 ? 114 ASN B C   1 
ATOM   1425 O  O   . ASN B 1 114 ? 9.500   -4.673  -23.291 1.00 58.15 ? 114 ASN B O   1 
ATOM   1426 C  CB  . ASN B 1 114 ? 9.299   -2.190  -25.370 1.00 56.35 ? 114 ASN B CB  1 
ATOM   1427 C  CG  . ASN B 1 114 ? 8.258   -1.485  -26.251 1.00 55.26 ? 114 ASN B CG  1 
ATOM   1428 O  OD1 . ASN B 1 114 ? 8.261   -1.667  -27.474 1.00 54.37 ? 114 ASN B OD1 1 
ATOM   1429 N  ND2 . ASN B 1 114 ? 7.392   -0.655  -25.644 1.00 50.31 ? 114 ASN B ND2 1 
HETATM 1430 CD CD  . CD  C 2 .   ? -5.598  -10.078 0.878   1.00 31.83 ? 117 CD  A CD  1 
HETATM 1431 CD CD  . CD  D 2 .   ? 1.874   -9.255  8.360   1.00 69.39 ? 118 CD  A CD  1 
HETATM 1432 CD CD  . CD  E 2 .   ? -7.023  -13.133 4.168   0.50 50.36 ? 119 CD  A CD  1 
HETATM 1433 CD CD  . CD  F 2 .   ? -0.334  -9.835  7.321   1.00 46.64 ? 117 CD  B CD  1 
HETATM 1434 O  O   . HOH G 3 .   ? -19.304 -4.688  12.979  1.00 11.56 ? 120 HOH A O   1 
HETATM 1435 O  O   . HOH G 3 .   ? -16.282 -3.149  19.749  1.00 16.31 ? 121 HOH A O   1 
HETATM 1436 O  O   . HOH G 3 .   ? -17.362 2.544   -2.123  1.00 12.07 ? 122 HOH A O   1 
HETATM 1437 O  O   . HOH G 3 .   ? -9.318  16.707  3.811   1.00 21.61 ? 123 HOH A O   1 
HETATM 1438 O  O   . HOH G 3 .   ? -6.101  -0.164  1.707   1.00 19.59 ? 124 HOH A O   1 
HETATM 1439 O  O   . HOH G 3 .   ? -1.641  4.133   1.761   1.00 23.82 ? 125 HOH A O   1 
HETATM 1440 O  O   . HOH G 3 .   ? -19.393 -0.227  6.174   1.00 34.62 ? 126 HOH A O   1 
HETATM 1441 O  O   . HOH G 3 .   ? -4.014  9.896   16.274  1.00 23.34 ? 127 HOH A O   1 
HETATM 1442 O  O   . HOH G 3 .   ? 3.659   15.850  5.161   1.00 28.53 ? 128 HOH A O   1 
HETATM 1443 O  O   . HOH G 3 .   ? 7.738   -4.660  3.595   1.00 34.36 ? 129 HOH A O   1 
HETATM 1444 O  O   . HOH G 3 .   ? -6.087  9.739   14.658  1.00 17.54 ? 130 HOH A O   1 
HETATM 1445 O  O   . HOH G 3 .   ? 4.535   -0.732  1.882   1.00 34.87 ? 131 HOH A O   1 
HETATM 1446 O  O   . HOH G 3 .   ? -20.183 6.536   6.490   1.00 51.07 ? 132 HOH A O   1 
HETATM 1447 O  O   . HOH G 3 .   ? -14.328 1.481   1.928   1.00 28.02 ? 133 HOH A O   1 
HETATM 1448 O  O   . HOH G 3 .   ? -6.863  8.210   -4.531  1.00 33.32 ? 134 HOH A O   1 
HETATM 1449 O  O   . HOH G 3 .   ? 1.936   19.801  12.352  1.00 44.76 ? 135 HOH A O   1 
HETATM 1450 O  O   . HOH G 3 .   ? -3.948  8.676   0.235   1.00 37.11 ? 136 HOH A O   1 
HETATM 1451 O  O   . HOH G 3 .   ? -7.348  7.706   -0.610  1.00 28.31 ? 137 HOH A O   1 
HETATM 1452 O  O   . HOH G 3 .   ? -8.988  -11.617 5.144   0.50 16.38 ? 138 HOH A O   1 
HETATM 1453 O  O   . HOH G 3 .   ? -7.825  17.027  1.488   1.00 25.69 ? 139 HOH A O   1 
HETATM 1454 O  O   . HOH G 3 .   ? -15.477 -3.334  -3.509  1.00 41.92 ? 140 HOH A O   1 
HETATM 1455 O  O   . HOH G 3 .   ? -12.028 1.601   -0.918  1.00 51.60 ? 141 HOH A O   1 
HETATM 1456 O  O   . HOH G 3 .   ? 3.371   -0.173  9.665   1.00 26.37 ? 142 HOH A O   1 
HETATM 1457 O  O   . HOH G 3 .   ? 6.108   4.456   8.570   1.00 45.47 ? 143 HOH A O   1 
HETATM 1458 O  O   . HOH G 3 .   ? -8.030  5.802   -10.600 1.00 29.89 ? 144 HOH A O   1 
HETATM 1459 O  O   . HOH G 3 .   ? -20.127 9.373   -5.122  1.00 41.15 ? 145 HOH A O   1 
HETATM 1460 O  O   . HOH G 3 .   ? -19.661 8.368   11.049  1.00 52.62 ? 146 HOH A O   1 
HETATM 1461 O  O   . HOH G 3 .   ? -15.506 -3.344  -11.407 1.00 40.87 ? 147 HOH A O   1 
HETATM 1462 O  O   . HOH G 3 .   ? 1.923   18.592  -0.076  1.00 50.59 ? 148 HOH A O   1 
HETATM 1463 O  O   . HOH G 3 .   ? -2.030  15.578  -0.320  1.00 36.68 ? 149 HOH A O   1 
HETATM 1464 O  O   . HOH G 3 .   ? 9.811   -1.837  3.565   1.00 46.19 ? 150 HOH A O   1 
HETATM 1465 O  O   . HOH G 3 .   ? -3.830  3.819   14.124  1.00 32.39 ? 151 HOH A O   1 
HETATM 1466 O  O   . HOH G 3 .   ? -11.771 -0.344  21.638  1.00 54.21 ? 152 HOH A O   1 
HETATM 1467 O  O   . HOH G 3 .   ? 5.598   13.381  0.653   1.00 49.55 ? 153 HOH A O   1 
HETATM 1468 O  O   . HOH G 3 .   ? -21.753 3.247   -3.885  1.00 49.91 ? 154 HOH A O   1 
HETATM 1469 O  O   . HOH G 3 .   ? -13.121 -6.448  14.087  1.00 31.51 ? 155 HOH A O   1 
HETATM 1470 O  O   . HOH G 3 .   ? -12.931 12.481  6.650   1.00 35.17 ? 156 HOH A O   1 
HETATM 1471 O  O   . HOH G 3 .   ? 7.023   5.617   5.081   1.00 36.40 ? 157 HOH A O   1 
HETATM 1472 O  O   . HOH G 3 .   ? -10.885 11.435  -10.106 1.00 37.82 ? 158 HOH A O   1 
HETATM 1473 O  O   . HOH G 3 .   ? 1.139   16.074  -1.134  1.00 52.59 ? 159 HOH A O   1 
HETATM 1474 O  O   . HOH G 3 .   ? -16.174 13.302  -6.547  1.00 26.52 ? 160 HOH A O   1 
HETATM 1475 O  O   . HOH G 3 .   ? 3.196   4.116   -0.946  1.00 31.59 ? 161 HOH A O   1 
HETATM 1476 O  O   . HOH G 3 .   ? 2.449   7.720   -3.102  1.00 35.78 ? 162 HOH A O   1 
HETATM 1477 O  O   . HOH G 3 .   ? -11.526 4.977   -15.468 1.00 48.15 ? 163 HOH A O   1 
HETATM 1478 O  O   . HOH G 3 .   ? -18.881 -5.928  12.935  1.00 22.63 ? 164 HOH A O   1 
HETATM 1479 O  O   . HOH G 3 .   ? -10.598 15.568  13.394  1.00 38.59 ? 165 HOH A O   1 
HETATM 1480 O  O   . HOH G 3 .   ? -20.094 6.093   -1.225  1.00 53.46 ? 166 HOH A O   1 
HETATM 1481 O  O   . HOH G 3 .   ? -9.577  -4.383  18.721  1.00 40.62 ? 167 HOH A O   1 
HETATM 1482 O  O   . HOH G 3 .   ? 1.650   20.790  3.088   1.00 40.09 ? 168 HOH A O   1 
HETATM 1483 O  O   . HOH G 3 .   ? 6.386   7.637   1.405   1.00 57.71 ? 169 HOH A O   1 
HETATM 1484 O  O   . HOH G 3 .   ? 6.218   0.273   12.067  1.00 69.35 ? 170 HOH A O   1 
HETATM 1485 O  O   . HOH G 3 .   ? -10.545 -7.114  11.370  1.00 51.90 ? 171 HOH A O   1 
HETATM 1486 O  O   . HOH G 3 .   ? -20.066 11.562  7.047   1.00 75.15 ? 172 HOH A O   1 
HETATM 1487 O  O   . HOH G 3 .   ? 4.330   -8.288  7.912   1.00 30.39 ? 173 HOH A O   1 
HETATM 1488 O  O   . HOH G 3 .   ? 1.242   -8.108  6.229   1.00 22.26 ? 174 HOH A O   1 
HETATM 1489 O  O   . HOH G 3 .   ? -3.192  -7.066  2.414   1.00 27.59 ? 175 HOH A O   1 
HETATM 1490 O  O   . HOH G 3 .   ? -8.777  6.660   -3.132  1.00 24.40 ? 176 HOH A O   1 
HETATM 1491 O  O   . HOH G 3 .   ? 3.092   0.803   1.072   1.00 26.33 ? 177 HOH A O   1 
HETATM 1492 O  O   . HOH G 3 .   ? -7.547  -6.532  -1.320  1.00 28.20 ? 178 HOH A O   1 
HETATM 1493 O  O   . HOH G 3 .   ? -9.490  -7.746  0.117   1.00 35.21 ? 179 HOH A O   1 
HETATM 1494 O  O   . HOH G 3 .   ? -7.969  -9.783  1.388   1.00 22.90 ? 180 HOH A O   1 
HETATM 1495 O  O   . HOH H 3 .   ? 6.194   -5.777  1.395   1.00 21.66 ? 118 HOH B O   1 
HETATM 1496 O  O   . HOH H 3 .   ? 14.152  5.112   -7.884  1.00 21.36 ? 119 HOH B O   1 
HETATM 1497 O  O   . HOH H 3 .   ? -1.740  1.104   -0.753  1.00 31.23 ? 120 HOH B O   1 
HETATM 1498 O  O   . HOH H 3 .   ? 11.309  -22.399 -1.915  1.00 42.35 ? 121 HOH B O   1 
HETATM 1499 O  O   . HOH H 3 .   ? -5.340  -7.788  -0.023  1.00 21.49 ? 122 HOH B O   1 
HETATM 1500 O  O   . HOH H 3 .   ? 7.695   -24.406 -8.070  1.00 48.63 ? 123 HOH B O   1 
HETATM 1501 O  O   . HOH H 3 .   ? 2.849   6.271   -5.777  1.00 42.74 ? 124 HOH B O   1 
HETATM 1502 O  O   . HOH H 3 .   ? 4.453   -9.025  -11.962 1.00 42.27 ? 125 HOH B O   1 
HETATM 1503 O  O   . HOH H 3 .   ? 23.292  -0.995  -6.213  1.00 25.27 ? 126 HOH B O   1 
HETATM 1504 O  O   . HOH H 3 .   ? 12.696  -11.046 2.359   1.00 35.76 ? 127 HOH B O   1 
HETATM 1505 O  O   . HOH H 3 .   ? 17.755  -6.665  3.132   1.00 43.19 ? 128 HOH B O   1 
HETATM 1506 O  O   . HOH H 3 .   ? 18.195  -8.691  -12.283 1.00 51.12 ? 129 HOH B O   1 
HETATM 1507 O  O   . HOH H 3 .   ? 4.023   3.329   -10.360 1.00 31.26 ? 130 HOH B O   1 
HETATM 1508 O  O   . HOH H 3 .   ? 8.261   -15.597 -17.974 1.00 49.00 ? 131 HOH B O   1 
HETATM 1509 O  O   . HOH H 3 .   ? 15.895  -10.934 6.818   1.00 53.96 ? 132 HOH B O   1 
HETATM 1510 O  O   . HOH H 3 .   ? 8.944   6.125   -13.322 1.00 29.55 ? 133 HOH B O   1 
HETATM 1511 O  O   . HOH H 3 .   ? 11.949  1.313   2.431   1.00 35.43 ? 134 HOH B O   1 
HETATM 1512 O  O   . HOH H 3 .   ? 12.560  -8.042  4.226   1.00 37.32 ? 135 HOH B O   1 
HETATM 1513 O  O   . HOH H 3 .   ? 20.102  3.612   9.945   1.00 46.14 ? 136 HOH B O   1 
HETATM 1514 O  O   . HOH H 3 .   ? 14.733  -7.247  4.972   1.00 60.48 ? 137 HOH B O   1 
HETATM 1515 O  O   . HOH H 3 .   ? -0.369  0.584   -9.925  1.00 78.04 ? 138 HOH B O   1 
HETATM 1516 O  O   . HOH H 3 .   ? 11.665  -1.380  2.023   1.00 30.90 ? 139 HOH B O   1 
HETATM 1517 O  O   . HOH H 3 .   ? 23.936  1.034   1.134   1.00 39.06 ? 140 HOH B O   1 
HETATM 1518 O  O   . HOH H 3 .   ? 0.862   1.017   -0.657  1.00 27.62 ? 141 HOH B O   1 
HETATM 1519 O  O   . HOH H 3 .   ? 14.473  5.991   0.475   1.00 32.90 ? 142 HOH B O   1 
HETATM 1520 O  O   . HOH H 3 .   ? -6.185  -11.094 -1.122  1.00 33.52 ? 143 HOH B O   1 
HETATM 1521 O  O   . HOH H 3 .   ? 12.098  -8.713  6.989   1.00 48.55 ? 144 HOH B O   1 
HETATM 1522 O  O   . HOH H 3 .   ? 8.776   9.884   -3.442  1.00 45.74 ? 145 HOH B O   1 
HETATM 1523 O  O   . HOH H 3 .   ? 13.428  8.030   -14.400 1.00 46.21 ? 146 HOH B O   1 
HETATM 1524 O  O   . HOH H 3 .   ? 7.621   6.327   -0.979  1.00 36.97 ? 147 HOH B O   1 
HETATM 1525 O  O   . HOH H 3 .   ? -7.041  0.306   -0.874  1.00 28.54 ? 148 HOH B O   1 
HETATM 1526 O  O   . HOH H 3 .   ? 11.049  -18.121 -15.932 1.00 47.80 ? 149 HOH B O   1 
HETATM 1527 O  O   . HOH H 3 .   ? 9.463   -0.870  -16.944 1.00 41.44 ? 150 HOH B O   1 
HETATM 1528 O  O   . HOH H 3 .   ? 14.520  -1.661  -16.762 1.00 41.16 ? 151 HOH B O   1 
HETATM 1529 O  O   . HOH H 3 .   ? 18.089  9.034   2.949   1.00 43.27 ? 152 HOH B O   1 
HETATM 1530 O  O   . HOH H 3 .   ? 1.305   -17.353 -1.387  1.00 40.21 ? 153 HOH B O   1 
HETATM 1531 O  O   . HOH H 3 .   ? 12.586  5.274   -20.525 1.00 55.08 ? 154 HOH B O   1 
HETATM 1532 O  O   . HOH H 3 .   ? 13.251  -11.219 -20.714 1.00 57.23 ? 155 HOH B O   1 
HETATM 1533 O  O   . HOH H 3 .   ? 24.307  -8.308  -4.011  1.00 51.79 ? 156 HOH B O   1 
HETATM 1534 O  O   . HOH H 3 .   ? 5.598   -0.793  -2.080  1.00 33.78 ? 157 HOH B O   1 
HETATM 1535 O  O   . HOH H 3 .   ? 11.882  -1.676  -0.517  1.00 39.03 ? 158 HOH B O   1 
HETATM 1536 O  O   . HOH H 3 .   ? 8.359   -7.994  -16.026 1.00 47.32 ? 159 HOH B O   1 
HETATM 1537 O  O   . HOH H 3 .   ? 5.261   -21.565 -5.660  1.00 39.80 ? 160 HOH B O   1 
HETATM 1538 O  O   . HOH H 3 .   ? 12.124  -1.505  -18.325 1.00 32.78 ? 161 HOH B O   1 
HETATM 1539 O  O   . HOH H 3 .   ? 23.074  -2.104  6.359   1.00 62.21 ? 162 HOH B O   1 
HETATM 1540 O  O   . HOH H 3 .   ? 18.470  -5.966  -6.447  1.00 35.76 ? 163 HOH B O   1 
HETATM 1541 O  O   . HOH H 3 .   ? 6.744   8.983   -7.338  1.00 52.16 ? 164 HOH B O   1 
HETATM 1542 O  O   . HOH H 3 .   ? 2.976   -11.108 -11.318 1.00 49.23 ? 165 HOH B O   1 
HETATM 1543 O  O   . HOH H 3 .   ? -0.666  -7.650  3.705   1.00 22.97 ? 166 HOH B O   1 
HETATM 1544 O  O   . HOH H 3 .   ? -5.438  2.842   -0.986  1.00 42.89 ? 167 HOH B O   1 
HETATM 1545 O  O   . HOH H 3 .   ? -3.436  -0.469  -0.035  1.00 35.11 ? 168 HOH B O   1 
HETATM 1546 O  O   . HOH H 3 .   ? 4.513   -11.239 7.365   1.00 41.76 ? 169 HOH B O   1 
HETATM 1547 O  O   . HOH H 3 .   ? 1.766   -11.646 7.236   1.00 28.40 ? 170 HOH B O   1 
# 
loop_
_pdbx_poly_seq_scheme.asym_id 
_pdbx_poly_seq_scheme.entity_id 
_pdbx_poly_seq_scheme.seq_id 
_pdbx_poly_seq_scheme.mon_id 
_pdbx_poly_seq_scheme.ndb_seq_num 
_pdbx_poly_seq_scheme.pdb_seq_num 
_pdbx_poly_seq_scheme.auth_seq_num 
_pdbx_poly_seq_scheme.pdb_mon_id 
_pdbx_poly_seq_scheme.auth_mon_id 
_pdbx_poly_seq_scheme.pdb_strand_id 
_pdbx_poly_seq_scheme.pdb_ins_code 
_pdbx_poly_seq_scheme.hetero 
A 1 1   MET 1   1   ?   ?   ?   A . n 
A 1 2   ALA 2   2   ?   ?   ?   A . n 
A 1 3   GLU 3   3   ?   ?   ?   A . n 
A 1 4   GLY 4   4   ?   ?   ?   A . n 
A 1 5   LYS 5   5   ?   ?   ?   A . n 
A 1 6   LEU 6   6   ?   ?   ?   A . n 
A 1 7   ASN 7   7   ?   ?   ?   A . n 
A 1 8   ASP 8   8   ?   ?   ?   A . n 
A 1 9   GLU 9   9   ?   ?   ?   A . n 
A 1 10  LEU 10  10  ?   ?   ?   A . n 
A 1 11  ALA 11  11  ?   ?   ?   A . n 
A 1 12  LYS 12  12  ?   ?   ?   A . n 
A 1 13  ASN 13  13  ?   ?   ?   A . n 
A 1 14  LYS 14  14  ?   ?   ?   A . n 
A 1 15  GLY 15  15  ?   ?   ?   A . n 
A 1 16  LYS 16  16  ?   ?   ?   A . n 
A 1 17  ILE 17  17  17  ILE ILE A . n 
A 1 18  PRO 18  18  18  PRO PRO A . n 
A 1 19  GLY 19  19  19  GLY GLY A . n 
A 1 20  LEU 20  20  20  LEU LEU A . n 
A 1 21  LYS 21  21  21  LYS LYS A . n 
A 1 22  ILE 22  22  22  ILE ILE A . n 
A 1 23  ASP 23  23  23  ASP ASP A . n 
A 1 24  GLN 24  24  24  GLN GLN A . n 
A 1 25  LYS 25  25  25  LYS LYS A . n 
A 1 26  ILE 26  26  26  ILE ILE A . n 
A 1 27  ARG 27  27  27  ARG ARG A . n 
A 1 28  GLY 28  28  28  GLY GLY A . n 
A 1 29  GLN 29  29  29  GLN GLN A . n 
A 1 30  MET 30  30  30  MET MET A . n 
A 1 31  PRO 31  31  31  PRO PRO A . n 
A 1 32  GLU 32  32  32  GLU GLU A . n 
A 1 33  ARG 33  33  33  ARG ARG A . n 
A 1 34  GLY 34  34  34  GLY GLY A . n 
A 1 35  TRP 35  35  35  TRP TRP A . n 
A 1 36  THR 36  36  36  THR THR A . n 
A 1 37  GLU 37  37  37  GLU GLU A . n 
A 1 38  ASP 38  38  38  ASP ASP A . n 
A 1 39  ASP 39  39  39  ASP ASP A . n 
A 1 40  ILE 40  40  40  ILE ILE A . n 
A 1 41  LYS 41  41  41  LYS LYS A . n 
A 1 42  ASN 42  42  42  ASN ASN A . n 
A 1 43  THR 43  43  43  THR THR A . n 
A 1 44  VAL 44  44  44  VAL VAL A . n 
A 1 45  SER 45  45  45  SER SER A . n 
A 1 46  ASN 46  46  46  ASN ASN A . n 
A 1 47  GLY 47  47  47  GLY GLY A . n 
A 1 48  ALA 48  48  48  ALA ALA A . n 
A 1 49  THR 49  49  49  THR THR A . n 
A 1 50  GLY 50  50  50  GLY GLY A . n 
A 1 51  THR 51  51  51  THR THR A . n 
A 1 52  SER 52  52  52  SER SER A . n 
A 1 53  PHE 53  53  53  PHE PHE A . n 
A 1 54  ASP 54  54  54  ASP ASP A . n 
A 1 55  LYS 55  55  55  LYS LYS A . n 
A 1 56  ARG 56  56  56  ARG ARG A . n 
A 1 57  SER 57  57  57  SER SER A . n 
A 1 58  PRO 58  58  58  PRO PRO A . n 
A 1 59  LYS 59  59  59  LYS LYS A . n 
A 1 60  LYS 60  60  60  LYS LYS A . n 
A 1 61  THR 61  61  61  THR THR A . n 
A 1 62  PRO 62  62  62  PRO PRO A . n 
A 1 63  PRO 63  63  63  PRO PRO A . n 
A 1 64  ASP 64  64  64  ASP ASP A . n 
A 1 65  TYR 65  65  65  TYR TYR A . n 
A 1 66  LEU 66  66  66  LEU LEU A . n 
A 1 67  GLY 67  67  67  GLY GLY A . n 
A 1 68  ARG 68  68  68  ARG ARG A . n 
A 1 69  ASN 69  69  69  ASN ASN A . n 
A 1 70  ASP 70  70  70  ASP ASP A . n 
A 1 71  PRO 71  71  71  PRO PRO A . n 
A 1 72  ALA 72  72  72  ALA ALA A . n 
A 1 73  THR 73  73  73  THR THR A . n 
A 1 74  VAL 74  74  74  VAL VAL A . n 
A 1 75  TYR 75  75  75  TYR TYR A . n 
A 1 76  GLY 76  76  76  GLY GLY A . n 
A 1 77  SER 77  77  77  SER SER A . n 
A 1 78  PRO 78  78  78  PRO PRO A . n 
A 1 79  GLY 79  79  79  GLY GLY A . n 
A 1 80  LYS 80  80  80  LYS LYS A . n 
A 1 81  TYR 81  81  81  TYR TYR A . n 
A 1 82  VAL 82  82  82  VAL VAL A . n 
A 1 83  VAL 83  83  83  VAL VAL A . n 
A 1 84  VAL 84  84  84  VAL VAL A . n 
A 1 85  ASN 85  85  85  ASN ASN A . n 
A 1 86  ASP 86  86  86  ASP ASP A . n 
A 1 87  ARG 87  87  87  ARG ARG A . n 
A 1 88  THR 88  88  88  THR THR A . n 
A 1 89  GLY 89  89  89  GLY GLY A . n 
A 1 90  GLU 90  90  90  GLU GLU A . n 
A 1 91  VAL 91  91  91  VAL VAL A . n 
A 1 92  THR 92  92  92  THR THR A . n 
A 1 93  GLN 93  93  93  GLN GLN A . n 
A 1 94  ILE 94  94  94  ILE ILE A . n 
A 1 95  SER 95  95  95  SER SER A . n 
A 1 96  ASP 96  96  96  ASP ASP A . n 
A 1 97  LYS 97  97  97  LYS LYS A . n 
A 1 98  THR 98  98  98  THR THR A . n 
A 1 99  ASP 99  99  99  ASP ASP A . n 
A 1 100 PRO 100 100 100 PRO PRO A . n 
A 1 101 GLY 101 101 101 GLY GLY A . n 
A 1 102 TRP 102 102 102 TRP TRP A . n 
A 1 103 VAL 103 103 103 VAL VAL A . n 
A 1 104 ASP 104 104 104 ASP ASP A . n 
A 1 105 ASP 105 105 105 ASP ASP A . n 
A 1 106 SER 106 106 106 SER SER A . n 
A 1 107 ARG 107 107 107 ARG ARG A . n 
A 1 108 ILE 108 108 108 ILE ILE A . n 
A 1 109 GLN 109 109 109 GLN GLN A . n 
A 1 110 TRP 110 110 110 TRP TRP A . n 
A 1 111 GLY 111 111 111 GLY GLY A . n 
A 1 112 ASN 112 112 112 ASN ASN A . n 
A 1 113 LYS 113 113 113 LYS LYS A . n 
A 1 114 ASN 114 114 ?   ?   ?   A . n 
A 1 115 ASP 115 115 ?   ?   ?   A . n 
A 1 116 GLN 116 116 ?   ?   ?   A . n 
B 1 1   MET 1   1   ?   ?   ?   B . n 
B 1 2   ALA 2   2   ?   ?   ?   B . n 
B 1 3   GLU 3   3   ?   ?   ?   B . n 
B 1 4   GLY 4   4   ?   ?   ?   B . n 
B 1 5   LYS 5   5   ?   ?   ?   B . n 
B 1 6   LEU 6   6   ?   ?   ?   B . n 
B 1 7   ASN 7   7   ?   ?   ?   B . n 
B 1 8   ASP 8   8   ?   ?   ?   B . n 
B 1 9   GLU 9   9   ?   ?   ?   B . n 
B 1 10  LEU 10  10  ?   ?   ?   B . n 
B 1 11  ALA 11  11  ?   ?   ?   B . n 
B 1 12  LYS 12  12  ?   ?   ?   B . n 
B 1 13  ASN 13  13  ?   ?   ?   B . n 
B 1 14  LYS 14  14  ?   ?   ?   B . n 
B 1 15  GLY 15  15  ?   ?   ?   B . n 
B 1 16  LYS 16  16  ?   ?   ?   B . n 
B 1 17  ILE 17  17  ?   ?   ?   B . n 
B 1 18  PRO 18  18  ?   ?   ?   B . n 
B 1 19  GLY 19  19  19  GLY GLY B . n 
B 1 20  LEU 20  20  20  LEU LEU B . n 
B 1 21  LYS 21  21  21  LYS LYS B . n 
B 1 22  ILE 22  22  22  ILE ILE B . n 
B 1 23  ASP 23  23  23  ASP ASP B . n 
B 1 24  GLN 24  24  24  GLN GLN B . n 
B 1 25  LYS 25  25  25  LYS LYS B . n 
B 1 26  ILE 26  26  26  ILE ILE B . n 
B 1 27  ARG 27  27  27  ARG ARG B . n 
B 1 28  GLY 28  28  28  GLY GLY B . n 
B 1 29  GLN 29  29  29  GLN GLN B . n 
B 1 30  MET 30  30  30  MET MET B . n 
B 1 31  PRO 31  31  31  PRO PRO B . n 
B 1 32  GLU 32  32  32  GLU GLU B . n 
B 1 33  ARG 33  33  33  ARG ARG B . n 
B 1 34  GLY 34  34  34  GLY GLY B . n 
B 1 35  TRP 35  35  35  TRP TRP B . n 
B 1 36  THR 36  36  36  THR THR B . n 
B 1 37  GLU 37  37  37  GLU GLU B . n 
B 1 38  ASP 38  38  38  ASP ASP B . n 
B 1 39  ASP 39  39  39  ASP ASP B . n 
B 1 40  ILE 40  40  40  ILE ILE B . n 
B 1 41  LYS 41  41  41  LYS LYS B . n 
B 1 42  ASN 42  42  42  ASN ASN B . n 
B 1 43  THR 43  43  43  THR THR B . n 
B 1 44  VAL 44  44  44  VAL VAL B . n 
B 1 45  SER 45  45  45  SER SER B . n 
B 1 46  ASN 46  46  46  ASN ASN B . n 
B 1 47  GLY 47  47  47  GLY GLY B . n 
B 1 48  ALA 48  48  48  ALA ALA B . n 
B 1 49  THR 49  49  49  THR THR B . n 
B 1 50  GLY 50  50  50  GLY GLY B . n 
B 1 51  THR 51  51  51  THR THR B . n 
B 1 52  SER 52  52  52  SER SER B . n 
B 1 53  PHE 53  53  53  PHE PHE B . n 
B 1 54  ASP 54  54  54  ASP ASP B . n 
B 1 55  LYS 55  55  55  LYS LYS B . n 
B 1 56  ARG 56  56  56  ARG ARG B . n 
B 1 57  SER 57  57  57  SER SER B . n 
B 1 58  PRO 58  58  ?   ?   ?   B . n 
B 1 59  LYS 59  59  ?   ?   ?   B . n 
B 1 60  LYS 60  60  ?   ?   ?   B . n 
B 1 61  THR 61  61  ?   ?   ?   B . n 
B 1 62  PRO 62  62  ?   ?   ?   B . n 
B 1 63  PRO 63  63  ?   ?   ?   B . n 
B 1 64  ASP 64  64  ?   ?   ?   B . n 
B 1 65  TYR 65  65  ?   ?   ?   B . n 
B 1 66  LEU 66  66  ?   ?   ?   B . n 
B 1 67  GLY 67  67  ?   ?   ?   B . n 
B 1 68  ARG 68  68  68  ARG ARG B . n 
B 1 69  ASN 69  69  69  ASN ASN B . n 
B 1 70  ASP 70  70  70  ASP ASP B . n 
B 1 71  PRO 71  71  71  PRO PRO B . n 
B 1 72  ALA 72  72  72  ALA ALA B . n 
B 1 73  THR 73  73  73  THR THR B . n 
B 1 74  VAL 74  74  74  VAL VAL B . n 
B 1 75  TYR 75  75  75  TYR TYR B . n 
B 1 76  GLY 76  76  76  GLY GLY B . n 
B 1 77  SER 77  77  77  SER SER B . n 
B 1 78  PRO 78  78  78  PRO PRO B . n 
B 1 79  GLY 79  79  79  GLY GLY B . n 
B 1 80  LYS 80  80  80  LYS LYS B . n 
B 1 81  TYR 81  81  81  TYR TYR B . n 
B 1 82  VAL 82  82  82  VAL VAL B . n 
B 1 83  VAL 83  83  83  VAL VAL B . n 
B 1 84  VAL 84  84  84  VAL VAL B . n 
B 1 85  ASN 85  85  85  ASN ASN B . n 
B 1 86  ASP 86  86  86  ASP ASP B . n 
B 1 87  ARG 87  87  87  ARG ARG B . n 
B 1 88  THR 88  88  88  THR THR B . n 
B 1 89  GLY 89  89  89  GLY GLY B . n 
B 1 90  GLU 90  90  90  GLU GLU B . n 
B 1 91  VAL 91  91  91  VAL VAL B . n 
B 1 92  THR 92  92  92  THR THR B . n 
B 1 93  GLN 93  93  93  GLN GLN B . n 
B 1 94  ILE 94  94  94  ILE ILE B . n 
B 1 95  SER 95  95  95  SER SER B . n 
B 1 96  ASP 96  96  96  ASP ASP B . n 
B 1 97  LYS 97  97  97  LYS LYS B . n 
B 1 98  THR 98  98  98  THR THR B . n 
B 1 99  ASP 99  99  99  ASP ASP B . n 
B 1 100 PRO 100 100 100 PRO PRO B . n 
B 1 101 GLY 101 101 101 GLY GLY B . n 
B 1 102 TRP 102 102 102 TRP TRP B . n 
B 1 103 VAL 103 103 103 VAL VAL B . n 
B 1 104 ASP 104 104 104 ASP ASP B . n 
B 1 105 ASP 105 105 105 ASP ASP B . n 
B 1 106 SER 106 106 106 SER SER B . n 
B 1 107 ARG 107 107 107 ARG ARG B . n 
B 1 108 ILE 108 108 108 ILE ILE B . n 
B 1 109 GLN 109 109 109 GLN GLN B . n 
B 1 110 TRP 110 110 110 TRP TRP B . n 
B 1 111 GLY 111 111 111 GLY GLY B . n 
B 1 112 ASN 112 112 112 ASN ASN B . n 
B 1 113 LYS 113 113 113 LYS LYS B . n 
B 1 114 ASN 114 114 114 ASN ASN B . n 
B 1 115 ASP 115 115 ?   ?   ?   B . n 
B 1 116 GLN 116 116 ?   ?   ?   B . n 
# 
loop_
_pdbx_nonpoly_scheme.asym_id 
_pdbx_nonpoly_scheme.entity_id 
_pdbx_nonpoly_scheme.mon_id 
_pdbx_nonpoly_scheme.ndb_seq_num 
_pdbx_nonpoly_scheme.pdb_seq_num 
_pdbx_nonpoly_scheme.auth_seq_num 
_pdbx_nonpoly_scheme.pdb_mon_id 
_pdbx_nonpoly_scheme.auth_mon_id 
_pdbx_nonpoly_scheme.pdb_strand_id 
_pdbx_nonpoly_scheme.pdb_ins_code 
C 2 CD  1  117 1   CD  CD  A . 
D 2 CD  1  118 3   CD  CD  A . 
E 2 CD  1  119 4   CD  CD  A . 
F 2 CD  1  117 2   CD  CD  B . 
G 3 HOH 1  120 1   HOH HOH A . 
G 3 HOH 2  121 2   HOH HOH A . 
G 3 HOH 3  122 3   HOH HOH A . 
G 3 HOH 4  123 5   HOH HOH A . 
G 3 HOH 5  124 6   HOH HOH A . 
G 3 HOH 6  125 8   HOH HOH A . 
G 3 HOH 7  126 9   HOH HOH A . 
G 3 HOH 8  127 10  HOH HOH A . 
G 3 HOH 9  128 11  HOH HOH A . 
G 3 HOH 10 129 14  HOH HOH A . 
G 3 HOH 11 130 15  HOH HOH A . 
G 3 HOH 12 131 16  HOH HOH A . 
G 3 HOH 13 132 19  HOH HOH A . 
G 3 HOH 14 133 22  HOH HOH A . 
G 3 HOH 15 134 23  HOH HOH A . 
G 3 HOH 16 135 25  HOH HOH A . 
G 3 HOH 17 136 26  HOH HOH A . 
G 3 HOH 18 137 28  HOH HOH A . 
G 3 HOH 19 138 32  HOH HOH A . 
G 3 HOH 20 139 36  HOH HOH A . 
G 3 HOH 21 140 37  HOH HOH A . 
G 3 HOH 22 141 38  HOH HOH A . 
G 3 HOH 23 142 41  HOH HOH A . 
G 3 HOH 24 143 42  HOH HOH A . 
G 3 HOH 25 144 44  HOH HOH A . 
G 3 HOH 26 145 46  HOH HOH A . 
G 3 HOH 27 146 49  HOH HOH A . 
G 3 HOH 28 147 50  HOH HOH A . 
G 3 HOH 29 148 51  HOH HOH A . 
G 3 HOH 30 149 52  HOH HOH A . 
G 3 HOH 31 150 54  HOH HOH A . 
G 3 HOH 32 151 55  HOH HOH A . 
G 3 HOH 33 152 58  HOH HOH A . 
G 3 HOH 34 153 60  HOH HOH A . 
G 3 HOH 35 154 62  HOH HOH A . 
G 3 HOH 36 155 63  HOH HOH A . 
G 3 HOH 37 156 65  HOH HOH A . 
G 3 HOH 38 157 71  HOH HOH A . 
G 3 HOH 39 158 72  HOH HOH A . 
G 3 HOH 40 159 73  HOH HOH A . 
G 3 HOH 41 160 74  HOH HOH A . 
G 3 HOH 42 161 82  HOH HOH A . 
G 3 HOH 43 162 85  HOH HOH A . 
G 3 HOH 44 163 88  HOH HOH A . 
G 3 HOH 45 164 89  HOH HOH A . 
G 3 HOH 46 165 90  HOH HOH A . 
G 3 HOH 47 166 92  HOH HOH A . 
G 3 HOH 48 167 93  HOH HOH A . 
G 3 HOH 49 168 98  HOH HOH A . 
G 3 HOH 50 169 99  HOH HOH A . 
G 3 HOH 51 170 101 HOH HOH A . 
G 3 HOH 52 171 102 HOH HOH A . 
G 3 HOH 53 172 103 HOH HOH A . 
G 3 HOH 54 173 105 HOH HOH A . 
G 3 HOH 55 174 107 HOH HOH A . 
G 3 HOH 56 175 108 HOH HOH A . 
G 3 HOH 57 176 110 HOH HOH A . 
G 3 HOH 58 177 113 HOH HOH A . 
G 3 HOH 59 178 114 HOH HOH A . 
G 3 HOH 60 179 115 HOH HOH A . 
G 3 HOH 61 180 118 HOH HOH A . 
H 3 HOH 1  118 4   HOH HOH B . 
H 3 HOH 2  119 7   HOH HOH B . 
H 3 HOH 3  120 12  HOH HOH B . 
H 3 HOH 4  121 13  HOH HOH B . 
H 3 HOH 5  122 17  HOH HOH B . 
H 3 HOH 6  123 18  HOH HOH B . 
H 3 HOH 7  124 20  HOH HOH B . 
H 3 HOH 8  125 21  HOH HOH B . 
H 3 HOH 9  126 27  HOH HOH B . 
H 3 HOH 10 127 29  HOH HOH B . 
H 3 HOH 11 128 30  HOH HOH B . 
H 3 HOH 12 129 31  HOH HOH B . 
H 3 HOH 13 130 33  HOH HOH B . 
H 3 HOH 14 131 34  HOH HOH B . 
H 3 HOH 15 132 35  HOH HOH B . 
H 3 HOH 16 133 39  HOH HOH B . 
H 3 HOH 17 134 40  HOH HOH B . 
H 3 HOH 18 135 43  HOH HOH B . 
H 3 HOH 19 136 45  HOH HOH B . 
H 3 HOH 20 137 47  HOH HOH B . 
H 3 HOH 21 138 48  HOH HOH B . 
H 3 HOH 22 139 53  HOH HOH B . 
H 3 HOH 23 140 56  HOH HOH B . 
H 3 HOH 24 141 57  HOH HOH B . 
H 3 HOH 25 142 59  HOH HOH B . 
H 3 HOH 26 143 61  HOH HOH B . 
H 3 HOH 27 144 66  HOH HOH B . 
H 3 HOH 28 145 67  HOH HOH B . 
H 3 HOH 29 146 68  HOH HOH B . 
H 3 HOH 30 147 69  HOH HOH B . 
H 3 HOH 31 148 70  HOH HOH B . 
H 3 HOH 32 149 75  HOH HOH B . 
H 3 HOH 33 150 76  HOH HOH B . 
H 3 HOH 34 151 77  HOH HOH B . 
H 3 HOH 35 152 78  HOH HOH B . 
H 3 HOH 36 153 79  HOH HOH B . 
H 3 HOH 37 154 80  HOH HOH B . 
H 3 HOH 38 155 81  HOH HOH B . 
H 3 HOH 39 156 83  HOH HOH B . 
H 3 HOH 40 157 84  HOH HOH B . 
H 3 HOH 41 158 86  HOH HOH B . 
H 3 HOH 42 159 87  HOH HOH B . 
H 3 HOH 43 160 91  HOH HOH B . 
H 3 HOH 44 161 94  HOH HOH B . 
H 3 HOH 45 162 96  HOH HOH B . 
H 3 HOH 46 163 97  HOH HOH B . 
H 3 HOH 47 164 100 HOH HOH B . 
H 3 HOH 48 165 106 HOH HOH B . 
H 3 HOH 49 166 109 HOH HOH B . 
H 3 HOH 50 167 111 HOH HOH B . 
H 3 HOH 51 168 112 HOH HOH B . 
H 3 HOH 52 169 116 HOH HOH B . 
H 3 HOH 53 170 117 HOH HOH B . 
# 
loop_
_pdbx_struct_assembly.id 
_pdbx_struct_assembly.details 
_pdbx_struct_assembly.method_details 
_pdbx_struct_assembly.oligomeric_details 
_pdbx_struct_assembly.oligomeric_count 
1 author_and_software_defined_assembly PISA monomeric 1 
2 author_and_software_defined_assembly PISA monomeric 1 
# 
loop_
_pdbx_struct_assembly_gen.assembly_id 
_pdbx_struct_assembly_gen.oper_expression 
_pdbx_struct_assembly_gen.asym_id_list 
1 1 A,C,D,E,G 
2 1 B,F,H     
# 
_pdbx_struct_oper_list.id                   1 
_pdbx_struct_oper_list.type                 'identity operation' 
_pdbx_struct_oper_list.name                 1_555 
_pdbx_struct_oper_list.symmetry_operation   x,y,z 
_pdbx_struct_oper_list.matrix[1][1]         1.0000000000 
_pdbx_struct_oper_list.matrix[1][2]         0.0000000000 
_pdbx_struct_oper_list.matrix[1][3]         0.0000000000 
_pdbx_struct_oper_list.vector[1]            0.0000000000 
_pdbx_struct_oper_list.matrix[2][1]         0.0000000000 
_pdbx_struct_oper_list.matrix[2][2]         1.0000000000 
_pdbx_struct_oper_list.matrix[2][3]         0.0000000000 
_pdbx_struct_oper_list.vector[2]            0.0000000000 
_pdbx_struct_oper_list.matrix[3][1]         0.0000000000 
_pdbx_struct_oper_list.matrix[3][2]         0.0000000000 
_pdbx_struct_oper_list.matrix[3][3]         1.0000000000 
_pdbx_struct_oper_list.vector[3]            0.0000000000 
# 
_pdbx_struct_special_symmetry.id              1 
_pdbx_struct_special_symmetry.PDB_model_num   1 
_pdbx_struct_special_symmetry.auth_asym_id    A 
_pdbx_struct_special_symmetry.auth_comp_id    CD 
_pdbx_struct_special_symmetry.auth_seq_id     119 
_pdbx_struct_special_symmetry.PDB_ins_code    ? 
_pdbx_struct_special_symmetry.label_asym_id   E 
_pdbx_struct_special_symmetry.label_comp_id   CD 
_pdbx_struct_special_symmetry.label_seq_id    . 
# 
loop_
_pdbx_struct_conn_angle.id 
_pdbx_struct_conn_angle.ptnr1_label_atom_id 
_pdbx_struct_conn_angle.ptnr1_label_alt_id 
_pdbx_struct_conn_angle.ptnr1_label_asym_id 
_pdbx_struct_conn_angle.ptnr1_label_comp_id 
_pdbx_struct_conn_angle.ptnr1_label_seq_id 
_pdbx_struct_conn_angle.ptnr1_auth_atom_id 
_pdbx_struct_conn_angle.ptnr1_auth_asym_id 
_pdbx_struct_conn_angle.ptnr1_auth_comp_id 
_pdbx_struct_conn_angle.ptnr1_auth_seq_id 
_pdbx_struct_conn_angle.ptnr1_PDB_ins_code 
_pdbx_struct_conn_angle.ptnr1_symmetry 
_pdbx_struct_conn_angle.ptnr2_label_atom_id 
_pdbx_struct_conn_angle.ptnr2_label_alt_id 
_pdbx_struct_conn_angle.ptnr2_label_asym_id 
_pdbx_struct_conn_angle.ptnr2_label_comp_id 
_pdbx_struct_conn_angle.ptnr2_label_seq_id 
_pdbx_struct_conn_angle.ptnr2_auth_atom_id 
_pdbx_struct_conn_angle.ptnr2_auth_asym_id 
_pdbx_struct_conn_angle.ptnr2_auth_comp_id 
_pdbx_struct_conn_angle.ptnr2_auth_seq_id 
_pdbx_struct_conn_angle.ptnr2_PDB_ins_code 
_pdbx_struct_conn_angle.ptnr2_symmetry 
_pdbx_struct_conn_angle.ptnr3_label_atom_id 
_pdbx_struct_conn_angle.ptnr3_label_alt_id 
_pdbx_struct_conn_angle.ptnr3_label_asym_id 
_pdbx_struct_conn_angle.ptnr3_label_comp_id 
_pdbx_struct_conn_angle.ptnr3_label_seq_id 
_pdbx_struct_conn_angle.ptnr3_auth_atom_id 
_pdbx_struct_conn_angle.ptnr3_auth_asym_id 
_pdbx_struct_conn_angle.ptnr3_auth_comp_id 
_pdbx_struct_conn_angle.ptnr3_auth_seq_id 
_pdbx_struct_conn_angle.ptnr3_PDB_ins_code 
_pdbx_struct_conn_angle.ptnr3_symmetry 
_pdbx_struct_conn_angle.value 
_pdbx_struct_conn_angle.value_esd 
1  OE2 ? A GLU 32 ? A GLU 32  ? 1_555 CD ? C CD . ? A CD 117 ? 1_555 OE1 ? A GLU 32 ? A GLU 32  ? 1_555 56.4  ? 
2  OE2 ? A GLU 32 ? A GLU 32  ? 1_555 CD ? C CD . ? A CD 117 ? 1_555 O   ? G HOH .  ? A HOH 180 ? 1_555 78.4  ? 
3  OE1 ? A GLU 32 ? A GLU 32  ? 1_555 CD ? C CD . ? A CD 117 ? 1_555 O   ? G HOH .  ? A HOH 180 ? 1_555 95.1  ? 
4  OE2 ? A GLU 32 ? A GLU 32  ? 1_555 CD ? C CD . ? A CD 117 ? 1_555 O   ? B GLU 32 ? B GLU 32  ? 1_555 108.8 ? 
5  OE1 ? A GLU 32 ? A GLU 32  ? 1_555 CD ? C CD . ? A CD 117 ? 1_555 O   ? B GLU 32 ? B GLU 32  ? 1_555 94.3  ? 
6  O   ? G HOH .  ? A HOH 180 ? 1_555 CD ? C CD . ? A CD 117 ? 1_555 O   ? B GLU 32 ? B GLU 32  ? 1_555 170.3 ? 
7  OE2 ? A GLU 32 ? A GLU 32  ? 1_555 CD ? C CD . ? A CD 117 ? 1_555 O   ? H HOH .  ? B HOH 122 ? 1_555 138.1 ? 
8  OE1 ? A GLU 32 ? A GLU 32  ? 1_555 CD ? C CD . ? A CD 117 ? 1_555 O   ? H HOH .  ? B HOH 122 ? 1_555 84.0  ? 
9  O   ? G HOH .  ? A HOH 180 ? 1_555 CD ? C CD . ? A CD 117 ? 1_555 O   ? H HOH .  ? B HOH 122 ? 1_555 93.7  ? 
10 O   ? B GLU 32 ? B GLU 32  ? 1_555 CD ? C CD . ? A CD 117 ? 1_555 O   ? H HOH .  ? B HOH 122 ? 1_555 85.1  ? 
11 OE2 ? A GLU 32 ? A GLU 32  ? 1_555 CD ? C CD . ? A CD 117 ? 1_555 O   ? H HOH .  ? B HOH 143 ? 1_555 123.8 ? 
12 OE1 ? A GLU 32 ? A GLU 32  ? 1_555 CD ? C CD . ? A CD 117 ? 1_555 O   ? H HOH .  ? B HOH 143 ? 1_555 175.5 ? 
13 O   ? G HOH .  ? A HOH 180 ? 1_555 CD ? C CD . ? A CD 117 ? 1_555 O   ? H HOH .  ? B HOH 143 ? 1_555 89.3  ? 
14 O   ? B GLU 32 ? B GLU 32  ? 1_555 CD ? C CD . ? A CD 117 ? 1_555 O   ? H HOH .  ? B HOH 143 ? 1_555 81.3  ? 
15 O   ? H HOH .  ? B HOH 122 ? 1_555 CD ? C CD . ? A CD 117 ? 1_555 O   ? H HOH .  ? B HOH 143 ? 1_555 96.7  ? 
16 O   ? A GLU 32 ? A GLU 32  ? 1_555 CD ? F CD . ? B CD 117 ? 1_555 O   ? G HOH .  ? A HOH 174 ? 1_555 89.8  ? 
17 O   ? A GLU 32 ? A GLU 32  ? 1_555 CD ? F CD . ? B CD 117 ? 1_555 OE2 ? B GLU 32 ? B GLU 32  ? 1_555 98.1  ? 
18 O   ? G HOH .  ? A HOH 174 ? 1_555 CD ? F CD . ? B CD 117 ? 1_555 OE2 ? B GLU 32 ? B GLU 32  ? 1_555 126.6 ? 
19 O   ? A GLU 32 ? A GLU 32  ? 1_555 CD ? F CD . ? B CD 117 ? 1_555 OE1 ? B GLU 32 ? B GLU 32  ? 1_555 100.7 ? 
20 O   ? G HOH .  ? A HOH 174 ? 1_555 CD ? F CD . ? B CD 117 ? 1_555 OE1 ? B GLU 32 ? B GLU 32  ? 1_555 70.8  ? 
21 OE2 ? B GLU 32 ? B GLU 32  ? 1_555 CD ? F CD . ? B CD 117 ? 1_555 OE1 ? B GLU 32 ? B GLU 32  ? 1_555 55.8  ? 
22 O   ? G HOH .  ? A HOH 173 ? 1_555 CD ? D CD . ? A CD 118 ? 1_555 O   ? G HOH .  ? A HOH 174 ? 1_555 85.6  ? 
23 O   ? G HOH .  ? A HOH 173 ? 1_555 CD ? D CD . ? A CD 118 ? 1_555 O   ? H HOH .  ? B HOH 170 ? 1_555 107.0 ? 
24 O   ? G HOH .  ? A HOH 174 ? 1_555 CD ? D CD . ? A CD 118 ? 1_555 O   ? H HOH .  ? B HOH 170 ? 1_555 92.4  ? 
# 
loop_
_pdbx_audit_revision_history.ordinal 
_pdbx_audit_revision_history.data_content_type 
_pdbx_audit_revision_history.major_revision 
_pdbx_audit_revision_history.minor_revision 
_pdbx_audit_revision_history.revision_date 
1 'Structure model' 1 0 2011-09-28 
2 'Structure model' 1 1 2013-02-06 
3 'Structure model' 1 2 2019-01-23 
4 'Structure model' 1 3 2023-11-01 
# 
_pdbx_audit_revision_details.ordinal             1 
_pdbx_audit_revision_details.revision_ordinal    1 
_pdbx_audit_revision_details.data_content_type   'Structure model' 
_pdbx_audit_revision_details.provider            repository 
_pdbx_audit_revision_details.type                'Initial release' 
_pdbx_audit_revision_details.description         ? 
_pdbx_audit_revision_details.details             ? 
# 
loop_
_pdbx_audit_revision_group.ordinal 
_pdbx_audit_revision_group.revision_ordinal 
_pdbx_audit_revision_group.data_content_type 
_pdbx_audit_revision_group.group 
1 2 'Structure model' 'Database references'    
2 3 'Structure model' 'Data collection'        
3 3 'Structure model' 'Structure summary'      
4 4 'Structure model' 'Data collection'        
5 4 'Structure model' 'Database references'    
6 4 'Structure model' 'Derived calculations'   
7 4 'Structure model' 'Refinement description' 
# 
loop_
_pdbx_audit_revision_category.ordinal 
_pdbx_audit_revision_category.revision_ordinal 
_pdbx_audit_revision_category.data_content_type 
_pdbx_audit_revision_category.category 
1 3 'Structure model' struct                        
2 4 'Structure model' chem_comp_atom                
3 4 'Structure model' chem_comp_bond                
4 4 'Structure model' database_2                    
5 4 'Structure model' pdbx_initial_refinement_model 
6 4 'Structure model' pdbx_struct_conn_angle        
7 4 'Structure model' struct_conn                   
8 4 'Structure model' struct_ref_seq_dif            
9 4 'Structure model' struct_site                   
# 
loop_
_pdbx_audit_revision_item.ordinal 
_pdbx_audit_revision_item.revision_ordinal 
_pdbx_audit_revision_item.data_content_type 
_pdbx_audit_revision_item.item 
1  3 'Structure model' '_struct.title'                               
2  4 'Structure model' '_database_2.pdbx_DOI'                        
3  4 'Structure model' '_database_2.pdbx_database_accession'         
4  4 'Structure model' '_pdbx_struct_conn_angle.ptnr1_auth_asym_id'  
5  4 'Structure model' '_pdbx_struct_conn_angle.ptnr1_auth_comp_id'  
6  4 'Structure model' '_pdbx_struct_conn_angle.ptnr1_auth_seq_id'   
7  4 'Structure model' '_pdbx_struct_conn_angle.ptnr1_label_asym_id' 
8  4 'Structure model' '_pdbx_struct_conn_angle.ptnr1_label_atom_id' 
9  4 'Structure model' '_pdbx_struct_conn_angle.ptnr1_label_comp_id' 
10 4 'Structure model' '_pdbx_struct_conn_angle.ptnr1_label_seq_id'  
11 4 'Structure model' '_pdbx_struct_conn_angle.ptnr2_auth_asym_id'  
12 4 'Structure model' '_pdbx_struct_conn_angle.ptnr2_label_asym_id' 
13 4 'Structure model' '_pdbx_struct_conn_angle.ptnr3_auth_asym_id'  
14 4 'Structure model' '_pdbx_struct_conn_angle.ptnr3_auth_comp_id'  
15 4 'Structure model' '_pdbx_struct_conn_angle.ptnr3_auth_seq_id'   
16 4 'Structure model' '_pdbx_struct_conn_angle.ptnr3_label_asym_id' 
17 4 'Structure model' '_pdbx_struct_conn_angle.ptnr3_label_atom_id' 
18 4 'Structure model' '_pdbx_struct_conn_angle.ptnr3_label_comp_id' 
19 4 'Structure model' '_pdbx_struct_conn_angle.ptnr3_label_seq_id'  
20 4 'Structure model' '_pdbx_struct_conn_angle.value'               
21 4 'Structure model' '_struct_conn.pdbx_dist_value'                
22 4 'Structure model' '_struct_conn.ptnr1_auth_asym_id'             
23 4 'Structure model' '_struct_conn.ptnr1_auth_comp_id'             
24 4 'Structure model' '_struct_conn.ptnr1_auth_seq_id'              
25 4 'Structure model' '_struct_conn.ptnr1_label_asym_id'            
26 4 'Structure model' '_struct_conn.ptnr1_label_atom_id'            
27 4 'Structure model' '_struct_conn.ptnr1_label_comp_id'            
28 4 'Structure model' '_struct_conn.ptnr1_label_seq_id'             
29 4 'Structure model' '_struct_conn.ptnr2_auth_asym_id'             
30 4 'Structure model' '_struct_conn.ptnr2_auth_comp_id'             
31 4 'Structure model' '_struct_conn.ptnr2_auth_seq_id'              
32 4 'Structure model' '_struct_conn.ptnr2_label_asym_id'            
33 4 'Structure model' '_struct_conn.ptnr2_label_atom_id'            
34 4 'Structure model' '_struct_conn.ptnr2_label_comp_id'            
35 4 'Structure model' '_struct_conn.ptnr2_label_seq_id'             
36 4 'Structure model' '_struct_ref_seq_dif.details'                 
37 4 'Structure model' '_struct_site.pdbx_auth_asym_id'              
38 4 'Structure model' '_struct_site.pdbx_auth_comp_id'              
39 4 'Structure model' '_struct_site.pdbx_auth_seq_id'               
# 
loop_
_software.name 
_software.classification 
_software.version 
_software.citation_id 
_software.pdbx_ordinal 
ADSC     'data collection' Quantum  ? 1 
MOLREP   phasing           .        ? 2 
REFMAC   refinement        5.5.0109 ? 3 
HKL-2000 'data reduction'  .        ? 4 
HKL-2000 'data scaling'    .        ? 5 
# 
loop_
_pdbx_validate_close_contact.id 
_pdbx_validate_close_contact.PDB_model_num 
_pdbx_validate_close_contact.auth_atom_id_1 
_pdbx_validate_close_contact.auth_asym_id_1 
_pdbx_validate_close_contact.auth_comp_id_1 
_pdbx_validate_close_contact.auth_seq_id_1 
_pdbx_validate_close_contact.PDB_ins_code_1 
_pdbx_validate_close_contact.label_alt_id_1 
_pdbx_validate_close_contact.auth_atom_id_2 
_pdbx_validate_close_contact.auth_asym_id_2 
_pdbx_validate_close_contact.auth_comp_id_2 
_pdbx_validate_close_contact.auth_seq_id_2 
_pdbx_validate_close_contact.PDB_ins_code_2 
_pdbx_validate_close_contact.label_alt_id_2 
_pdbx_validate_close_contact.dist 
1 1 O   A HOH 120 ? ? O A HOH 164 ? ? 1.31 
2 1 OD2 A ASP 23  ? ? O A HOH 133 ? ? 1.83 
3 1 NE2 A GLN 93  ? ? O A HOH 136 ? ? 2.11 
4 1 OD2 B ASP 23  ? ? O B HOH 144 ? ? 2.13 
5 1 OE2 B GLU 90  ? ? O B HOH 132 ? ? 2.14 
6 1 C   A GLY 19  ? ? O A HOH 132 ? ? 2.15 
7 1 OE2 A GLU 90  ? ? O A HOH 122 ? ? 2.19 
# 
loop_
_pdbx_validate_torsion.id 
_pdbx_validate_torsion.PDB_model_num 
_pdbx_validate_torsion.auth_comp_id 
_pdbx_validate_torsion.auth_asym_id 
_pdbx_validate_torsion.auth_seq_id 
_pdbx_validate_torsion.PDB_ins_code 
_pdbx_validate_torsion.label_alt_id 
_pdbx_validate_torsion.phi 
_pdbx_validate_torsion.psi 
1 1 SER A 52  ? ? -150.04 -156.41 
2 1 SER B 52  ? ? -162.86 -164.46 
3 1 LYS B 113 ? ? -27.94  138.03  
# 
loop_
_pdbx_unobs_or_zero_occ_residues.id 
_pdbx_unobs_or_zero_occ_residues.PDB_model_num 
_pdbx_unobs_or_zero_occ_residues.polymer_flag 
_pdbx_unobs_or_zero_occ_residues.occupancy_flag 
_pdbx_unobs_or_zero_occ_residues.auth_asym_id 
_pdbx_unobs_or_zero_occ_residues.auth_comp_id 
_pdbx_unobs_or_zero_occ_residues.auth_seq_id 
_pdbx_unobs_or_zero_occ_residues.PDB_ins_code 
_pdbx_unobs_or_zero_occ_residues.label_asym_id 
_pdbx_unobs_or_zero_occ_residues.label_comp_id 
_pdbx_unobs_or_zero_occ_residues.label_seq_id 
1  1 Y 1 A MET 1   ? A MET 1   
2  1 Y 1 A ALA 2   ? A ALA 2   
3  1 Y 1 A GLU 3   ? A GLU 3   
4  1 Y 1 A GLY 4   ? A GLY 4   
5  1 Y 1 A LYS 5   ? A LYS 5   
6  1 Y 1 A LEU 6   ? A LEU 6   
7  1 Y 1 A ASN 7   ? A ASN 7   
8  1 Y 1 A ASP 8   ? A ASP 8   
9  1 Y 1 A GLU 9   ? A GLU 9   
10 1 Y 1 A LEU 10  ? A LEU 10  
11 1 Y 1 A ALA 11  ? A ALA 11  
12 1 Y 1 A LYS 12  ? A LYS 12  
13 1 Y 1 A ASN 13  ? A ASN 13  
14 1 Y 1 A LYS 14  ? A LYS 14  
15 1 Y 1 A GLY 15  ? A GLY 15  
16 1 Y 1 A LYS 16  ? A LYS 16  
17 1 Y 1 A ASN 114 ? A ASN 114 
18 1 Y 1 A ASP 115 ? A ASP 115 
19 1 Y 1 A GLN 116 ? A GLN 116 
20 1 Y 1 B MET 1   ? B MET 1   
21 1 Y 1 B ALA 2   ? B ALA 2   
22 1 Y 1 B GLU 3   ? B GLU 3   
23 1 Y 1 B GLY 4   ? B GLY 4   
24 1 Y 1 B LYS 5   ? B LYS 5   
25 1 Y 1 B LEU 6   ? B LEU 6   
26 1 Y 1 B ASN 7   ? B ASN 7   
27 1 Y 1 B ASP 8   ? B ASP 8   
28 1 Y 1 B GLU 9   ? B GLU 9   
29 1 Y 1 B LEU 10  ? B LEU 10  
30 1 Y 1 B ALA 11  ? B ALA 11  
31 1 Y 1 B LYS 12  ? B LYS 12  
32 1 Y 1 B ASN 13  ? B ASN 13  
33 1 Y 1 B LYS 14  ? B LYS 14  
34 1 Y 1 B GLY 15  ? B GLY 15  
35 1 Y 1 B LYS 16  ? B LYS 16  
36 1 Y 1 B ILE 17  ? B ILE 17  
37 1 Y 1 B PRO 18  ? B PRO 18  
38 1 Y 1 B PRO 58  ? B PRO 58  
39 1 Y 1 B LYS 59  ? B LYS 59  
40 1 Y 1 B LYS 60  ? B LYS 60  
41 1 Y 1 B THR 61  ? B THR 61  
42 1 Y 1 B PRO 62  ? B PRO 62  
43 1 Y 1 B PRO 63  ? B PRO 63  
44 1 Y 1 B ASP 64  ? B ASP 64  
45 1 Y 1 B TYR 65  ? B TYR 65  
46 1 Y 1 B LEU 66  ? B LEU 66  
47 1 Y 1 B GLY 67  ? B GLY 67  
48 1 Y 1 B ASP 115 ? B ASP 115 
49 1 Y 1 B GLN 116 ? B GLN 116 
# 
loop_
_chem_comp_atom.comp_id 
_chem_comp_atom.atom_id 
_chem_comp_atom.type_symbol 
_chem_comp_atom.pdbx_aromatic_flag 
_chem_comp_atom.pdbx_stereo_config 
_chem_comp_atom.pdbx_ordinal 
ALA N    N  N N 1   
ALA CA   C  N S 2   
ALA C    C  N N 3   
ALA O    O  N N 4   
ALA CB   C  N N 5   
ALA OXT  O  N N 6   
ALA H    H  N N 7   
ALA H2   H  N N 8   
ALA HA   H  N N 9   
ALA HB1  H  N N 10  
ALA HB2  H  N N 11  
ALA HB3  H  N N 12  
ALA HXT  H  N N 13  
ARG N    N  N N 14  
ARG CA   C  N S 15  
ARG C    C  N N 16  
ARG O    O  N N 17  
ARG CB   C  N N 18  
ARG CG   C  N N 19  
ARG CD   C  N N 20  
ARG NE   N  N N 21  
ARG CZ   C  N N 22  
ARG NH1  N  N N 23  
ARG NH2  N  N N 24  
ARG OXT  O  N N 25  
ARG H    H  N N 26  
ARG H2   H  N N 27  
ARG HA   H  N N 28  
ARG HB2  H  N N 29  
ARG HB3  H  N N 30  
ARG HG2  H  N N 31  
ARG HG3  H  N N 32  
ARG HD2  H  N N 33  
ARG HD3  H  N N 34  
ARG HE   H  N N 35  
ARG HH11 H  N N 36  
ARG HH12 H  N N 37  
ARG HH21 H  N N 38  
ARG HH22 H  N N 39  
ARG HXT  H  N N 40  
ASN N    N  N N 41  
ASN CA   C  N S 42  
ASN C    C  N N 43  
ASN O    O  N N 44  
ASN CB   C  N N 45  
ASN CG   C  N N 46  
ASN OD1  O  N N 47  
ASN ND2  N  N N 48  
ASN OXT  O  N N 49  
ASN H    H  N N 50  
ASN H2   H  N N 51  
ASN HA   H  N N 52  
ASN HB2  H  N N 53  
ASN HB3  H  N N 54  
ASN HD21 H  N N 55  
ASN HD22 H  N N 56  
ASN HXT  H  N N 57  
ASP N    N  N N 58  
ASP CA   C  N S 59  
ASP C    C  N N 60  
ASP O    O  N N 61  
ASP CB   C  N N 62  
ASP CG   C  N N 63  
ASP OD1  O  N N 64  
ASP OD2  O  N N 65  
ASP OXT  O  N N 66  
ASP H    H  N N 67  
ASP H2   H  N N 68  
ASP HA   H  N N 69  
ASP HB2  H  N N 70  
ASP HB3  H  N N 71  
ASP HD2  H  N N 72  
ASP HXT  H  N N 73  
CD  CD   CD N N 74  
GLN N    N  N N 75  
GLN CA   C  N S 76  
GLN C    C  N N 77  
GLN O    O  N N 78  
GLN CB   C  N N 79  
GLN CG   C  N N 80  
GLN CD   C  N N 81  
GLN OE1  O  N N 82  
GLN NE2  N  N N 83  
GLN OXT  O  N N 84  
GLN H    H  N N 85  
GLN H2   H  N N 86  
GLN HA   H  N N 87  
GLN HB2  H  N N 88  
GLN HB3  H  N N 89  
GLN HG2  H  N N 90  
GLN HG3  H  N N 91  
GLN HE21 H  N N 92  
GLN HE22 H  N N 93  
GLN HXT  H  N N 94  
GLU N    N  N N 95  
GLU CA   C  N S 96  
GLU C    C  N N 97  
GLU O    O  N N 98  
GLU CB   C  N N 99  
GLU CG   C  N N 100 
GLU CD   C  N N 101 
GLU OE1  O  N N 102 
GLU OE2  O  N N 103 
GLU OXT  O  N N 104 
GLU H    H  N N 105 
GLU H2   H  N N 106 
GLU HA   H  N N 107 
GLU HB2  H  N N 108 
GLU HB3  H  N N 109 
GLU HG2  H  N N 110 
GLU HG3  H  N N 111 
GLU HE2  H  N N 112 
GLU HXT  H  N N 113 
GLY N    N  N N 114 
GLY CA   C  N N 115 
GLY C    C  N N 116 
GLY O    O  N N 117 
GLY OXT  O  N N 118 
GLY H    H  N N 119 
GLY H2   H  N N 120 
GLY HA2  H  N N 121 
GLY HA3  H  N N 122 
GLY HXT  H  N N 123 
HOH O    O  N N 124 
HOH H1   H  N N 125 
HOH H2   H  N N 126 
ILE N    N  N N 127 
ILE CA   C  N S 128 
ILE C    C  N N 129 
ILE O    O  N N 130 
ILE CB   C  N S 131 
ILE CG1  C  N N 132 
ILE CG2  C  N N 133 
ILE CD1  C  N N 134 
ILE OXT  O  N N 135 
ILE H    H  N N 136 
ILE H2   H  N N 137 
ILE HA   H  N N 138 
ILE HB   H  N N 139 
ILE HG12 H  N N 140 
ILE HG13 H  N N 141 
ILE HG21 H  N N 142 
ILE HG22 H  N N 143 
ILE HG23 H  N N 144 
ILE HD11 H  N N 145 
ILE HD12 H  N N 146 
ILE HD13 H  N N 147 
ILE HXT  H  N N 148 
LEU N    N  N N 149 
LEU CA   C  N S 150 
LEU C    C  N N 151 
LEU O    O  N N 152 
LEU CB   C  N N 153 
LEU CG   C  N N 154 
LEU CD1  C  N N 155 
LEU CD2  C  N N 156 
LEU OXT  O  N N 157 
LEU H    H  N N 158 
LEU H2   H  N N 159 
LEU HA   H  N N 160 
LEU HB2  H  N N 161 
LEU HB3  H  N N 162 
LEU HG   H  N N 163 
LEU HD11 H  N N 164 
LEU HD12 H  N N 165 
LEU HD13 H  N N 166 
LEU HD21 H  N N 167 
LEU HD22 H  N N 168 
LEU HD23 H  N N 169 
LEU HXT  H  N N 170 
LYS N    N  N N 171 
LYS CA   C  N S 172 
LYS C    C  N N 173 
LYS O    O  N N 174 
LYS CB   C  N N 175 
LYS CG   C  N N 176 
LYS CD   C  N N 177 
LYS CE   C  N N 178 
LYS NZ   N  N N 179 
LYS OXT  O  N N 180 
LYS H    H  N N 181 
LYS H2   H  N N 182 
LYS HA   H  N N 183 
LYS HB2  H  N N 184 
LYS HB3  H  N N 185 
LYS HG2  H  N N 186 
LYS HG3  H  N N 187 
LYS HD2  H  N N 188 
LYS HD3  H  N N 189 
LYS HE2  H  N N 190 
LYS HE3  H  N N 191 
LYS HZ1  H  N N 192 
LYS HZ2  H  N N 193 
LYS HZ3  H  N N 194 
LYS HXT  H  N N 195 
MET N    N  N N 196 
MET CA   C  N S 197 
MET C    C  N N 198 
MET O    O  N N 199 
MET CB   C  N N 200 
MET CG   C  N N 201 
MET SD   S  N N 202 
MET CE   C  N N 203 
MET OXT  O  N N 204 
MET H    H  N N 205 
MET H2   H  N N 206 
MET HA   H  N N 207 
MET HB2  H  N N 208 
MET HB3  H  N N 209 
MET HG2  H  N N 210 
MET HG3  H  N N 211 
MET HE1  H  N N 212 
MET HE2  H  N N 213 
MET HE3  H  N N 214 
MET HXT  H  N N 215 
PHE N    N  N N 216 
PHE CA   C  N S 217 
PHE C    C  N N 218 
PHE O    O  N N 219 
PHE CB   C  N N 220 
PHE CG   C  Y N 221 
PHE CD1  C  Y N 222 
PHE CD2  C  Y N 223 
PHE CE1  C  Y N 224 
PHE CE2  C  Y N 225 
PHE CZ   C  Y N 226 
PHE OXT  O  N N 227 
PHE H    H  N N 228 
PHE H2   H  N N 229 
PHE HA   H  N N 230 
PHE HB2  H  N N 231 
PHE HB3  H  N N 232 
PHE HD1  H  N N 233 
PHE HD2  H  N N 234 
PHE HE1  H  N N 235 
PHE HE2  H  N N 236 
PHE HZ   H  N N 237 
PHE HXT  H  N N 238 
PRO N    N  N N 239 
PRO CA   C  N S 240 
PRO C    C  N N 241 
PRO O    O  N N 242 
PRO CB   C  N N 243 
PRO CG   C  N N 244 
PRO CD   C  N N 245 
PRO OXT  O  N N 246 
PRO H    H  N N 247 
PRO HA   H  N N 248 
PRO HB2  H  N N 249 
PRO HB3  H  N N 250 
PRO HG2  H  N N 251 
PRO HG3  H  N N 252 
PRO HD2  H  N N 253 
PRO HD3  H  N N 254 
PRO HXT  H  N N 255 
SER N    N  N N 256 
SER CA   C  N S 257 
SER C    C  N N 258 
SER O    O  N N 259 
SER CB   C  N N 260 
SER OG   O  N N 261 
SER OXT  O  N N 262 
SER H    H  N N 263 
SER H2   H  N N 264 
SER HA   H  N N 265 
SER HB2  H  N N 266 
SER HB3  H  N N 267 
SER HG   H  N N 268 
SER HXT  H  N N 269 
THR N    N  N N 270 
THR CA   C  N S 271 
THR C    C  N N 272 
THR O    O  N N 273 
THR CB   C  N R 274 
THR OG1  O  N N 275 
THR CG2  C  N N 276 
THR OXT  O  N N 277 
THR H    H  N N 278 
THR H2   H  N N 279 
THR HA   H  N N 280 
THR HB   H  N N 281 
THR HG1  H  N N 282 
THR HG21 H  N N 283 
THR HG22 H  N N 284 
THR HG23 H  N N 285 
THR HXT  H  N N 286 
TRP N    N  N N 287 
TRP CA   C  N S 288 
TRP C    C  N N 289 
TRP O    O  N N 290 
TRP CB   C  N N 291 
TRP CG   C  Y N 292 
TRP CD1  C  Y N 293 
TRP CD2  C  Y N 294 
TRP NE1  N  Y N 295 
TRP CE2  C  Y N 296 
TRP CE3  C  Y N 297 
TRP CZ2  C  Y N 298 
TRP CZ3  C  Y N 299 
TRP CH2  C  Y N 300 
TRP OXT  O  N N 301 
TRP H    H  N N 302 
TRP H2   H  N N 303 
TRP HA   H  N N 304 
TRP HB2  H  N N 305 
TRP HB3  H  N N 306 
TRP HD1  H  N N 307 
TRP HE1  H  N N 308 
TRP HE3  H  N N 309 
TRP HZ2  H  N N 310 
TRP HZ3  H  N N 311 
TRP HH2  H  N N 312 
TRP HXT  H  N N 313 
TYR N    N  N N 314 
TYR CA   C  N S 315 
TYR C    C  N N 316 
TYR O    O  N N 317 
TYR CB   C  N N 318 
TYR CG   C  Y N 319 
TYR CD1  C  Y N 320 
TYR CD2  C  Y N 321 
TYR CE1  C  Y N 322 
TYR CE2  C  Y N 323 
TYR CZ   C  Y N 324 
TYR OH   O  N N 325 
TYR OXT  O  N N 326 
TYR H    H  N N 327 
TYR H2   H  N N 328 
TYR HA   H  N N 329 
TYR HB2  H  N N 330 
TYR HB3  H  N N 331 
TYR HD1  H  N N 332 
TYR HD2  H  N N 333 
TYR HE1  H  N N 334 
TYR HE2  H  N N 335 
TYR HH   H  N N 336 
TYR HXT  H  N N 337 
VAL N    N  N N 338 
VAL CA   C  N S 339 
VAL C    C  N N 340 
VAL O    O  N N 341 
VAL CB   C  N N 342 
VAL CG1  C  N N 343 
VAL CG2  C  N N 344 
VAL OXT  O  N N 345 
VAL H    H  N N 346 
VAL H2   H  N N 347 
VAL HA   H  N N 348 
VAL HB   H  N N 349 
VAL HG11 H  N N 350 
VAL HG12 H  N N 351 
VAL HG13 H  N N 352 
VAL HG21 H  N N 353 
VAL HG22 H  N N 354 
VAL HG23 H  N N 355 
VAL HXT  H  N N 356 
# 
loop_
_chem_comp_bond.comp_id 
_chem_comp_bond.atom_id_1 
_chem_comp_bond.atom_id_2 
_chem_comp_bond.value_order 
_chem_comp_bond.pdbx_aromatic_flag 
_chem_comp_bond.pdbx_stereo_config 
_chem_comp_bond.pdbx_ordinal 
ALA N   CA   sing N N 1   
ALA N   H    sing N N 2   
ALA N   H2   sing N N 3   
ALA CA  C    sing N N 4   
ALA CA  CB   sing N N 5   
ALA CA  HA   sing N N 6   
ALA C   O    doub N N 7   
ALA C   OXT  sing N N 8   
ALA CB  HB1  sing N N 9   
ALA CB  HB2  sing N N 10  
ALA CB  HB3  sing N N 11  
ALA OXT HXT  sing N N 12  
ARG N   CA   sing N N 13  
ARG N   H    sing N N 14  
ARG N   H2   sing N N 15  
ARG CA  C    sing N N 16  
ARG CA  CB   sing N N 17  
ARG CA  HA   sing N N 18  
ARG C   O    doub N N 19  
ARG C   OXT  sing N N 20  
ARG CB  CG   sing N N 21  
ARG CB  HB2  sing N N 22  
ARG CB  HB3  sing N N 23  
ARG CG  CD   sing N N 24  
ARG CG  HG2  sing N N 25  
ARG CG  HG3  sing N N 26  
ARG CD  NE   sing N N 27  
ARG CD  HD2  sing N N 28  
ARG CD  HD3  sing N N 29  
ARG NE  CZ   sing N N 30  
ARG NE  HE   sing N N 31  
ARG CZ  NH1  sing N N 32  
ARG CZ  NH2  doub N N 33  
ARG NH1 HH11 sing N N 34  
ARG NH1 HH12 sing N N 35  
ARG NH2 HH21 sing N N 36  
ARG NH2 HH22 sing N N 37  
ARG OXT HXT  sing N N 38  
ASN N   CA   sing N N 39  
ASN N   H    sing N N 40  
ASN N   H2   sing N N 41  
ASN CA  C    sing N N 42  
ASN CA  CB   sing N N 43  
ASN CA  HA   sing N N 44  
ASN C   O    doub N N 45  
ASN C   OXT  sing N N 46  
ASN CB  CG   sing N N 47  
ASN CB  HB2  sing N N 48  
ASN CB  HB3  sing N N 49  
ASN CG  OD1  doub N N 50  
ASN CG  ND2  sing N N 51  
ASN ND2 HD21 sing N N 52  
ASN ND2 HD22 sing N N 53  
ASN OXT HXT  sing N N 54  
ASP N   CA   sing N N 55  
ASP N   H    sing N N 56  
ASP N   H2   sing N N 57  
ASP CA  C    sing N N 58  
ASP CA  CB   sing N N 59  
ASP CA  HA   sing N N 60  
ASP C   O    doub N N 61  
ASP C   OXT  sing N N 62  
ASP CB  CG   sing N N 63  
ASP CB  HB2  sing N N 64  
ASP CB  HB3  sing N N 65  
ASP CG  OD1  doub N N 66  
ASP CG  OD2  sing N N 67  
ASP OD2 HD2  sing N N 68  
ASP OXT HXT  sing N N 69  
GLN N   CA   sing N N 70  
GLN N   H    sing N N 71  
GLN N   H2   sing N N 72  
GLN CA  C    sing N N 73  
GLN CA  CB   sing N N 74  
GLN CA  HA   sing N N 75  
GLN C   O    doub N N 76  
GLN C   OXT  sing N N 77  
GLN CB  CG   sing N N 78  
GLN CB  HB2  sing N N 79  
GLN CB  HB3  sing N N 80  
GLN CG  CD   sing N N 81  
GLN CG  HG2  sing N N 82  
GLN CG  HG3  sing N N 83  
GLN CD  OE1  doub N N 84  
GLN CD  NE2  sing N N 85  
GLN NE2 HE21 sing N N 86  
GLN NE2 HE22 sing N N 87  
GLN OXT HXT  sing N N 88  
GLU N   CA   sing N N 89  
GLU N   H    sing N N 90  
GLU N   H2   sing N N 91  
GLU CA  C    sing N N 92  
GLU CA  CB   sing N N 93  
GLU CA  HA   sing N N 94  
GLU C   O    doub N N 95  
GLU C   OXT  sing N N 96  
GLU CB  CG   sing N N 97  
GLU CB  HB2  sing N N 98  
GLU CB  HB3  sing N N 99  
GLU CG  CD   sing N N 100 
GLU CG  HG2  sing N N 101 
GLU CG  HG3  sing N N 102 
GLU CD  OE1  doub N N 103 
GLU CD  OE2  sing N N 104 
GLU OE2 HE2  sing N N 105 
GLU OXT HXT  sing N N 106 
GLY N   CA   sing N N 107 
GLY N   H    sing N N 108 
GLY N   H2   sing N N 109 
GLY CA  C    sing N N 110 
GLY CA  HA2  sing N N 111 
GLY CA  HA3  sing N N 112 
GLY C   O    doub N N 113 
GLY C   OXT  sing N N 114 
GLY OXT HXT  sing N N 115 
HOH O   H1   sing N N 116 
HOH O   H2   sing N N 117 
ILE N   CA   sing N N 118 
ILE N   H    sing N N 119 
ILE N   H2   sing N N 120 
ILE CA  C    sing N N 121 
ILE CA  CB   sing N N 122 
ILE CA  HA   sing N N 123 
ILE C   O    doub N N 124 
ILE C   OXT  sing N N 125 
ILE CB  CG1  sing N N 126 
ILE CB  CG2  sing N N 127 
ILE CB  HB   sing N N 128 
ILE CG1 CD1  sing N N 129 
ILE CG1 HG12 sing N N 130 
ILE CG1 HG13 sing N N 131 
ILE CG2 HG21 sing N N 132 
ILE CG2 HG22 sing N N 133 
ILE CG2 HG23 sing N N 134 
ILE CD1 HD11 sing N N 135 
ILE CD1 HD12 sing N N 136 
ILE CD1 HD13 sing N N 137 
ILE OXT HXT  sing N N 138 
LEU N   CA   sing N N 139 
LEU N   H    sing N N 140 
LEU N   H2   sing N N 141 
LEU CA  C    sing N N 142 
LEU CA  CB   sing N N 143 
LEU CA  HA   sing N N 144 
LEU C   O    doub N N 145 
LEU C   OXT  sing N N 146 
LEU CB  CG   sing N N 147 
LEU CB  HB2  sing N N 148 
LEU CB  HB3  sing N N 149 
LEU CG  CD1  sing N N 150 
LEU CG  CD2  sing N N 151 
LEU CG  HG   sing N N 152 
LEU CD1 HD11 sing N N 153 
LEU CD1 HD12 sing N N 154 
LEU CD1 HD13 sing N N 155 
LEU CD2 HD21 sing N N 156 
LEU CD2 HD22 sing N N 157 
LEU CD2 HD23 sing N N 158 
LEU OXT HXT  sing N N 159 
LYS N   CA   sing N N 160 
LYS N   H    sing N N 161 
LYS N   H2   sing N N 162 
LYS CA  C    sing N N 163 
LYS CA  CB   sing N N 164 
LYS CA  HA   sing N N 165 
LYS C   O    doub N N 166 
LYS C   OXT  sing N N 167 
LYS CB  CG   sing N N 168 
LYS CB  HB2  sing N N 169 
LYS CB  HB3  sing N N 170 
LYS CG  CD   sing N N 171 
LYS CG  HG2  sing N N 172 
LYS CG  HG3  sing N N 173 
LYS CD  CE   sing N N 174 
LYS CD  HD2  sing N N 175 
LYS CD  HD3  sing N N 176 
LYS CE  NZ   sing N N 177 
LYS CE  HE2  sing N N 178 
LYS CE  HE3  sing N N 179 
LYS NZ  HZ1  sing N N 180 
LYS NZ  HZ2  sing N N 181 
LYS NZ  HZ3  sing N N 182 
LYS OXT HXT  sing N N 183 
MET N   CA   sing N N 184 
MET N   H    sing N N 185 
MET N   H2   sing N N 186 
MET CA  C    sing N N 187 
MET CA  CB   sing N N 188 
MET CA  HA   sing N N 189 
MET C   O    doub N N 190 
MET C   OXT  sing N N 191 
MET CB  CG   sing N N 192 
MET CB  HB2  sing N N 193 
MET CB  HB3  sing N N 194 
MET CG  SD   sing N N 195 
MET CG  HG2  sing N N 196 
MET CG  HG3  sing N N 197 
MET SD  CE   sing N N 198 
MET CE  HE1  sing N N 199 
MET CE  HE2  sing N N 200 
MET CE  HE3  sing N N 201 
MET OXT HXT  sing N N 202 
PHE N   CA   sing N N 203 
PHE N   H    sing N N 204 
PHE N   H2   sing N N 205 
PHE CA  C    sing N N 206 
PHE CA  CB   sing N N 207 
PHE CA  HA   sing N N 208 
PHE C   O    doub N N 209 
PHE C   OXT  sing N N 210 
PHE CB  CG   sing N N 211 
PHE CB  HB2  sing N N 212 
PHE CB  HB3  sing N N 213 
PHE CG  CD1  doub Y N 214 
PHE CG  CD2  sing Y N 215 
PHE CD1 CE1  sing Y N 216 
PHE CD1 HD1  sing N N 217 
PHE CD2 CE2  doub Y N 218 
PHE CD2 HD2  sing N N 219 
PHE CE1 CZ   doub Y N 220 
PHE CE1 HE1  sing N N 221 
PHE CE2 CZ   sing Y N 222 
PHE CE2 HE2  sing N N 223 
PHE CZ  HZ   sing N N 224 
PHE OXT HXT  sing N N 225 
PRO N   CA   sing N N 226 
PRO N   CD   sing N N 227 
PRO N   H    sing N N 228 
PRO CA  C    sing N N 229 
PRO CA  CB   sing N N 230 
PRO CA  HA   sing N N 231 
PRO C   O    doub N N 232 
PRO C   OXT  sing N N 233 
PRO CB  CG   sing N N 234 
PRO CB  HB2  sing N N 235 
PRO CB  HB3  sing N N 236 
PRO CG  CD   sing N N 237 
PRO CG  HG2  sing N N 238 
PRO CG  HG3  sing N N 239 
PRO CD  HD2  sing N N 240 
PRO CD  HD3  sing N N 241 
PRO OXT HXT  sing N N 242 
SER N   CA   sing N N 243 
SER N   H    sing N N 244 
SER N   H2   sing N N 245 
SER CA  C    sing N N 246 
SER CA  CB   sing N N 247 
SER CA  HA   sing N N 248 
SER C   O    doub N N 249 
SER C   OXT  sing N N 250 
SER CB  OG   sing N N 251 
SER CB  HB2  sing N N 252 
SER CB  HB3  sing N N 253 
SER OG  HG   sing N N 254 
SER OXT HXT  sing N N 255 
THR N   CA   sing N N 256 
THR N   H    sing N N 257 
THR N   H2   sing N N 258 
THR CA  C    sing N N 259 
THR CA  CB   sing N N 260 
THR CA  HA   sing N N 261 
THR C   O    doub N N 262 
THR C   OXT  sing N N 263 
THR CB  OG1  sing N N 264 
THR CB  CG2  sing N N 265 
THR CB  HB   sing N N 266 
THR OG1 HG1  sing N N 267 
THR CG2 HG21 sing N N 268 
THR CG2 HG22 sing N N 269 
THR CG2 HG23 sing N N 270 
THR OXT HXT  sing N N 271 
TRP N   CA   sing N N 272 
TRP N   H    sing N N 273 
TRP N   H2   sing N N 274 
TRP CA  C    sing N N 275 
TRP CA  CB   sing N N 276 
TRP CA  HA   sing N N 277 
TRP C   O    doub N N 278 
TRP C   OXT  sing N N 279 
TRP CB  CG   sing N N 280 
TRP CB  HB2  sing N N 281 
TRP CB  HB3  sing N N 282 
TRP CG  CD1  doub Y N 283 
TRP CG  CD2  sing Y N 284 
TRP CD1 NE1  sing Y N 285 
TRP CD1 HD1  sing N N 286 
TRP CD2 CE2  doub Y N 287 
TRP CD2 CE3  sing Y N 288 
TRP NE1 CE2  sing Y N 289 
TRP NE1 HE1  sing N N 290 
TRP CE2 CZ2  sing Y N 291 
TRP CE3 CZ3  doub Y N 292 
TRP CE3 HE3  sing N N 293 
TRP CZ2 CH2  doub Y N 294 
TRP CZ2 HZ2  sing N N 295 
TRP CZ3 CH2  sing Y N 296 
TRP CZ3 HZ3  sing N N 297 
TRP CH2 HH2  sing N N 298 
TRP OXT HXT  sing N N 299 
TYR N   CA   sing N N 300 
TYR N   H    sing N N 301 
TYR N   H2   sing N N 302 
TYR CA  C    sing N N 303 
TYR CA  CB   sing N N 304 
TYR CA  HA   sing N N 305 
TYR C   O    doub N N 306 
TYR C   OXT  sing N N 307 
TYR CB  CG   sing N N 308 
TYR CB  HB2  sing N N 309 
TYR CB  HB3  sing N N 310 
TYR CG  CD1  doub Y N 311 
TYR CG  CD2  sing Y N 312 
TYR CD1 CE1  sing Y N 313 
TYR CD1 HD1  sing N N 314 
TYR CD2 CE2  doub Y N 315 
TYR CD2 HD2  sing N N 316 
TYR CE1 CZ   doub Y N 317 
TYR CE1 HE1  sing N N 318 
TYR CE2 CZ   sing Y N 319 
TYR CE2 HE2  sing N N 320 
TYR CZ  OH   sing N N 321 
TYR OH  HH   sing N N 322 
TYR OXT HXT  sing N N 323 
VAL N   CA   sing N N 324 
VAL N   H    sing N N 325 
VAL N   H2   sing N N 326 
VAL CA  C    sing N N 327 
VAL CA  CB   sing N N 328 
VAL CA  HA   sing N N 329 
VAL C   O    doub N N 330 
VAL C   OXT  sing N N 331 
VAL CB  CG1  sing N N 332 
VAL CB  CG2  sing N N 333 
VAL CB  HB   sing N N 334 
VAL CG1 HG11 sing N N 335 
VAL CG1 HG12 sing N N 336 
VAL CG1 HG13 sing N N 337 
VAL CG2 HG21 sing N N 338 
VAL CG2 HG22 sing N N 339 
VAL CG2 HG23 sing N N 340 
VAL OXT HXT  sing N N 341 
# 
loop_
_pdbx_entity_nonpoly.entity_id 
_pdbx_entity_nonpoly.name 
_pdbx_entity_nonpoly.comp_id 
2 'CADMIUM ION' CD  
3 water         HOH 
# 
_pdbx_initial_refinement_model.id               1 
_pdbx_initial_refinement_model.entity_id_list   ? 
_pdbx_initial_refinement_model.type             'experimental model' 
_pdbx_initial_refinement_model.source_name      PDB 
_pdbx_initial_refinement_model.accession_code   2DJH 
_pdbx_initial_refinement_model.details          ? 
# 
